data_3QX3
#
_entry.id   3QX3
#
_cell.length_a   80.149
_cell.length_b   176.801
_cell.length_c   94.067
_cell.angle_alpha   90.00
_cell.angle_beta   111.58
_cell.angle_gamma   90.00
#
_symmetry.space_group_name_H-M   'P 1 21 1'
#
loop_
_entity.id
_entity.type
_entity.pdbx_description
1 polymer 'DNA topoisomerase 2-beta'
2 polymer "DNA (5'-D(P*AP*GP*CP*CP*GP*AP*GP*C)-3')"
3 polymer "DNA (5'-D(P*TP*GP*CP*AP*GP*CP*TP*CP*GP*GP*CP*T)-3')"
4 non-polymer "(5S,5aR,8aR,9R)-9-(4-hydroxy-3,5-dimethoxyphenyl)-8-oxo-5,5a,6,8,8a,9-hexahydrofuro[3',4':6,7]naphtho[2,3-d][1,3]dioxol -5-yl 4,6-O-[(1R)-ethylidene]-beta-D-glucopyranoside"
5 non-polymer 'MAGNESIUM ION'
6 water water
#
loop_
_entity_poly.entity_id
_entity_poly.type
_entity_poly.pdbx_seq_one_letter_code
_entity_poly.pdbx_strand_id
1 'polypeptide(L)'
;MASWSHPQFEKGADDDDKVPDPTSVDSVKYSKIKGIPKLDDANDAGGKHSLECTLILTEGDSAKSLAVSGLGVIGRDRYG
VFPLRGKILNVREASHKQIMENAEINNIIKIVGLQYKKSYDDAESLKTLRYGKIMIMTDQDQDGSHIKGLLINFIHHNWP
SLLKHGFLEEFITPIVKASKNKQELSFYSIPEFDEWKKHIENQKAWKIKYYKGLGTSTAKEAKEYFADMERHRILFRYAG
PEDDAAITLAFSKKKIDDRKEWLTNFMEDRRQRRLHGLPEQFLYGTATKHLTYNDFINKELILFSNSDNERSIPSLVDGF
KPGQRKVLFTCFKRNDKREVKVAQLAGSVAEMSAYHHGEQALMMTIVNLAQNFVGSNNINLLQPIGQFGTRLHGGKDAAS
PRYIFTMLSTLARLLFPAVDDNLLKFLYDDNQRVEPEWYIPIIPMVLINGAEGIGTGWACKLPNYDAREIVNNVRRMLDG
LDPHPMLPNYKNFKGTIQELGQNQYAVSGEIFVVDRNTVEITELPVRTWTQVYKEQVLEPMLNGTDKTPALISDYKEYHT
DTTVKFVVKMTEEKLAQAEAAGLHKVFKLQTTLTCNSMVLFDHMGCLKKYETVQDILKEFFDLRLSYYGLRKEWLVGMLG
AESTKLNNQARFILEKIQGKITIENRSKKDLIQMLVQRGYESDPVKAWKEAQEKAAEEDETQNQHDDSSSDSGTPSGPDF
NYILNMSLWSLTKEKVEELIKQRDAKGREVNDLKRKSPSDLWKEDLAAFVEELDKVESQEREDGAPGFSSISAHHHHHHH
HHH
;
A,B
2 'polydeoxyribonucleotide' (DA)(DG)(DC)(DC)(DG)(DA)(DG)(DC) C,E
3 'polydeoxyribonucleotide' (DT)(DG)(DC)(DA)(DG)(DC)(DT)(DC)(DG)(DG)(DC)(DT) D,F
#
# COMPACT_ATOMS: atom_id res chain seq x y z
N LYS A 34 31.98 11.09 15.37
CA LYS A 34 31.40 12.03 16.32
C LYS A 34 30.69 13.19 15.61
N GLY A 35 29.36 13.23 15.74
CA GLY A 35 28.56 14.23 15.06
C GLY A 35 27.85 13.64 13.85
N ILE A 36 27.80 12.31 13.79
CA ILE A 36 27.20 11.58 12.69
C ILE A 36 26.06 10.71 13.20
N PRO A 37 24.82 11.17 12.96
CA PRO A 37 23.61 10.66 13.60
C PRO A 37 23.40 9.14 13.54
N LYS A 38 23.62 8.52 12.39
CA LYS A 38 23.28 7.12 12.20
C LYS A 38 24.35 6.15 12.66
N LEU A 39 25.49 6.68 13.11
CA LEU A 39 26.62 5.87 13.54
C LEU A 39 26.51 5.40 15.00
N ASP A 40 26.71 4.10 15.22
CA ASP A 40 26.88 3.56 16.56
C ASP A 40 28.35 3.18 16.75
N ASP A 41 29.18 4.17 17.06
CA ASP A 41 30.64 4.01 17.14
C ASP A 41 31.05 2.94 18.16
N ALA A 42 32.12 2.23 17.85
CA ALA A 42 32.68 1.24 18.76
C ALA A 42 33.34 2.00 19.90
N ASN A 43 33.05 1.62 21.14
CA ASN A 43 33.63 2.32 22.29
C ASN A 43 35.13 2.58 22.13
N ASP A 44 35.86 1.53 21.73
CA ASP A 44 37.33 1.59 21.62
C ASP A 44 37.82 2.22 20.31
N ALA A 45 36.90 2.66 19.47
CA ALA A 45 37.25 3.28 18.20
C ALA A 45 38.00 4.60 18.39
N GLY A 46 39.23 4.67 17.86
CA GLY A 46 40.04 5.87 17.97
C GLY A 46 41.10 5.81 19.05
N GLY A 47 40.99 4.81 19.93
CA GLY A 47 41.94 4.62 21.00
C GLY A 47 43.15 3.78 20.60
N LYS A 48 43.75 3.11 21.58
CA LYS A 48 44.93 2.29 21.34
C LYS A 48 44.56 0.92 20.78
N HIS A 49 43.28 0.59 20.83
CA HIS A 49 42.79 -0.68 20.31
C HIS A 49 42.03 -0.52 18.99
N SER A 50 42.29 0.59 18.30
CA SER A 50 41.63 0.91 17.05
C SER A 50 41.72 -0.22 16.02
N LEU A 51 42.93 -0.64 15.71
CA LEU A 51 43.14 -1.68 14.71
C LEU A 51 42.49 -3.02 15.05
N GLU A 52 42.00 -3.16 16.29
CA GLU A 52 41.29 -4.37 16.69
C GLU A 52 39.79 -4.16 16.61
N CYS A 53 39.38 -2.97 16.20
CA CYS A 53 37.96 -2.68 16.04
C CYS A 53 37.45 -2.94 14.61
N THR A 54 36.19 -3.34 14.51
CA THR A 54 35.55 -3.63 13.24
C THR A 54 34.35 -2.72 13.03
N LEU A 55 34.33 -2.00 11.90
CA LEU A 55 33.14 -1.25 11.51
C LEU A 55 32.26 -2.11 10.60
N ILE A 56 31.03 -2.35 11.05
CA ILE A 56 30.04 -3.09 10.27
C ILE A 56 29.20 -2.12 9.44
N LEU A 57 29.38 -2.16 8.12
CA LEU A 57 28.54 -1.38 7.21
C LEU A 57 27.37 -2.24 6.74
N THR A 58 26.14 -1.79 6.99
CA THR A 58 24.98 -2.61 6.68
C THR A 58 24.21 -2.11 5.47
N GLU A 59 23.40 -2.98 4.90
CA GLU A 59 22.49 -2.57 3.83
C GLU A 59 21.22 -1.96 4.42
N GLY A 60 21.24 -0.65 4.65
CA GLY A 60 20.07 0.07 5.15
C GLY A 60 19.93 0.06 6.67
N ASP A 61 19.02 0.90 7.17
CA ASP A 61 18.89 1.18 8.61
C ASP A 61 18.31 -0.01 9.37
N SER A 62 17.40 -0.71 8.73
CA SER A 62 16.80 -1.89 9.33
C SER A 62 17.86 -2.94 9.66
N ALA A 63 18.75 -3.20 8.70
CA ALA A 63 19.84 -4.17 8.89
C ALA A 63 20.76 -3.75 10.03
N LYS A 64 20.96 -2.44 10.17
CA LYS A 64 21.78 -1.88 11.22
C LYS A 64 21.24 -2.31 12.59
N SER A 65 19.92 -2.39 12.70
CA SER A 65 19.26 -2.74 13.96
C SER A 65 19.41 -4.22 14.29
N LEU A 66 19.25 -5.09 13.29
CA LEU A 66 19.54 -6.51 13.48
C LEU A 66 20.98 -6.69 13.96
N ALA A 67 21.87 -5.78 13.55
CA ALA A 67 23.27 -5.88 13.90
C ALA A 67 23.50 -5.34 15.31
N VAL A 68 22.93 -4.16 15.59
CA VAL A 68 23.08 -3.54 16.90
C VAL A 68 22.59 -4.46 18.02
N SER A 69 21.47 -5.14 17.79
CA SER A 69 20.92 -6.03 18.78
C SER A 69 21.62 -7.40 18.79
N GLY A 70 22.39 -7.67 17.74
CA GLY A 70 23.16 -8.91 17.66
C GLY A 70 24.46 -8.84 18.44
N LEU A 71 25.07 -7.66 18.48
CA LEU A 71 26.34 -7.47 19.15
C LEU A 71 26.17 -7.52 20.66
N GLY A 72 24.92 -7.50 21.10
CA GLY A 72 24.63 -7.45 22.52
C GLY A 72 25.34 -6.26 23.13
N VAL A 73 25.56 -6.34 24.44
CA VAL A 73 26.23 -5.29 25.19
C VAL A 73 27.74 -5.36 24.99
N ILE A 74 28.28 -6.57 25.07
CA ILE A 74 29.72 -6.80 24.96
C ILE A 74 30.27 -6.36 23.59
N GLY A 75 29.45 -6.50 22.55
CA GLY A 75 29.88 -6.20 21.20
C GLY A 75 30.17 -4.74 20.94
N ARG A 76 29.54 -3.85 21.71
CA ARG A 76 29.69 -2.42 21.49
C ARG A 76 31.14 -1.95 21.66
N ASP A 77 31.94 -2.77 22.33
CA ASP A 77 33.33 -2.41 22.58
C ASP A 77 34.19 -2.45 21.31
N ARG A 78 34.14 -3.56 20.59
CA ARG A 78 35.02 -3.76 19.43
C ARG A 78 34.33 -3.65 18.05
N TYR A 79 33.02 -3.42 18.03
CA TYR A 79 32.28 -3.32 16.78
C TYR A 79 31.46 -2.03 16.66
N GLY A 80 31.70 -1.28 15.59
CA GLY A 80 30.83 -0.18 15.23
C GLY A 80 29.79 -0.65 14.22
N VAL A 81 28.70 0.10 14.07
CA VAL A 81 27.69 -0.19 13.07
C VAL A 81 27.23 1.09 12.38
N PHE A 82 27.24 1.07 11.04
CA PHE A 82 26.79 2.21 10.25
C PHE A 82 26.02 1.73 9.01
N PRO A 83 24.91 2.40 8.68
CA PRO A 83 24.07 1.88 7.59
C PRO A 83 24.31 2.60 6.28
N LEU A 84 24.48 1.81 5.22
CA LEU A 84 24.50 2.35 3.86
C LEU A 84 23.06 2.51 3.34
N ARG A 85 22.82 3.54 2.54
CA ARG A 85 21.49 3.80 1.98
CA ARG A 85 21.48 3.78 2.00
C ARG A 85 21.30 3.15 0.60
N GLY A 86 21.84 1.95 0.42
CA GLY A 86 21.74 1.25 -0.86
C GLY A 86 23.02 1.32 -1.68
N LYS A 87 22.87 1.50 -2.99
CA LYS A 87 24.01 1.51 -3.90
C LYS A 87 24.94 2.70 -3.59
N ILE A 88 26.22 2.41 -3.44
CA ILE A 88 27.26 3.40 -3.16
C ILE A 88 27.79 3.97 -4.47
N LEU A 89 28.23 5.23 -4.44
CA LEU A 89 28.86 5.85 -5.59
C LEU A 89 29.99 4.97 -6.16
N ASN A 90 29.99 4.77 -7.47
CA ASN A 90 31.14 4.17 -8.12
C ASN A 90 32.17 5.26 -8.34
N VAL A 91 33.20 5.30 -7.48
CA VAL A 91 34.18 6.39 -7.49
C VAL A 91 35.29 6.27 -8.52
N ARG A 92 35.43 5.09 -9.13
CA ARG A 92 36.58 4.81 -9.98
C ARG A 92 36.83 5.85 -11.08
N GLU A 93 35.76 6.33 -11.73
CA GLU A 93 35.89 7.40 -12.72
C GLU A 93 34.83 8.51 -12.55
N ALA A 94 34.31 8.67 -11.33
CA ALA A 94 33.38 9.76 -11.05
C ALA A 94 34.13 11.08 -10.99
N SER A 95 33.43 12.19 -11.17
CA SER A 95 34.10 13.50 -11.14
C SER A 95 34.49 13.86 -9.72
N HIS A 96 35.43 14.78 -9.58
CA HIS A 96 35.91 15.18 -8.26
C HIS A 96 34.80 15.83 -7.44
N LYS A 97 33.89 16.53 -8.13
CA LYS A 97 32.77 17.17 -7.43
C LYS A 97 31.79 16.15 -6.86
N GLN A 98 31.44 15.14 -7.65
CA GLN A 98 30.50 14.12 -7.18
C GLN A 98 31.10 13.39 -5.98
N ILE A 99 32.39 13.10 -6.05
CA ILE A 99 33.06 12.40 -4.96
C ILE A 99 33.12 13.26 -3.70
N MET A 100 33.56 14.50 -3.86
CA MET A 100 33.68 15.41 -2.72
C MET A 100 32.35 15.68 -2.03
N GLU A 101 31.27 15.68 -2.81
CA GLU A 101 29.96 16.03 -2.28
C GLU A 101 29.16 14.81 -1.83
N ASN A 102 29.71 13.62 -2.05
CA ASN A 102 29.00 12.40 -1.64
C ASN A 102 28.96 12.21 -0.13
N ALA A 103 27.79 12.45 0.45
CA ALA A 103 27.64 12.46 1.90
C ALA A 103 28.00 11.11 2.55
N GLU A 104 27.61 10.00 1.94
CA GLU A 104 27.83 8.72 2.60
C GLU A 104 29.30 8.26 2.52
N ILE A 105 29.94 8.52 1.39
CA ILE A 105 31.35 8.23 1.26
C ILE A 105 32.16 9.04 2.29
N ASN A 106 31.82 10.31 2.44
CA ASN A 106 32.49 11.17 3.43
C ASN A 106 32.28 10.69 4.85
N ASN A 107 31.07 10.24 5.16
CA ASN A 107 30.80 9.72 6.49
C ASN A 107 31.64 8.49 6.78
N ILE A 108 31.79 7.61 5.80
CA ILE A 108 32.60 6.42 5.99
C ILE A 108 34.05 6.80 6.23
N ILE A 109 34.53 7.77 5.46
CA ILE A 109 35.89 8.24 5.55
C ILE A 109 36.17 8.82 6.94
N LYS A 110 35.28 9.69 7.40
CA LYS A 110 35.39 10.26 8.74
C LYS A 110 35.33 9.19 9.83
N ILE A 111 34.43 8.22 9.67
CA ILE A 111 34.24 7.18 10.68
C ILE A 111 35.47 6.27 10.83
N VAL A 112 36.00 5.84 9.69
CA VAL A 112 37.12 4.91 9.71
C VAL A 112 38.42 5.66 9.95
N GLY A 113 38.43 6.94 9.60
CA GLY A 113 39.60 7.76 9.76
C GLY A 113 40.56 7.65 8.60
N LEU A 114 40.04 7.31 7.41
CA LEU A 114 40.85 7.24 6.21
C LEU A 114 41.19 8.65 5.72
N GLN A 115 42.19 8.74 4.85
CA GLN A 115 42.63 10.01 4.30
C GLN A 115 43.06 9.79 2.86
N TYR A 116 42.53 10.58 1.94
CA TYR A 116 42.86 10.42 0.53
C TYR A 116 44.36 10.51 0.24
N LYS A 117 44.80 9.69 -0.71
CA LYS A 117 46.19 9.70 -1.19
C LYS A 117 47.22 9.08 -0.24
N LYS A 118 46.90 9.03 1.05
CA LYS A 118 47.77 8.37 2.01
C LYS A 118 47.93 6.88 1.69
N SER A 119 49.17 6.42 1.67
CA SER A 119 49.43 4.99 1.52
C SER A 119 49.38 4.34 2.90
N TYR A 120 48.93 3.09 2.95
CA TYR A 120 48.96 2.34 4.19
C TYR A 120 49.81 1.09 4.00
N ASP A 121 51.10 1.31 3.79
CA ASP A 121 52.05 0.24 3.57
C ASP A 121 52.62 -0.28 4.89
N ASP A 122 53.22 0.61 5.66
CA ASP A 122 53.92 0.22 6.87
C ASP A 122 52.98 0.11 8.06
N ALA A 123 53.55 -0.08 9.25
CA ALA A 123 52.77 -0.23 10.47
C ALA A 123 52.45 1.12 11.10
N GLU A 124 53.32 2.10 10.88
CA GLU A 124 53.12 3.43 11.44
C GLU A 124 51.90 4.12 10.82
N SER A 125 51.71 3.90 9.52
CA SER A 125 50.61 4.50 8.77
C SER A 125 49.25 4.02 9.25
N LEU A 126 49.15 2.71 9.53
CA LEU A 126 47.90 2.13 10.02
C LEU A 126 47.46 2.72 11.35
N LYS A 127 48.30 3.58 11.93
CA LYS A 127 48.04 4.09 13.28
C LYS A 127 47.01 5.22 13.31
N THR A 128 46.74 5.83 12.16
CA THR A 128 45.77 6.91 12.10
C THR A 128 44.32 6.43 11.84
N LEU A 129 44.12 5.12 11.87
CA LEU A 129 42.80 4.55 11.62
C LEU A 129 42.03 4.35 12.91
N ARG A 130 40.75 4.73 12.92
CA ARG A 130 39.90 4.51 14.08
C ARG A 130 39.36 3.08 14.12
N TYR A 131 39.41 2.39 12.97
CA TYR A 131 38.98 1.01 12.85
C TYR A 131 39.99 0.24 12.03
N GLY A 132 40.16 -1.05 12.31
CA GLY A 132 41.15 -1.84 11.61
C GLY A 132 40.57 -2.69 10.47
N LYS A 133 39.26 -2.91 10.53
CA LYS A 133 38.56 -3.75 9.57
C LYS A 133 37.18 -3.17 9.26
N ILE A 134 36.74 -3.34 8.02
CA ILE A 134 35.36 -3.06 7.66
C ILE A 134 34.68 -4.38 7.34
N MET A 135 33.58 -4.66 8.02
CA MET A 135 32.82 -5.86 7.76
C MET A 135 31.49 -5.46 7.08
N ILE A 136 31.30 -5.88 5.84
CA ILE A 136 30.07 -5.53 5.14
CA ILE A 136 30.09 -5.56 5.08
C ILE A 136 29.00 -6.58 5.39
N MET A 137 27.82 -6.09 5.73
CA MET A 137 26.71 -6.97 6.01
C MET A 137 25.51 -6.57 5.14
N THR A 138 25.27 -7.33 4.09
CA THR A 138 24.17 -7.03 3.17
C THR A 138 23.19 -8.17 3.13
N ASP A 139 22.09 -7.97 2.41
CA ASP A 139 21.25 -9.10 2.04
C ASP A 139 22.08 -10.14 1.33
N GLN A 140 21.72 -11.40 1.56
CA GLN A 140 22.30 -12.54 0.87
C GLN A 140 21.72 -12.69 -0.53
N ASP A 141 21.62 -11.58 -1.27
CA ASP A 141 21.06 -11.64 -2.61
C ASP A 141 21.93 -10.87 -3.58
N GLN A 142 21.47 -10.76 -4.82
CA GLN A 142 22.32 -10.24 -5.89
C GLN A 142 22.63 -8.75 -5.74
N ASP A 143 21.64 -7.96 -5.31
CA ASP A 143 21.88 -6.54 -5.15
C ASP A 143 22.78 -6.30 -3.95
N GLY A 144 22.73 -7.21 -2.98
CA GLY A 144 23.66 -7.18 -1.87
C GLY A 144 25.07 -7.40 -2.35
N SER A 145 25.26 -8.32 -3.30
CA SER A 145 26.59 -8.57 -3.88
C SER A 145 27.11 -7.34 -4.59
N HIS A 146 26.21 -6.59 -5.20
CA HIS A 146 26.59 -5.39 -5.93
C HIS A 146 27.14 -4.33 -4.99
N ILE A 147 26.48 -4.15 -3.85
CA ILE A 147 26.97 -3.23 -2.83
C ILE A 147 28.34 -3.66 -2.24
N LYS A 148 28.52 -4.93 -1.90
CA LYS A 148 29.85 -5.43 -1.50
C LYS A 148 30.87 -5.02 -2.56
N GLY A 149 30.52 -5.28 -3.82
CA GLY A 149 31.38 -4.94 -4.95
C GLY A 149 31.74 -3.48 -5.01
N LEU A 150 30.75 -2.60 -4.83
CA LEU A 150 30.98 -1.16 -4.88
C LEU A 150 31.83 -0.67 -3.70
N LEU A 151 31.64 -1.27 -2.53
CA LEU A 151 32.50 -0.97 -1.38
C LEU A 151 33.94 -1.42 -1.67
N ILE A 152 34.12 -2.66 -2.10
CA ILE A 152 35.44 -3.15 -2.51
C ILE A 152 36.09 -2.19 -3.51
N ASN A 153 35.34 -1.83 -4.55
CA ASN A 153 35.79 -0.88 -5.56
C ASN A 153 36.29 0.43 -4.95
N PHE A 154 35.51 0.96 -4.02
CA PHE A 154 35.86 2.19 -3.31
C PHE A 154 37.24 2.12 -2.62
N ILE A 155 37.47 1.07 -1.85
CA ILE A 155 38.73 0.87 -1.13
C ILE A 155 39.88 0.55 -2.09
N HIS A 156 39.64 -0.35 -3.03
CA HIS A 156 40.66 -0.74 -4.00
C HIS A 156 41.18 0.45 -4.82
N HIS A 157 40.30 1.41 -5.08
CA HIS A 157 40.64 2.56 -5.91
C HIS A 157 41.44 3.63 -5.15
N ASN A 158 41.06 3.88 -3.91
CA ASN A 158 41.70 4.93 -3.13
C ASN A 158 42.85 4.42 -2.28
N TRP A 159 42.76 3.17 -1.84
CA TRP A 159 43.74 2.64 -0.89
C TRP A 159 44.01 1.17 -1.11
N PRO A 160 44.54 0.83 -2.28
CA PRO A 160 44.78 -0.58 -2.61
C PRO A 160 45.76 -1.20 -1.63
N SER A 161 46.59 -0.37 -0.99
CA SER A 161 47.55 -0.85 -0.01
C SER A 161 46.83 -1.51 1.18
N LEU A 162 45.66 -0.99 1.53
CA LEU A 162 44.86 -1.54 2.62
C LEU A 162 44.37 -2.97 2.40
N LEU A 163 44.23 -3.37 1.14
CA LEU A 163 43.64 -4.67 0.81
C LEU A 163 44.62 -5.82 0.99
N LYS A 164 45.90 -5.51 0.84
CA LYS A 164 46.92 -6.54 0.98
C LYS A 164 47.16 -6.84 2.46
N HIS A 165 46.50 -6.08 3.33
CA HIS A 165 46.54 -6.33 4.75
C HIS A 165 45.37 -7.21 5.17
N GLY A 166 44.28 -7.17 4.41
CA GLY A 166 43.07 -7.86 4.79
C GLY A 166 42.16 -6.93 5.58
N PHE A 167 41.91 -5.76 5.00
CA PHE A 167 41.04 -4.76 5.58
C PHE A 167 39.55 -5.19 5.51
N LEU A 168 39.16 -5.80 4.40
CA LEU A 168 37.74 -6.06 4.13
C LEU A 168 37.26 -7.47 4.43
N GLU A 169 36.09 -7.56 5.04
CA GLU A 169 35.45 -8.86 5.23
C GLU A 169 33.94 -8.72 5.14
N GLU A 170 33.24 -9.85 5.26
CA GLU A 170 31.81 -9.85 5.11
C GLU A 170 31.18 -10.76 6.13
N PHE A 171 29.96 -10.43 6.50
CA PHE A 171 29.18 -11.25 7.37
C PHE A 171 27.99 -11.80 6.58
N ILE A 172 27.95 -13.13 6.43
CA ILE A 172 26.93 -13.82 5.66
C ILE A 172 25.73 -14.18 6.54
N THR A 173 24.54 -14.16 5.96
CA THR A 173 23.32 -14.53 6.70
C THR A 173 22.48 -15.56 5.96
N LYS A 220 16.72 -10.95 17.71
CA LYS A 220 16.59 -12.26 18.36
C LYS A 220 17.41 -13.30 17.62
N GLU A 221 17.01 -13.58 16.39
CA GLU A 221 17.73 -14.50 15.52
C GLU A 221 19.10 -13.90 15.22
N ALA A 222 19.21 -12.59 15.42
CA ALA A 222 20.46 -11.88 15.17
C ALA A 222 21.53 -12.27 16.19
N LYS A 223 21.16 -12.25 17.46
CA LYS A 223 22.07 -12.66 18.54
C LYS A 223 22.66 -14.03 18.28
N GLU A 224 21.88 -14.89 17.63
CA GLU A 224 22.32 -16.24 17.27
C GLU A 224 23.40 -16.26 16.18
N TYR A 225 23.32 -15.35 15.22
CA TYR A 225 24.34 -15.25 14.19
C TYR A 225 25.64 -14.73 14.77
N PHE A 226 25.53 -13.77 15.69
CA PHE A 226 26.70 -13.08 16.23
C PHE A 226 27.42 -13.83 17.34
N ALA A 227 26.79 -14.86 17.90
CA ALA A 227 27.47 -15.74 18.85
C ALA A 227 28.23 -16.82 18.08
N ASP A 228 27.79 -17.05 16.84
CA ASP A 228 28.43 -17.98 15.92
C ASP A 228 29.17 -17.17 14.87
N MET A 229 29.75 -16.05 15.31
CA MET A 229 30.35 -15.06 14.44
C MET A 229 31.30 -15.66 13.42
N GLU A 230 32.07 -16.65 13.84
CA GLU A 230 33.17 -17.10 13.01
C GLU A 230 32.72 -17.96 11.84
N ARG A 231 31.58 -18.62 11.99
CA ARG A 231 31.01 -19.40 10.90
C ARG A 231 30.34 -18.51 9.85
N HIS A 232 30.08 -17.26 10.20
CA HIS A 232 29.43 -16.32 9.29
C HIS A 232 30.42 -15.31 8.70
N ARG A 233 31.65 -15.32 9.22
CA ARG A 233 32.64 -14.33 8.84
C ARG A 233 33.54 -14.83 7.71
N ILE A 234 33.50 -14.14 6.58
CA ILE A 234 34.34 -14.50 5.44
C ILE A 234 35.28 -13.35 5.17
N LEU A 235 36.56 -13.65 5.00
N LEU A 235 36.56 -13.66 5.02
CA LEU A 235 37.55 -12.59 4.80
CA LEU A 235 37.57 -12.63 4.78
C LEU A 235 38.03 -12.50 3.36
C LEU A 235 37.86 -12.51 3.29
N PHE A 236 37.98 -11.28 2.79
CA PHE A 236 38.40 -11.09 1.43
C PHE A 236 39.93 -11.15 1.43
N ARG A 237 40.48 -11.68 0.34
CA ARG A 237 41.90 -11.90 0.22
C ARG A 237 42.42 -11.32 -1.07
N TYR A 238 43.39 -10.41 -0.98
CA TYR A 238 44.07 -9.96 -2.19
C TYR A 238 45.20 -10.95 -2.49
N ALA A 239 45.23 -11.48 -3.71
CA ALA A 239 46.16 -12.57 -4.01
C ALA A 239 46.96 -12.40 -5.30
N GLY A 240 47.00 -11.18 -5.84
CA GLY A 240 47.73 -10.96 -7.09
C GLY A 240 46.99 -10.06 -8.07
N PRO A 241 47.66 -9.71 -9.18
CA PRO A 241 47.13 -8.80 -10.21
C PRO A 241 45.78 -9.23 -10.80
N GLU A 242 45.48 -10.52 -10.76
CA GLU A 242 44.19 -10.99 -11.26
C GLU A 242 43.03 -10.46 -10.40
N ASP A 243 43.32 -10.15 -9.14
CA ASP A 243 42.36 -9.47 -8.27
C ASP A 243 42.15 -8.03 -8.72
N ASP A 244 43.21 -7.42 -9.24
CA ASP A 244 43.12 -6.05 -9.71
C ASP A 244 42.28 -6.00 -10.98
N ALA A 245 42.59 -6.87 -11.95
CA ALA A 245 41.89 -6.90 -13.22
C ALA A 245 40.39 -7.19 -13.07
N ALA A 246 40.03 -8.02 -12.10
CA ALA A 246 38.64 -8.41 -11.89
C ALA A 246 37.82 -7.24 -11.34
N ILE A 247 38.34 -6.60 -10.31
CA ILE A 247 37.70 -5.41 -9.75
C ILE A 247 37.57 -4.36 -10.85
N THR A 248 38.59 -4.26 -11.69
CA THR A 248 38.63 -3.28 -12.77
C THR A 248 37.62 -3.61 -13.88
N LEU A 249 37.56 -4.88 -14.22
CA LEU A 249 36.63 -5.37 -15.22
C LEU A 249 35.20 -4.98 -14.82
N ALA A 250 34.91 -5.12 -13.53
CA ALA A 250 33.57 -4.96 -13.01
C ALA A 250 33.12 -3.50 -12.96
N PHE A 251 34.05 -2.59 -12.67
CA PHE A 251 33.68 -1.23 -12.27
C PHE A 251 34.23 -0.07 -13.10
N SER A 252 35.14 -0.34 -14.03
CA SER A 252 35.69 0.74 -14.85
C SER A 252 34.81 1.08 -16.05
N LYS A 253 34.55 2.38 -16.27
CA LYS A 253 33.82 2.84 -17.45
C LYS A 253 34.51 2.41 -18.73
N LYS A 254 35.80 2.08 -18.62
CA LYS A 254 36.61 1.77 -19.80
C LYS A 254 36.54 0.30 -20.18
N LYS A 255 35.84 -0.49 -19.39
CA LYS A 255 35.81 -1.93 -19.63
C LYS A 255 34.43 -2.45 -20.03
N ILE A 256 33.61 -1.60 -20.63
CA ILE A 256 32.29 -2.04 -21.06
C ILE A 256 32.42 -3.28 -21.97
N ASP A 257 33.28 -3.19 -22.97
CA ASP A 257 33.49 -4.30 -23.92
C ASP A 257 33.93 -5.59 -23.22
N ASP A 258 34.81 -5.47 -22.25
CA ASP A 258 35.22 -6.65 -21.50
C ASP A 258 34.03 -7.26 -20.75
N ARG A 259 33.17 -6.41 -20.18
CA ARG A 259 31.96 -6.91 -19.51
C ARG A 259 31.02 -7.65 -20.47
N LYS A 260 30.82 -7.10 -21.67
CA LYS A 260 30.03 -7.81 -22.68
C LYS A 260 30.55 -9.24 -22.89
N GLU A 261 31.88 -9.38 -23.01
CA GLU A 261 32.50 -10.68 -23.24
C GLU A 261 32.41 -11.55 -21.99
N TRP A 262 32.69 -10.92 -20.86
CA TRP A 262 32.60 -11.56 -19.55
C TRP A 262 31.22 -12.20 -19.35
N LEU A 263 30.17 -11.42 -19.61
CA LEU A 263 28.79 -11.94 -19.50
C LEU A 263 28.38 -12.89 -20.62
N THR A 264 28.85 -12.61 -21.84
CA THR A 264 28.59 -13.52 -22.95
C THR A 264 29.10 -14.92 -22.62
N ASN A 265 30.33 -15.00 -22.10
CA ASN A 265 30.85 -16.30 -21.67
C ASN A 265 29.98 -16.90 -20.58
N PHE A 266 29.67 -16.12 -19.55
CA PHE A 266 28.78 -16.61 -18.50
C PHE A 266 27.46 -17.17 -19.04
N MET A 267 26.77 -16.41 -19.90
CA MET A 267 25.49 -16.84 -20.41
C MET A 267 25.63 -18.12 -21.25
N GLU A 268 26.68 -18.16 -22.07
CA GLU A 268 27.00 -19.32 -22.89
C GLU A 268 27.22 -20.56 -22.04
N ASP A 269 28.07 -20.43 -21.02
CA ASP A 269 28.42 -21.55 -20.15
C ASP A 269 27.22 -22.03 -19.32
N ARG A 270 26.45 -21.10 -18.77
CA ARG A 270 25.29 -21.49 -18.00
C ARG A 270 24.26 -22.17 -18.89
N ARG A 271 24.17 -21.70 -20.13
CA ARG A 271 23.25 -22.29 -21.11
C ARG A 271 23.55 -23.77 -21.34
N GLN A 272 24.83 -24.12 -21.36
CA GLN A 272 25.24 -25.50 -21.58
C GLN A 272 24.85 -26.43 -20.44
N ARG A 273 25.16 -26.04 -19.21
CA ARG A 273 24.78 -26.83 -18.03
C ARG A 273 23.27 -27.01 -17.96
N ARG A 274 22.54 -26.05 -18.51
CA ARG A 274 21.09 -26.11 -18.55
C ARG A 274 20.64 -27.34 -19.34
N LEU A 275 21.41 -27.68 -20.38
CA LEU A 275 21.16 -28.89 -21.15
C LEU A 275 21.67 -30.14 -20.40
N HIS A 276 22.78 -29.97 -19.68
CA HIS A 276 23.42 -31.07 -18.97
C HIS A 276 23.02 -31.11 -17.50
N GLY A 277 23.91 -30.69 -16.62
CA GLY A 277 23.62 -30.71 -15.20
C GLY A 277 24.28 -29.66 -14.32
N LEU A 278 23.51 -29.15 -13.37
CA LEU A 278 24.01 -28.30 -12.29
C LEU A 278 25.10 -27.31 -12.73
N LYS A 289 36.60 -18.65 6.53
CA LYS A 289 37.07 -18.95 5.17
C LYS A 289 37.48 -17.68 4.41
N HIS A 290 38.26 -17.86 3.36
CA HIS A 290 38.80 -16.76 2.59
C HIS A 290 38.22 -16.72 1.18
N LEU A 291 38.12 -15.53 0.62
CA LEU A 291 37.57 -15.34 -0.71
C LEU A 291 38.40 -14.29 -1.43
N THR A 292 39.01 -14.67 -2.53
CA THR A 292 39.78 -13.68 -3.30
C THR A 292 38.84 -12.74 -4.06
N TYR A 293 39.29 -11.52 -4.32
CA TYR A 293 38.46 -10.58 -5.07
C TYR A 293 38.13 -11.13 -6.44
N ASN A 294 39.04 -11.93 -6.98
CA ASN A 294 38.86 -12.53 -8.29
C ASN A 294 37.70 -13.53 -8.28
N ASP A 295 37.62 -14.35 -7.23
CA ASP A 295 36.52 -15.29 -7.12
C ASP A 295 35.19 -14.63 -6.75
N PHE A 296 35.25 -13.58 -5.93
CA PHE A 296 34.06 -12.82 -5.60
C PHE A 296 33.43 -12.23 -6.88
N ILE A 297 34.24 -11.53 -7.66
CA ILE A 297 33.80 -10.90 -8.88
C ILE A 297 33.25 -11.89 -9.92
N ASN A 298 33.98 -12.97 -10.17
CA ASN A 298 33.62 -13.93 -11.20
C ASN A 298 32.67 -15.02 -10.74
N LYS A 299 32.43 -15.13 -9.44
CA LYS A 299 31.52 -16.16 -8.97
C LYS A 299 30.28 -15.61 -8.28
N GLU A 300 30.36 -14.40 -7.77
CA GLU A 300 29.23 -13.84 -7.05
C GLU A 300 28.68 -12.58 -7.71
N LEU A 301 29.55 -11.61 -7.95
CA LEU A 301 29.12 -10.35 -8.53
C LEU A 301 28.47 -10.55 -9.89
N ILE A 302 29.00 -11.49 -10.68
CA ILE A 302 28.54 -11.70 -12.04
C ILE A 302 27.10 -12.17 -12.05
N LEU A 303 26.67 -12.77 -10.96
CA LEU A 303 25.29 -13.21 -10.84
C LEU A 303 24.38 -11.99 -10.73
N PHE A 304 24.87 -10.93 -10.11
CA PHE A 304 24.11 -9.70 -10.08
C PHE A 304 24.10 -9.05 -11.46
N SER A 305 25.26 -9.01 -12.09
CA SER A 305 25.38 -8.40 -13.41
C SER A 305 24.45 -9.04 -14.41
N ASN A 306 24.36 -10.35 -14.36
CA ASN A 306 23.44 -11.05 -15.23
C ASN A 306 21.98 -10.82 -14.83
N SER A 307 21.68 -10.90 -13.54
CA SER A 307 20.32 -10.64 -13.07
CA SER A 307 20.33 -10.63 -13.04
C SER A 307 19.90 -9.21 -13.40
N ASP A 308 20.88 -8.32 -13.48
CA ASP A 308 20.62 -6.93 -13.79
C ASP A 308 20.14 -6.84 -15.25
N ASN A 309 20.76 -7.61 -16.14
CA ASN A 309 20.33 -7.69 -17.51
C ASN A 309 18.93 -8.31 -17.63
N GLU A 310 18.67 -9.37 -16.87
CA GLU A 310 17.40 -10.08 -16.96
C GLU A 310 16.21 -9.23 -16.53
N ARG A 311 16.43 -8.29 -15.60
CA ARG A 311 15.35 -7.44 -15.12
C ARG A 311 15.27 -6.11 -15.86
N SER A 312 16.33 -5.72 -16.54
CA SER A 312 16.39 -4.39 -17.21
C SER A 312 16.21 -4.42 -18.75
N ILE A 313 16.49 -5.54 -19.37
CA ILE A 313 16.43 -5.65 -20.82
C ILE A 313 15.19 -6.43 -21.24
N PRO A 314 14.33 -5.82 -22.07
CA PRO A 314 13.03 -6.40 -22.44
C PRO A 314 13.13 -7.63 -23.32
N SER A 315 12.09 -8.46 -23.30
CA SER A 315 11.96 -9.56 -24.24
C SER A 315 11.45 -9.03 -25.58
N LEU A 316 11.91 -9.62 -26.68
CA LEU A 316 11.42 -9.25 -28.01
C LEU A 316 9.96 -9.64 -28.17
N VAL A 317 9.59 -10.73 -27.54
CA VAL A 317 8.29 -11.35 -27.79
C VAL A 317 7.14 -10.45 -27.34
N ASP A 318 7.17 -10.00 -26.09
CA ASP A 318 6.09 -9.15 -25.58
C ASP A 318 6.48 -7.72 -25.23
N GLY A 319 7.74 -7.35 -25.41
CA GLY A 319 8.19 -6.02 -25.07
C GLY A 319 8.33 -5.71 -23.58
N PHE A 320 8.13 -6.71 -22.71
CA PHE A 320 8.15 -6.53 -21.26
C PHE A 320 9.46 -6.98 -20.61
N LYS A 321 9.81 -6.37 -19.47
CA LYS A 321 10.75 -6.96 -18.52
C LYS A 321 9.92 -7.72 -17.48
N PRO A 322 10.56 -8.57 -16.67
CA PRO A 322 9.79 -9.44 -15.78
C PRO A 322 8.86 -8.70 -14.80
N GLY A 323 9.31 -7.58 -14.25
CA GLY A 323 8.47 -6.84 -13.31
C GLY A 323 7.21 -6.35 -13.98
N GLN A 324 7.36 -5.78 -15.18
CA GLN A 324 6.20 -5.34 -15.97
C GLN A 324 5.29 -6.52 -16.28
N ARG A 325 5.88 -7.64 -16.63
CA ARG A 325 5.11 -8.83 -16.97
C ARG A 325 4.30 -9.35 -15.80
N LYS A 326 4.91 -9.35 -14.61
CA LYS A 326 4.22 -9.70 -13.37
C LYS A 326 3.03 -8.79 -13.13
N VAL A 327 3.22 -7.49 -13.38
CA VAL A 327 2.13 -6.55 -13.23
C VAL A 327 0.94 -6.91 -14.12
N LEU A 328 1.17 -7.12 -15.43
CA LEU A 328 0.07 -7.47 -16.32
CA LEU A 328 0.08 -7.47 -16.33
C LEU A 328 -0.55 -8.82 -16.00
N PHE A 329 0.30 -9.80 -15.66
CA PHE A 329 -0.20 -11.10 -15.25
C PHE A 329 -1.16 -10.96 -14.06
N THR A 330 -0.81 -10.09 -13.11
CA THR A 330 -1.65 -9.87 -11.94
C THR A 330 -2.95 -9.14 -12.29
N CYS A 331 -2.88 -8.13 -13.14
CA CYS A 331 -4.11 -7.47 -13.60
C CYS A 331 -5.03 -8.43 -14.35
N PHE A 332 -4.46 -9.30 -15.17
CA PHE A 332 -5.28 -10.26 -15.91
C PHE A 332 -5.98 -11.21 -14.94
N LYS A 333 -5.26 -11.66 -13.92
CA LYS A 333 -5.81 -12.59 -12.96
C LYS A 333 -6.87 -11.93 -12.10
N ARG A 334 -6.65 -10.67 -11.74
CA ARG A 334 -7.63 -9.95 -10.93
C ARG A 334 -8.84 -9.53 -11.75
N ASN A 335 -8.64 -9.18 -13.01
CA ASN A 335 -9.76 -8.84 -13.87
C ASN A 335 -10.66 -7.74 -13.27
N ASP A 336 -10.04 -6.72 -12.66
CA ASP A 336 -10.81 -5.64 -12.01
C ASP A 336 -11.78 -4.90 -12.95
N LYS A 337 -12.98 -4.66 -12.47
CA LYS A 337 -14.01 -3.99 -13.26
C LYS A 337 -14.11 -2.53 -12.85
N ARG A 338 -13.47 -2.20 -11.73
CA ARG A 338 -13.36 -0.83 -11.28
C ARG A 338 -11.91 -0.54 -10.88
N GLU A 339 -11.58 0.75 -10.74
CA GLU A 339 -10.20 1.15 -10.51
C GLU A 339 -9.66 0.68 -9.18
N VAL A 340 -8.36 0.46 -9.14
CA VAL A 340 -7.68 0.02 -7.94
CA VAL A 340 -7.66 -0.01 -7.96
C VAL A 340 -6.50 0.93 -7.64
N LYS A 341 -6.30 1.25 -6.36
CA LYS A 341 -5.19 2.10 -5.96
C LYS A 341 -3.86 1.50 -6.43
N VAL A 342 -2.97 2.34 -6.95
CA VAL A 342 -1.69 1.84 -7.45
C VAL A 342 -0.92 1.13 -6.33
N ALA A 343 -0.88 1.74 -5.15
CA ALA A 343 -0.14 1.13 -4.04
C ALA A 343 -0.71 -0.26 -3.73
N GLN A 344 -2.03 -0.38 -3.79
CA GLN A 344 -2.72 -1.62 -3.49
C GLN A 344 -2.49 -2.68 -4.57
N LEU A 345 -2.54 -2.25 -5.85
CA LEU A 345 -2.22 -3.15 -6.96
C LEU A 345 -0.80 -3.69 -6.79
N ALA A 346 0.14 -2.81 -6.47
CA ALA A 346 1.51 -3.23 -6.26
C ALA A 346 1.62 -4.34 -5.20
N GLY A 347 0.94 -4.15 -4.07
CA GLY A 347 0.95 -5.17 -3.02
C GLY A 347 0.35 -6.47 -3.53
N SER A 348 -0.65 -6.34 -4.38
CA SER A 348 -1.30 -7.53 -4.92
C SER A 348 -0.36 -8.25 -5.92
N VAL A 349 0.39 -7.48 -6.71
CA VAL A 349 1.33 -8.09 -7.63
C VAL A 349 2.42 -8.86 -6.85
N ALA A 350 2.92 -8.27 -5.78
CA ALA A 350 3.97 -8.91 -5.01
C ALA A 350 3.60 -10.30 -4.53
N GLU A 351 2.40 -10.45 -3.98
CA GLU A 351 1.96 -11.74 -3.47
C GLU A 351 1.54 -12.71 -4.57
N MET A 352 0.82 -12.21 -5.58
CA MET A 352 0.34 -13.09 -6.64
C MET A 352 1.43 -13.57 -7.58
N SER A 353 2.49 -12.78 -7.72
CA SER A 353 3.49 -13.11 -8.73
C SER A 353 4.88 -13.35 -8.13
N ALA A 354 4.98 -13.36 -6.80
CA ALA A 354 6.26 -13.59 -6.14
C ALA A 354 7.33 -12.60 -6.60
N TYR A 355 6.99 -11.32 -6.58
CA TYR A 355 7.94 -10.27 -6.83
C TYR A 355 8.79 -10.07 -5.57
N HIS A 356 10.11 -10.18 -5.72
CA HIS A 356 11.03 -10.22 -4.60
C HIS A 356 11.81 -8.92 -4.40
N HIS A 357 11.23 -7.79 -4.75
CA HIS A 357 11.91 -6.54 -4.58
C HIS A 357 11.02 -5.55 -3.84
N GLY A 358 11.55 -4.39 -3.54
CA GLY A 358 10.78 -3.37 -2.87
C GLY A 358 9.57 -2.98 -3.69
N GLU A 359 8.43 -2.85 -3.02
CA GLU A 359 7.18 -2.54 -3.71
C GLU A 359 7.19 -1.14 -4.31
N GLN A 360 8.02 -0.24 -3.77
CA GLN A 360 8.10 1.10 -4.33
CA GLN A 360 8.18 1.11 -4.32
C GLN A 360 8.60 1.09 -5.79
N ALA A 361 9.49 0.16 -6.12
CA ALA A 361 9.94 -0.01 -7.49
C ALA A 361 8.76 -0.42 -8.36
N LEU A 362 7.94 -1.35 -7.85
CA LEU A 362 6.78 -1.83 -8.57
C LEU A 362 5.75 -0.73 -8.83
N MET A 363 5.54 0.12 -7.83
CA MET A 363 4.61 1.23 -8.01
C MET A 363 5.09 2.17 -9.11
N MET A 364 6.40 2.41 -9.20
CA MET A 364 6.90 3.24 -10.30
C MET A 364 6.70 2.58 -11.67
N THR A 365 6.88 1.26 -11.73
CA THR A 365 6.64 0.49 -12.96
C THR A 365 5.18 0.60 -13.38
N ILE A 366 4.27 0.45 -12.43
CA ILE A 366 2.86 0.61 -12.72
C ILE A 366 2.55 2.00 -13.27
N VAL A 367 3.11 3.03 -12.65
CA VAL A 367 2.88 4.39 -13.12
C VAL A 367 3.37 4.56 -14.57
N ASN A 368 4.54 3.98 -14.86
CA ASN A 368 5.16 4.11 -16.17
C ASN A 368 4.35 3.38 -17.26
N LEU A 369 3.75 2.25 -16.89
CA LEU A 369 2.87 1.49 -17.78
C LEU A 369 1.56 2.20 -18.12
N ALA A 370 1.11 3.10 -17.25
CA ALA A 370 -0.18 3.80 -17.47
C ALA A 370 -0.03 5.16 -18.14
N GLN A 371 1.18 5.73 -18.14
CA GLN A 371 1.36 7.06 -18.68
C GLN A 371 0.96 7.17 -20.15
N ASN A 372 0.34 8.29 -20.49
CA ASN A 372 -0.15 8.47 -21.86
C ASN A 372 0.09 9.87 -22.42
N PHE A 373 1.03 10.62 -21.83
CA PHE A 373 1.38 11.93 -22.37
C PHE A 373 2.27 11.79 -23.60
N VAL A 374 2.39 12.86 -24.39
CA VAL A 374 3.21 12.79 -25.60
C VAL A 374 4.64 12.44 -25.26
N GLY A 375 5.11 11.32 -25.83
CA GLY A 375 6.46 10.87 -25.62
C GLY A 375 6.53 9.71 -24.65
N SER A 376 5.40 9.26 -24.11
CA SER A 376 5.43 8.07 -23.27
C SER A 376 4.98 6.85 -24.07
N ASN A 377 3.80 6.31 -23.75
CA ASN A 377 3.32 5.10 -24.40
C ASN A 377 2.44 5.42 -25.59
N ASN A 378 2.67 4.77 -26.73
CA ASN A 378 1.71 4.86 -27.83
C ASN A 378 0.43 4.15 -27.45
N ILE A 379 0.55 3.04 -26.74
CA ILE A 379 -0.62 2.38 -26.20
C ILE A 379 -0.42 2.01 -24.72
N ASN A 380 -0.98 2.78 -23.81
CA ASN A 380 -0.86 2.45 -22.39
C ASN A 380 -1.75 1.26 -22.05
N LEU A 381 -1.17 0.19 -21.52
CA LEU A 381 -1.94 -1.01 -21.18
C LEU A 381 -2.75 -0.88 -19.88
N LEU A 382 -2.38 0.10 -19.06
CA LEU A 382 -3.08 0.42 -17.83
C LEU A 382 -3.62 1.82 -17.98
N GLN A 383 -4.78 2.10 -17.39
CA GLN A 383 -5.38 3.43 -17.45
C GLN A 383 -4.88 4.35 -16.33
N PRO A 384 -4.55 5.61 -16.66
CA PRO A 384 -4.08 6.51 -15.60
C PRO A 384 -5.29 7.23 -15.02
N ILE A 385 -5.82 6.72 -13.92
CA ILE A 385 -6.95 7.36 -13.26
CA ILE A 385 -6.95 7.37 -13.28
C ILE A 385 -6.40 8.23 -12.14
N GLY A 386 -6.19 9.50 -12.44
CA GLY A 386 -5.59 10.41 -11.48
C GLY A 386 -4.39 11.09 -12.10
N GLN A 387 -3.56 11.70 -11.27
CA GLN A 387 -2.42 12.45 -11.80
C GLN A 387 -1.20 11.52 -11.95
N PHE A 388 -1.01 11.00 -13.16
CA PHE A 388 0.12 10.11 -13.45
C PHE A 388 1.29 10.84 -14.09
N GLY A 389 1.21 12.16 -14.14
CA GLY A 389 2.30 12.95 -14.68
C GLY A 389 1.90 13.47 -16.04
N THR A 390 2.57 14.53 -16.51
CA THR A 390 2.24 15.16 -17.79
C THR A 390 3.51 15.51 -18.56
N ARG A 391 3.32 16.01 -19.78
CA ARG A 391 4.45 16.41 -20.62
C ARG A 391 5.10 17.65 -20.10
N LEU A 392 4.44 18.36 -19.19
CA LEU A 392 5.00 19.56 -18.60
C LEU A 392 6.30 19.22 -17.87
N HIS A 393 6.31 18.10 -17.16
CA HIS A 393 7.48 17.68 -16.38
C HIS A 393 7.96 16.29 -16.74
N GLY A 394 7.55 15.79 -17.91
CA GLY A 394 7.97 14.47 -18.33
C GLY A 394 7.54 13.37 -17.38
N GLY A 395 6.45 13.61 -16.66
CA GLY A 395 5.89 12.59 -15.82
C GLY A 395 6.39 12.65 -14.38
N LYS A 396 7.35 13.54 -14.12
CA LYS A 396 7.92 13.70 -12.79
C LYS A 396 6.92 14.31 -11.84
N ASP A 397 5.84 14.86 -12.40
CA ASP A 397 4.80 15.49 -11.60
C ASP A 397 3.70 14.52 -11.17
N ALA A 398 3.95 13.22 -11.34
CA ALA A 398 2.96 12.23 -10.93
C ALA A 398 2.72 12.34 -9.43
N ALA A 399 1.48 12.14 -8.99
CA ALA A 399 1.18 12.16 -7.57
C ALA A 399 1.61 10.84 -6.97
N SER A 400 1.51 10.74 -5.65
CA SER A 400 1.92 9.54 -4.94
C SER A 400 1.04 8.34 -5.33
N PRO A 401 1.65 7.15 -5.41
CA PRO A 401 0.92 5.93 -5.75
C PRO A 401 -0.18 5.57 -4.75
N ARG A 402 -0.17 6.17 -3.56
CA ARG A 402 -1.25 5.92 -2.62
CA ARG A 402 -1.24 5.95 -2.59
C ARG A 402 -2.49 6.76 -2.94
N TYR A 403 -2.36 7.70 -3.86
CA TYR A 403 -3.47 8.57 -4.21
C TYR A 403 -3.98 8.44 -5.64
N ILE A 404 -3.41 7.51 -6.41
CA ILE A 404 -3.82 7.35 -7.81
C ILE A 404 -4.30 5.92 -8.07
N PHE A 405 -5.09 5.76 -9.12
CA PHE A 405 -5.77 4.51 -9.40
C PHE A 405 -5.50 4.05 -10.83
N THR A 406 -5.66 2.77 -11.09
CA THR A 406 -5.48 2.25 -12.42
C THR A 406 -6.37 1.03 -12.62
N MET A 407 -6.41 0.55 -13.86
CA MET A 407 -7.08 -0.68 -14.24
C MET A 407 -6.68 -0.94 -15.68
N LEU A 408 -6.95 -2.15 -16.18
CA LEU A 408 -6.61 -2.50 -17.55
C LEU A 408 -7.27 -1.58 -18.58
N SER A 409 -6.51 -1.16 -19.58
CA SER A 409 -7.08 -0.60 -20.80
C SER A 409 -7.97 -1.67 -21.44
N THR A 410 -9.05 -1.26 -22.12
CA THR A 410 -9.87 -2.23 -22.89
C THR A 410 -9.05 -2.85 -24.02
N LEU A 411 -7.96 -2.19 -24.39
CA LEU A 411 -7.09 -2.71 -25.42
C LEU A 411 -6.23 -3.86 -24.92
N ALA A 412 -6.09 -3.99 -23.59
CA ALA A 412 -5.13 -4.97 -23.04
C ALA A 412 -5.42 -6.41 -23.45
N ARG A 413 -6.62 -6.91 -23.19
CA ARG A 413 -6.94 -8.29 -23.59
C ARG A 413 -7.20 -8.43 -25.10
N LEU A 414 -7.34 -7.34 -25.81
CA LEU A 414 -7.40 -7.40 -27.28
C LEU A 414 -6.01 -7.66 -27.87
N LEU A 415 -4.98 -7.17 -27.18
CA LEU A 415 -3.60 -7.33 -27.62
C LEU A 415 -3.00 -8.63 -27.11
N PHE A 416 -3.42 -9.03 -25.92
CA PHE A 416 -2.98 -10.27 -25.27
C PHE A 416 -4.20 -11.17 -25.02
N PRO A 417 -4.72 -11.82 -26.08
CA PRO A 417 -5.97 -12.58 -25.93
C PRO A 417 -5.90 -13.68 -24.86
N ALA A 418 -6.94 -13.76 -24.06
CA ALA A 418 -7.02 -14.72 -22.95
C ALA A 418 -6.80 -16.16 -23.44
N VAL A 419 -7.38 -16.50 -24.59
CA VAL A 419 -7.24 -17.83 -25.13
C VAL A 419 -5.77 -18.26 -25.26
N ASP A 420 -4.89 -17.32 -25.58
CA ASP A 420 -3.47 -17.64 -25.75
C ASP A 420 -2.76 -18.03 -24.43
N ASP A 421 -3.31 -17.62 -23.29
CA ASP A 421 -2.71 -18.01 -22.00
C ASP A 421 -2.53 -19.51 -21.97
N ASN A 422 -3.46 -20.23 -22.60
CA ASN A 422 -3.39 -21.68 -22.65
C ASN A 422 -2.14 -22.21 -23.34
N LEU A 423 -1.40 -21.33 -24.03
CA LEU A 423 -0.22 -21.74 -24.80
C LEU A 423 1.10 -21.37 -24.10
N LEU A 424 1.02 -20.60 -23.03
CA LEU A 424 2.23 -20.03 -22.46
C LEU A 424 2.94 -20.96 -21.49
N LYS A 425 4.15 -20.62 -21.13
CA LYS A 425 4.89 -21.40 -20.16
C LYS A 425 4.91 -20.62 -18.85
N PHE A 426 3.99 -20.92 -17.94
CA PHE A 426 3.97 -20.20 -16.67
C PHE A 426 5.09 -20.70 -15.76
N LEU A 427 5.83 -19.75 -15.18
CA LEU A 427 6.95 -20.04 -14.30
C LEU A 427 6.45 -20.40 -12.89
N TYR A 428 7.31 -21.06 -12.12
CA TYR A 428 7.03 -21.39 -10.73
C TYR A 428 8.06 -20.75 -9.81
N ASP A 429 7.59 -20.10 -8.76
CA ASP A 429 8.50 -19.63 -7.73
C ASP A 429 8.13 -20.30 -6.41
N ASP A 430 8.95 -21.27 -5.98
CA ASP A 430 8.68 -22.01 -4.75
C ASP A 430 7.26 -22.59 -4.75
N ASN A 431 6.95 -23.40 -5.77
CA ASN A 431 5.67 -24.10 -5.86
C ASN A 431 4.45 -23.25 -6.21
N GLN A 432 4.61 -21.93 -6.21
CA GLN A 432 3.54 -21.05 -6.67
C GLN A 432 3.71 -20.79 -8.16
N ARG A 433 2.65 -21.00 -8.93
CA ARG A 433 2.69 -20.69 -10.34
C ARG A 433 2.55 -19.18 -10.50
N VAL A 434 3.47 -18.56 -11.21
CA VAL A 434 3.46 -17.11 -11.34
C VAL A 434 3.36 -16.71 -12.81
N GLU A 435 4.02 -15.64 -13.24
CA GLU A 435 3.83 -15.13 -14.61
C GLU A 435 4.54 -16.00 -15.65
N PRO A 436 4.14 -15.89 -16.94
CA PRO A 436 4.78 -16.73 -17.96
C PRO A 436 6.14 -16.21 -18.37
N GLU A 437 6.94 -17.02 -19.06
CA GLU A 437 8.24 -16.54 -19.52
C GLU A 437 8.02 -15.35 -20.45
N TRP A 438 6.99 -15.43 -21.27
CA TRP A 438 6.51 -14.27 -22.02
C TRP A 438 5.06 -14.45 -22.45
N TYR A 439 4.37 -13.33 -22.61
CA TYR A 439 3.11 -13.28 -23.33
C TYR A 439 3.45 -13.26 -24.82
N ILE A 440 2.43 -13.45 -25.65
CA ILE A 440 2.59 -13.50 -27.11
C ILE A 440 1.49 -12.61 -27.70
N PRO A 441 1.72 -11.29 -27.71
CA PRO A 441 0.68 -10.36 -28.19
C PRO A 441 0.45 -10.49 -29.70
N ILE A 442 -0.63 -9.88 -30.20
CA ILE A 442 -1.01 -10.00 -31.60
C ILE A 442 -0.19 -9.11 -32.55
N ILE A 443 0.52 -8.13 -32.00
CA ILE A 443 1.49 -7.33 -32.73
C ILE A 443 2.70 -7.13 -31.83
N PRO A 444 3.86 -6.74 -32.39
CA PRO A 444 5.08 -6.58 -31.59
C PRO A 444 5.05 -5.34 -30.69
N MET A 445 4.55 -5.53 -29.48
CA MET A 445 4.44 -4.46 -28.50
C MET A 445 5.81 -3.85 -28.16
N VAL A 446 6.86 -4.65 -28.28
CA VAL A 446 8.22 -4.14 -28.09
C VAL A 446 8.49 -2.89 -28.96
N LEU A 447 7.82 -2.81 -30.12
CA LEU A 447 7.99 -1.67 -31.03
C LEU A 447 7.02 -0.53 -30.74
N ILE A 448 5.90 -0.84 -30.13
CA ILE A 448 4.83 0.13 -29.94
CA ILE A 448 4.85 0.15 -29.96
C ILE A 448 5.14 1.17 -28.86
N ASN A 449 5.71 0.71 -27.74
CA ASN A 449 5.91 1.59 -26.60
C ASN A 449 7.36 1.93 -26.30
N GLY A 450 8.28 1.57 -27.20
CA GLY A 450 9.66 1.97 -27.05
C GLY A 450 10.36 1.28 -25.90
N ALA A 451 10.54 -0.03 -26.00
CA ALA A 451 11.20 -0.80 -24.96
C ALA A 451 12.58 -0.25 -24.65
N GLU A 452 12.91 -0.11 -23.37
CA GLU A 452 14.12 0.62 -23.00
C GLU A 452 14.61 0.33 -21.59
N GLY A 453 15.91 0.07 -21.45
CA GLY A 453 16.48 -0.29 -20.17
C GLY A 453 18.00 -0.32 -20.17
N ILE A 454 18.59 -0.25 -18.99
CA ILE A 454 20.03 -0.26 -18.83
C ILE A 454 20.48 -1.41 -17.94
N GLY A 455 21.33 -2.30 -18.44
CA GLY A 455 21.81 -3.40 -17.64
C GLY A 455 23.30 -3.25 -17.30
N THR A 456 24.01 -4.37 -17.30
CA THR A 456 25.49 -4.34 -17.19
C THR A 456 26.01 -5.00 -18.46
N GLY A 457 26.95 -4.34 -19.13
CA GLY A 457 27.40 -4.80 -20.43
C GLY A 457 26.59 -4.17 -21.55
N TRP A 458 25.27 -4.31 -21.49
CA TRP A 458 24.41 -3.79 -22.56
C TRP A 458 23.33 -2.85 -22.04
N ALA A 459 22.73 -2.11 -22.97
CA ALA A 459 21.51 -1.36 -22.70
C ALA A 459 20.62 -1.49 -23.93
N CYS A 460 19.36 -1.16 -23.75
CA CYS A 460 18.38 -1.25 -24.81
C CYS A 460 17.69 0.10 -25.01
N LYS A 461 17.55 0.51 -26.26
CA LYS A 461 16.74 1.66 -26.55
C LYS A 461 16.05 1.50 -27.90
N LEU A 462 14.72 1.45 -27.85
CA LEU A 462 13.90 1.46 -29.05
C LEU A 462 12.97 2.63 -28.93
N PRO A 463 12.75 3.35 -30.04
CA PRO A 463 11.73 4.40 -30.01
C PRO A 463 10.33 3.81 -30.24
N ASN A 464 9.29 4.64 -30.16
CA ASN A 464 7.92 4.21 -30.42
C ASN A 464 7.66 4.09 -31.93
N TYR A 465 6.77 3.17 -32.30
CA TYR A 465 6.32 2.98 -33.68
C TYR A 465 4.79 2.99 -33.69
N ASP A 466 4.22 3.31 -34.83
CA ASP A 466 2.78 3.48 -34.94
C ASP A 466 2.07 2.13 -34.99
N ALA A 467 1.06 1.94 -34.13
CA ALA A 467 0.34 0.68 -34.04
C ALA A 467 -0.36 0.28 -35.35
N ARG A 468 -1.02 1.23 -35.99
CA ARG A 468 -1.71 0.95 -37.25
C ARG A 468 -0.72 0.60 -38.36
N GLU A 469 0.38 1.32 -38.47
CA GLU A 469 1.44 0.97 -39.41
CA GLU A 469 1.40 0.96 -39.43
C GLU A 469 1.92 -0.46 -39.18
N ILE A 470 2.06 -0.84 -37.91
CA ILE A 470 2.55 -2.18 -37.61
C ILE A 470 1.51 -3.25 -37.96
N VAL A 471 0.25 -2.96 -37.68
CA VAL A 471 -0.85 -3.85 -38.07
C VAL A 471 -0.84 -4.08 -39.57
N ASN A 472 -0.72 -2.98 -40.32
CA ASN A 472 -0.62 -3.05 -41.78
CA ASN A 472 -0.66 -3.10 -41.77
C ASN A 472 0.53 -3.93 -42.23
N ASN A 473 1.69 -3.73 -41.64
CA ASN A 473 2.84 -4.54 -41.98
C ASN A 473 2.67 -6.02 -41.66
N VAL A 474 1.99 -6.32 -40.55
CA VAL A 474 1.66 -7.68 -40.20
C VAL A 474 0.70 -8.28 -41.26
N ARG A 475 -0.28 -7.50 -41.70
CA ARG A 475 -1.21 -7.95 -42.72
C ARG A 475 -0.49 -8.20 -44.05
N ARG A 476 0.45 -7.34 -44.42
CA ARG A 476 1.26 -7.56 -45.61
C ARG A 476 2.01 -8.89 -45.52
N MET A 477 2.65 -9.14 -44.39
CA MET A 477 3.39 -10.39 -44.21
C MET A 477 2.51 -11.62 -44.23
N LEU A 478 1.28 -11.50 -43.74
CA LEU A 478 0.33 -12.60 -43.83
C LEU A 478 -0.05 -12.87 -45.30
N ASP A 479 0.01 -11.85 -46.14
CA ASP A 479 -0.28 -12.03 -47.56
C ASP A 479 0.95 -12.52 -48.33
N GLY A 480 2.08 -12.65 -47.64
CA GLY A 480 3.32 -13.12 -48.23
C GLY A 480 4.17 -12.01 -48.82
N LEU A 481 3.78 -10.77 -48.54
CA LEU A 481 4.49 -9.60 -49.03
C LEU A 481 5.54 -9.12 -48.04
N ASP A 482 6.50 -8.35 -48.54
CA ASP A 482 7.49 -7.73 -47.66
C ASP A 482 6.89 -6.54 -46.90
N PRO A 483 7.24 -6.43 -45.62
CA PRO A 483 6.78 -5.26 -44.87
C PRO A 483 7.45 -3.99 -45.41
N HIS A 484 6.75 -2.87 -45.39
CA HIS A 484 7.34 -1.58 -45.69
C HIS A 484 8.27 -1.18 -44.54
N PRO A 485 9.29 -0.36 -44.85
CA PRO A 485 10.11 0.19 -43.76
C PRO A 485 9.28 1.13 -42.88
N MET A 486 9.65 1.22 -41.61
CA MET A 486 8.95 2.07 -40.67
C MET A 486 9.87 3.12 -40.06
N LEU A 487 9.37 4.33 -39.97
CA LEU A 487 10.01 5.37 -39.17
C LEU A 487 9.41 5.37 -37.78
N PRO A 488 10.20 5.76 -36.76
CA PRO A 488 9.63 5.96 -35.43
C PRO A 488 8.45 6.93 -35.48
N ASN A 489 7.42 6.66 -34.68
CA ASN A 489 6.22 7.47 -34.71
C ASN A 489 5.63 7.55 -33.29
N TYR A 490 5.40 8.77 -32.82
CA TYR A 490 4.90 9.00 -31.47
C TYR A 490 3.48 9.51 -31.50
N LYS A 491 2.59 8.84 -30.78
CA LYS A 491 1.20 9.27 -30.75
C LYS A 491 1.08 10.72 -30.32
N ASN A 492 0.28 11.48 -31.06
CA ASN A 492 -0.04 12.86 -30.71
C ASN A 492 1.12 13.82 -30.91
N PHE A 493 2.26 13.30 -31.38
CA PHE A 493 3.37 14.16 -31.71
C PHE A 493 3.10 14.88 -33.04
N LYS A 494 3.27 16.20 -33.06
CA LYS A 494 2.85 17.01 -34.19
C LYS A 494 4.00 17.39 -35.09
N GLY A 495 5.21 17.03 -34.69
CA GLY A 495 6.37 17.39 -35.45
C GLY A 495 6.81 16.34 -36.45
N THR A 496 8.07 16.38 -36.82
CA THR A 496 8.53 15.49 -37.86
C THR A 496 9.69 14.66 -37.39
N ILE A 497 9.78 13.46 -37.92
CA ILE A 497 10.87 12.55 -37.65
C ILE A 497 11.37 12.08 -39.00
N GLN A 498 12.60 12.42 -39.33
CA GLN A 498 13.12 12.04 -40.62
C GLN A 498 14.42 11.29 -40.46
N GLU A 499 14.56 10.23 -41.26
CA GLU A 499 15.77 9.42 -41.27
C GLU A 499 16.97 10.21 -41.80
N LEU A 500 18.11 10.06 -41.14
CA LEU A 500 19.33 10.76 -41.52
C LEU A 500 20.40 9.78 -41.97
N GLY A 501 20.16 8.51 -41.66
CA GLY A 501 21.17 7.48 -41.80
C GLY A 501 20.58 6.25 -41.14
N GLN A 502 21.33 5.16 -41.10
CA GLN A 502 20.79 3.93 -40.54
C GLN A 502 20.65 4.08 -39.02
N ASN A 503 19.41 3.93 -38.55
CA ASN A 503 19.16 4.04 -37.12
C ASN A 503 19.42 5.43 -36.57
N GLN A 504 19.30 6.45 -37.42
CA GLN A 504 19.52 7.81 -36.96
C GLN A 504 18.46 8.77 -37.50
N TYR A 505 17.86 9.54 -36.62
CA TYR A 505 16.73 10.37 -37.01
C TYR A 505 16.82 11.76 -36.44
N ALA A 506 16.36 12.74 -37.21
CA ALA A 506 16.14 14.08 -36.68
C ALA A 506 14.68 14.22 -36.29
N VAL A 507 14.46 14.63 -35.06
CA VAL A 507 13.14 14.84 -34.49
C VAL A 507 12.98 16.35 -34.33
N SER A 508 12.01 16.94 -35.02
CA SER A 508 11.83 18.39 -34.96
C SER A 508 10.48 18.81 -34.42
N GLY A 509 10.47 19.82 -33.55
CA GLY A 509 9.24 20.45 -33.12
C GLY A 509 8.72 21.40 -34.19
N GLU A 510 7.86 22.34 -33.81
CA GLU A 510 7.21 23.23 -34.76
C GLU A 510 7.33 24.66 -34.31
N ILE A 511 7.87 25.48 -35.19
CA ILE A 511 7.95 26.91 -34.94
C ILE A 511 7.64 27.66 -36.24
N PHE A 512 6.80 28.68 -36.16
CA PHE A 512 6.41 29.44 -37.35
CA PHE A 512 6.51 29.46 -37.36
C PHE A 512 6.46 30.96 -37.12
N VAL A 513 6.92 31.70 -38.13
CA VAL A 513 6.90 33.15 -38.07
C VAL A 513 5.48 33.67 -38.30
N VAL A 514 4.93 34.37 -37.31
CA VAL A 514 3.64 35.01 -37.44
C VAL A 514 3.77 36.39 -38.12
N ASP A 515 4.49 37.31 -37.48
CA ASP A 515 4.84 38.58 -38.11
C ASP A 515 6.30 38.87 -37.87
N ARG A 516 6.75 40.06 -38.26
CA ARG A 516 8.17 40.38 -38.23
C ARG A 516 8.74 40.57 -36.81
N ASN A 517 7.86 40.54 -35.81
CA ASN A 517 8.26 40.57 -34.40
C ASN A 517 7.86 39.33 -33.61
N THR A 518 7.23 38.36 -34.26
CA THR A 518 6.59 37.28 -33.51
C THR A 518 6.84 35.90 -34.11
N VAL A 519 7.18 34.93 -33.26
CA VAL A 519 7.19 33.54 -33.68
C VAL A 519 6.37 32.73 -32.70
N GLU A 520 5.83 31.63 -33.20
CA GLU A 520 4.97 30.80 -32.39
C GLU A 520 5.54 29.39 -32.38
N ILE A 521 5.62 28.80 -31.19
CA ILE A 521 6.15 27.46 -31.07
C ILE A 521 5.02 26.57 -30.59
N THR A 522 4.64 25.60 -31.43
CA THR A 522 3.45 24.80 -31.12
C THR A 522 3.74 23.32 -30.92
N GLU A 523 5.01 22.96 -30.96
CA GLU A 523 5.41 21.60 -30.66
C GLU A 523 6.87 21.55 -30.29
N LEU A 524 7.20 20.72 -29.31
CA LEU A 524 8.58 20.53 -28.91
C LEU A 524 8.98 19.12 -29.32
N PRO A 525 10.26 18.90 -29.63
CA PRO A 525 10.65 17.56 -30.06
C PRO A 525 10.35 16.54 -28.97
N VAL A 526 10.09 15.32 -29.39
CA VAL A 526 9.71 14.26 -28.46
C VAL A 526 10.70 14.20 -27.31
N ARG A 527 10.18 14.11 -26.08
CA ARG A 527 11.00 13.95 -24.86
C ARG A 527 11.61 15.27 -24.38
N THR A 528 11.27 16.37 -25.03
CA THR A 528 11.60 17.69 -24.51
C THR A 528 10.38 18.16 -23.73
N TRP A 529 10.52 18.30 -22.41
CA TRP A 529 9.38 18.61 -21.59
C TRP A 529 9.17 20.12 -21.55
N THR A 530 7.93 20.55 -21.38
CA THR A 530 7.57 21.97 -21.53
C THR A 530 8.27 22.90 -20.53
N GLN A 531 8.26 22.50 -19.27
CA GLN A 531 8.85 23.29 -18.21
C GLN A 531 10.38 23.38 -18.37
N VAL A 532 10.99 22.26 -18.74
CA VAL A 532 12.43 22.21 -18.99
C VAL A 532 12.80 23.09 -20.18
N TYR A 533 11.99 23.04 -21.23
CA TYR A 533 12.25 23.87 -22.40
C TYR A 533 12.16 25.34 -21.97
N LYS A 534 11.17 25.67 -21.16
CA LYS A 534 10.98 27.05 -20.72
C LYS A 534 12.19 27.53 -19.90
N GLU A 535 12.62 26.69 -18.96
CA GLU A 535 13.71 27.06 -18.06
C GLU A 535 15.08 27.06 -18.74
N GLN A 536 15.32 26.09 -19.61
CA GLN A 536 16.65 25.94 -20.20
C GLN A 536 16.82 26.64 -21.54
N VAL A 537 15.73 27.08 -22.14
CA VAL A 537 15.87 27.70 -23.46
C VAL A 537 15.30 29.11 -23.56
N LEU A 538 14.02 29.26 -23.22
CA LEU A 538 13.37 30.56 -23.39
C LEU A 538 13.82 31.56 -22.32
N GLU A 539 13.95 31.11 -21.07
CA GLU A 539 14.42 31.99 -20.00
C GLU A 539 15.80 32.60 -20.30
N PRO A 540 16.81 31.77 -20.58
CA PRO A 540 18.11 32.26 -21.03
C PRO A 540 18.03 33.14 -22.29
N MET A 541 17.17 32.81 -23.25
CA MET A 541 17.00 33.65 -24.43
C MET A 541 16.44 35.01 -24.08
N LEU A 542 15.59 35.04 -23.06
CA LEU A 542 14.96 36.29 -22.63
C LEU A 542 15.91 37.15 -21.80
N ASN A 543 16.59 36.52 -20.85
CA ASN A 543 17.43 37.21 -19.87
C ASN A 543 18.90 37.33 -20.24
N GLY A 544 19.35 36.51 -21.18
CA GLY A 544 20.77 36.37 -21.45
C GLY A 544 21.36 35.60 -20.28
N THR A 545 22.65 35.26 -20.34
CA THR A 545 23.35 34.67 -19.22
C THR A 545 24.75 35.29 -19.07
N ASP A 546 25.56 34.74 -18.17
CA ASP A 546 26.94 35.19 -18.05
C ASP A 546 27.71 34.90 -19.35
N LYS A 547 27.27 33.87 -20.07
CA LYS A 547 27.96 33.39 -21.27
C LYS A 547 27.23 33.54 -22.60
N THR A 548 26.00 34.07 -22.58
CA THR A 548 25.22 34.27 -23.80
C THR A 548 24.36 35.54 -23.72
N PRO A 549 24.17 36.21 -24.86
CA PRO A 549 23.30 37.39 -24.89
C PRO A 549 21.82 37.00 -24.97
N ALA A 550 20.93 37.95 -24.71
CA ALA A 550 19.49 37.74 -24.89
C ALA A 550 19.17 37.75 -26.39
N LEU A 551 18.16 36.98 -26.78
CA LEU A 551 17.76 36.91 -28.18
C LEU A 551 16.33 37.43 -28.35
N ILE A 552 15.48 37.22 -27.34
CA ILE A 552 14.08 37.58 -27.48
C ILE A 552 13.71 38.68 -26.50
N SER A 553 12.62 39.40 -26.79
CA SER A 553 12.21 40.51 -25.93
CA SER A 553 12.19 40.51 -25.95
C SER A 553 11.09 40.11 -24.98
N ASP A 554 10.41 39.01 -25.29
CA ASP A 554 9.30 38.56 -24.44
C ASP A 554 8.80 37.19 -24.89
N TYR A 555 8.11 36.48 -24.01
CA TYR A 555 7.37 35.31 -24.44
C TYR A 555 6.15 35.13 -23.55
N LYS A 556 5.11 34.50 -24.09
CA LYS A 556 3.91 34.15 -23.34
C LYS A 556 3.56 32.67 -23.55
N GLU A 557 2.96 32.04 -22.54
CA GLU A 557 2.60 30.62 -22.59
C GLU A 557 1.09 30.38 -22.71
N TYR A 558 0.67 29.53 -23.64
CA TYR A 558 -0.75 29.18 -23.74
C TYR A 558 -0.96 27.66 -23.80
N HIS A 559 -0.29 26.94 -22.92
CA HIS A 559 -0.28 25.49 -22.97
C HIS A 559 -1.58 24.93 -22.43
N THR A 560 -1.91 23.72 -22.85
CA THR A 560 -2.88 22.94 -22.10
C THR A 560 -2.12 21.79 -21.47
N ASP A 561 -2.84 20.86 -20.85
CA ASP A 561 -2.21 19.72 -20.21
C ASP A 561 -1.43 18.87 -21.22
N THR A 562 -1.87 18.89 -22.47
CA THR A 562 -1.33 17.96 -23.45
C THR A 562 -0.78 18.66 -24.69
N THR A 563 -0.79 19.98 -24.70
CA THR A 563 -0.25 20.71 -25.86
C THR A 563 0.71 21.81 -25.45
N VAL A 564 1.47 22.27 -26.44
CA VAL A 564 2.44 23.32 -26.20
C VAL A 564 2.11 24.54 -27.05
N LYS A 565 2.17 25.74 -26.45
CA LYS A 565 2.07 26.96 -27.23
C LYS A 565 2.80 28.13 -26.58
N PHE A 566 3.95 28.49 -27.16
CA PHE A 566 4.65 29.69 -26.75
C PHE A 566 4.49 30.72 -27.85
N VAL A 567 4.17 31.95 -27.46
CA VAL A 567 4.25 33.08 -28.39
C VAL A 567 5.42 33.98 -27.99
N VAL A 568 6.37 34.14 -28.90
CA VAL A 568 7.64 34.78 -28.58
C VAL A 568 7.80 36.09 -29.36
N LYS A 569 8.19 37.15 -28.65
CA LYS A 569 8.48 38.45 -29.28
C LYS A 569 9.97 38.68 -29.48
N MET A 570 10.32 39.31 -30.61
CA MET A 570 11.71 39.60 -30.97
C MET A 570 11.73 40.89 -31.78
N THR A 571 12.86 41.59 -31.79
CA THR A 571 13.02 42.75 -32.68
C THR A 571 13.13 42.21 -34.11
N GLU A 572 12.82 43.04 -35.10
CA GLU A 572 12.93 42.64 -36.49
C GLU A 572 14.33 42.12 -36.82
N GLU A 573 15.33 42.82 -36.31
CA GLU A 573 16.72 42.50 -36.54
C GLU A 573 17.11 41.11 -36.01
N LYS A 574 16.77 40.84 -34.74
CA LYS A 574 17.04 39.55 -34.12
C LYS A 574 16.35 38.38 -34.83
N LEU A 575 15.09 38.56 -35.23
CA LEU A 575 14.38 37.52 -35.97
C LEU A 575 15.07 37.18 -37.29
N ALA A 576 15.45 38.21 -38.05
CA ALA A 576 16.17 37.99 -39.30
C ALA A 576 17.42 37.17 -39.05
N GLN A 577 18.11 37.45 -37.95
CA GLN A 577 19.32 36.71 -37.61
C GLN A 577 18.99 35.24 -37.31
N ALA A 578 17.93 35.02 -36.54
CA ALA A 578 17.51 33.66 -36.19
C ALA A 578 17.09 32.84 -37.41
N GLU A 579 16.29 33.43 -38.30
CA GLU A 579 15.91 32.78 -39.56
C GLU A 579 17.13 32.35 -40.36
N ALA A 580 18.11 33.23 -40.45
CA ALA A 580 19.30 32.98 -41.25
C ALA A 580 20.05 31.78 -40.70
N ALA A 581 20.06 31.66 -39.38
CA ALA A 581 20.78 30.58 -38.72
C ALA A 581 19.94 29.30 -38.72
N GLY A 582 18.63 29.45 -38.94
CA GLY A 582 17.70 28.35 -38.87
C GLY A 582 16.91 28.40 -37.57
N LEU A 583 15.61 28.71 -37.68
CA LEU A 583 14.77 28.88 -36.50
C LEU A 583 14.73 27.64 -35.60
N HIS A 584 14.67 26.47 -36.20
CA HIS A 584 14.59 25.24 -35.42
C HIS A 584 15.90 25.03 -34.65
N LYS A 585 17.01 25.37 -35.28
CA LYS A 585 18.32 25.22 -34.68
C LYS A 585 18.42 26.18 -33.50
N VAL A 586 18.28 27.47 -33.81
CA VAL A 586 18.38 28.52 -32.80
C VAL A 586 17.49 28.26 -31.57
N PHE A 587 16.28 27.76 -31.79
CA PHE A 587 15.31 27.61 -30.72
C PHE A 587 15.37 26.25 -30.04
N LYS A 588 16.37 25.44 -30.41
CA LYS A 588 16.55 24.10 -29.84
C LYS A 588 15.34 23.21 -30.04
N LEU A 589 14.79 23.21 -31.26
CA LEU A 589 13.59 22.43 -31.54
C LEU A 589 13.90 21.22 -32.43
N GLN A 590 15.17 20.84 -32.47
CA GLN A 590 15.57 19.64 -33.22
C GLN A 590 16.53 18.84 -32.35
N THR A 591 16.25 17.56 -32.19
CA THR A 591 17.22 16.71 -31.49
C THR A 591 17.46 15.46 -32.32
N THR A 592 18.54 14.76 -32.02
CA THR A 592 18.88 13.55 -32.74
C THR A 592 18.42 12.34 -31.95
N LEU A 593 17.92 11.34 -32.66
CA LEU A 593 17.53 10.07 -32.08
C LEU A 593 18.37 8.99 -32.75
N THR A 594 19.21 8.32 -31.97
CA THR A 594 20.09 7.30 -32.49
C THR A 594 19.79 5.99 -31.81
N CYS A 595 19.68 4.93 -32.59
CA CYS A 595 19.24 3.63 -32.09
C CYS A 595 20.18 2.51 -32.53
N ASN A 596 21.41 2.55 -32.05
CA ASN A 596 22.38 1.51 -32.36
C ASN A 596 22.54 0.52 -31.23
N SER A 597 21.54 0.48 -30.34
CA SER A 597 21.61 -0.44 -29.23
C SER A 597 20.27 -1.08 -28.98
N MET A 598 19.74 -1.75 -30.01
CA MET A 598 18.48 -2.44 -29.93
C MET A 598 18.71 -3.88 -29.47
N VAL A 599 18.97 -4.01 -28.19
CA VAL A 599 19.31 -5.29 -27.60
C VAL A 599 18.11 -5.80 -26.84
N LEU A 600 17.71 -7.04 -27.14
CA LEU A 600 16.56 -7.69 -26.53
C LEU A 600 16.89 -9.16 -26.25
N PHE A 601 16.15 -9.78 -25.34
CA PHE A 601 16.13 -11.24 -25.24
C PHE A 601 15.20 -11.85 -26.31
N ASP A 602 15.70 -12.78 -27.11
CA ASP A 602 14.83 -13.46 -28.07
C ASP A 602 13.95 -14.47 -27.35
N HIS A 603 13.18 -15.22 -28.13
CA HIS A 603 12.15 -16.08 -27.56
C HIS A 603 12.75 -17.28 -26.85
N MET A 604 14.05 -17.53 -27.06
CA MET A 604 14.75 -18.60 -26.36
C MET A 604 15.39 -18.09 -25.07
N GLY A 605 15.30 -16.78 -24.86
CA GLY A 605 15.94 -16.17 -23.69
C GLY A 605 17.41 -15.84 -23.92
N CYS A 606 17.82 -15.76 -25.18
CA CYS A 606 19.19 -15.38 -25.48
C CYS A 606 19.25 -13.90 -25.82
N LEU A 607 20.21 -13.20 -25.25
CA LEU A 607 20.41 -11.79 -25.54
C LEU A 607 20.89 -11.63 -26.97
N LYS A 608 20.27 -10.72 -27.71
CA LYS A 608 20.58 -10.52 -29.12
CA LYS A 608 20.59 -10.51 -29.12
C LYS A 608 20.57 -9.03 -29.46
N LYS A 609 21.42 -8.63 -30.39
CA LYS A 609 21.44 -7.25 -30.89
C LYS A 609 20.77 -7.20 -32.25
N TYR A 610 19.77 -6.35 -32.42
CA TYR A 610 19.07 -6.23 -33.69
C TYR A 610 19.49 -4.95 -34.42
N GLU A 611 19.79 -5.06 -35.71
CA GLU A 611 20.29 -3.92 -36.48
C GLU A 611 19.16 -3.06 -37.01
N THR A 612 18.02 -3.68 -37.28
CA THR A 612 16.88 -2.94 -37.80
C THR A 612 15.61 -3.43 -37.11
N VAL A 613 14.55 -2.63 -37.18
CA VAL A 613 13.26 -2.98 -36.58
CA VAL A 613 13.30 -3.03 -36.54
C VAL A 613 12.59 -4.04 -37.43
N GLN A 614 12.91 -4.05 -38.72
CA GLN A 614 12.42 -5.06 -39.63
CA GLN A 614 12.40 -5.06 -39.63
C GLN A 614 12.82 -6.46 -39.17
N ASP A 615 14.06 -6.58 -38.69
CA ASP A 615 14.51 -7.86 -38.16
C ASP A 615 13.73 -8.24 -36.89
N ILE A 616 13.36 -7.24 -36.09
CA ILE A 616 12.56 -7.48 -34.89
C ILE A 616 11.17 -7.95 -35.32
N LEU A 617 10.57 -7.18 -36.23
CA LEU A 617 9.25 -7.50 -36.76
C LEU A 617 9.15 -8.89 -37.39
N LYS A 618 10.16 -9.30 -38.15
CA LYS A 618 10.15 -10.61 -38.80
C LYS A 618 10.28 -11.75 -37.80
N GLU A 619 11.20 -11.62 -36.87
CA GLU A 619 11.35 -12.62 -35.84
C GLU A 619 10.06 -12.77 -35.02
N PHE A 620 9.45 -11.64 -34.66
CA PHE A 620 8.19 -11.65 -33.95
C PHE A 620 7.12 -12.35 -34.79
N PHE A 621 7.05 -11.98 -36.06
CA PHE A 621 6.00 -12.51 -36.95
C PHE A 621 6.02 -14.03 -37.04
N ASP A 622 7.19 -14.60 -37.26
CA ASP A 622 7.28 -16.06 -37.38
C ASP A 622 6.79 -16.75 -36.10
N LEU A 623 7.20 -16.25 -34.95
CA LEU A 623 6.77 -16.85 -33.69
C LEU A 623 5.26 -16.71 -33.49
N ARG A 624 4.74 -15.50 -33.69
CA ARG A 624 3.31 -15.28 -33.51
C ARG A 624 2.45 -16.11 -34.46
N LEU A 625 2.89 -16.28 -35.71
CA LEU A 625 2.12 -17.13 -36.65
C LEU A 625 2.08 -18.58 -36.17
N SER A 626 3.22 -19.06 -35.72
CA SER A 626 3.27 -20.43 -35.24
C SER A 626 2.36 -20.57 -33.99
N TYR A 627 2.33 -19.57 -33.11
CA TYR A 627 1.40 -19.63 -31.97
C TYR A 627 -0.08 -19.54 -32.35
N TYR A 628 -0.40 -18.91 -33.48
CA TYR A 628 -1.78 -19.02 -34.01
C TYR A 628 -2.11 -20.44 -34.46
N GLY A 629 -1.10 -21.16 -34.92
CA GLY A 629 -1.27 -22.56 -35.22
C GLY A 629 -1.52 -23.35 -33.96
N LEU A 630 -0.74 -23.12 -32.91
CA LEU A 630 -0.94 -23.82 -31.64
C LEU A 630 -2.34 -23.53 -31.06
N ARG A 631 -2.78 -22.29 -31.20
CA ARG A 631 -4.08 -21.89 -30.70
C ARG A 631 -5.19 -22.63 -31.40
N LYS A 632 -5.07 -22.78 -32.72
CA LYS A 632 -6.04 -23.57 -33.45
C LYS A 632 -6.07 -25.02 -32.95
N GLU A 633 -4.91 -25.63 -32.81
CA GLU A 633 -4.83 -27.00 -32.32
C GLU A 633 -5.44 -27.14 -30.93
N TRP A 634 -5.24 -26.14 -30.08
CA TRP A 634 -5.82 -26.13 -28.74
C TRP A 634 -7.33 -25.99 -28.83
N LEU A 635 -7.80 -25.06 -29.65
CA LEU A 635 -9.23 -24.82 -29.79
C LEU A 635 -10.00 -26.00 -30.42
N VAL A 636 -9.40 -26.68 -31.39
CA VAL A 636 -10.04 -27.87 -31.97
C VAL A 636 -10.18 -28.99 -30.94
N GLY A 637 -9.16 -29.16 -30.11
CA GLY A 637 -9.18 -30.19 -29.08
C GLY A 637 -10.20 -29.88 -27.99
N MET A 638 -10.16 -28.64 -27.49
CA MET A 638 -11.03 -28.19 -26.40
C MET A 638 -12.52 -28.15 -26.80
N LEU A 639 -12.82 -27.53 -27.94
CA LEU A 639 -14.19 -27.48 -28.46
C LEU A 639 -14.69 -28.89 -28.76
N GLY A 640 -13.79 -29.72 -29.27
CA GLY A 640 -14.12 -31.10 -29.54
C GLY A 640 -14.58 -31.78 -28.26
N ALA A 641 -13.80 -31.61 -27.21
CA ALA A 641 -14.13 -32.20 -25.92
C ALA A 641 -15.44 -31.62 -25.38
N GLU A 642 -15.60 -30.30 -25.46
CA GLU A 642 -16.85 -29.67 -25.04
C GLU A 642 -18.03 -30.25 -25.82
N SER A 643 -17.81 -30.53 -27.09
CA SER A 643 -18.87 -31.10 -27.93
C SER A 643 -19.26 -32.49 -27.44
N THR A 644 -18.25 -33.32 -27.17
CA THR A 644 -18.47 -34.67 -26.68
C THR A 644 -19.23 -34.63 -25.34
N LYS A 645 -18.85 -33.67 -24.49
CA LYS A 645 -19.45 -33.50 -23.18
C LYS A 645 -20.93 -33.24 -23.34
N LEU A 646 -21.25 -32.17 -24.08
CA LEU A 646 -22.64 -31.86 -24.37
C LEU A 646 -23.40 -33.00 -25.04
N ASN A 647 -22.72 -33.79 -25.87
CA ASN A 647 -23.39 -34.95 -26.49
C ASN A 647 -23.81 -35.96 -25.42
N ASN A 648 -22.92 -36.25 -24.49
CA ASN A 648 -23.22 -37.19 -23.41
C ASN A 648 -24.29 -36.67 -22.44
N GLN A 649 -24.25 -35.39 -22.11
CA GLN A 649 -25.29 -34.78 -21.27
C GLN A 649 -26.66 -34.81 -21.96
N ALA A 650 -26.73 -34.36 -23.20
CA ALA A 650 -27.97 -34.44 -23.96
C ALA A 650 -28.51 -35.89 -23.99
N ARG A 651 -27.63 -36.85 -24.28
CA ARG A 651 -28.04 -38.24 -24.38
C ARG A 651 -28.65 -38.75 -23.09
N PHE A 652 -27.97 -38.51 -21.98
CA PHE A 652 -28.46 -38.97 -20.69
C PHE A 652 -29.82 -38.38 -20.36
N ILE A 653 -29.97 -37.07 -20.59
CA ILE A 653 -31.23 -36.39 -20.33
C ILE A 653 -32.37 -36.95 -21.20
N LEU A 654 -32.08 -37.29 -22.44
CA LEU A 654 -33.09 -37.84 -23.33
C LEU A 654 -33.49 -39.25 -22.90
N GLU A 655 -32.51 -40.08 -22.57
CA GLU A 655 -32.75 -41.43 -22.08
C GLU A 655 -33.49 -41.44 -20.74
N LYS A 656 -33.33 -40.38 -19.96
CA LYS A 656 -34.02 -40.28 -18.68
C LYS A 656 -35.49 -39.96 -18.86
N ILE A 657 -35.78 -38.90 -19.62
CA ILE A 657 -37.14 -38.45 -19.80
C ILE A 657 -37.95 -39.38 -20.71
N GLN A 658 -37.30 -40.42 -21.21
CA GLN A 658 -38.00 -41.43 -22.01
C GLN A 658 -38.14 -42.75 -21.24
N GLY A 659 -37.59 -42.80 -20.04
CA GLY A 659 -37.70 -43.99 -19.22
C GLY A 659 -36.68 -45.04 -19.57
N LYS A 660 -35.83 -44.76 -20.56
CA LYS A 660 -34.80 -45.71 -20.97
C LYS A 660 -33.80 -45.93 -19.86
N ILE A 661 -33.67 -44.96 -18.98
CA ILE A 661 -32.72 -45.05 -17.87
C ILE A 661 -33.33 -44.46 -16.61
N THR A 662 -33.03 -45.06 -15.46
CA THR A 662 -33.41 -44.49 -14.17
C THR A 662 -32.22 -44.48 -13.25
N ILE A 663 -32.19 -43.51 -12.34
CA ILE A 663 -31.14 -43.45 -11.35
C ILE A 663 -31.75 -43.51 -9.95
N GLU A 664 -33.07 -43.35 -9.90
CA GLU A 664 -33.80 -43.27 -8.63
C GLU A 664 -33.47 -44.41 -7.68
N ASN A 665 -32.87 -44.06 -6.54
CA ASN A 665 -32.54 -45.00 -5.47
C ASN A 665 -31.50 -46.05 -5.83
N ARG A 666 -30.72 -45.78 -6.87
CA ARG A 666 -29.60 -46.64 -7.21
C ARG A 666 -28.38 -46.20 -6.44
N SER A 667 -27.56 -47.16 -6.01
CA SER A 667 -26.31 -46.84 -5.33
C SER A 667 -25.35 -46.17 -6.30
N LYS A 668 -24.36 -45.46 -5.75
CA LYS A 668 -23.35 -44.82 -6.58
C LYS A 668 -22.67 -45.83 -7.52
N LYS A 669 -22.22 -46.95 -6.96
CA LYS A 669 -21.50 -47.96 -7.72
C LYS A 669 -22.35 -48.57 -8.82
N ASP A 670 -23.58 -48.94 -8.49
CA ASP A 670 -24.50 -49.50 -9.47
C ASP A 670 -24.66 -48.53 -10.65
N LEU A 671 -24.84 -47.25 -10.32
CA LEU A 671 -25.11 -46.21 -11.31
C LEU A 671 -23.90 -45.91 -12.21
N ILE A 672 -22.71 -45.97 -11.63
CA ILE A 672 -21.50 -45.74 -12.40
C ILE A 672 -21.24 -46.93 -13.33
N GLN A 673 -21.37 -48.14 -12.80
CA GLN A 673 -21.22 -49.34 -13.61
C GLN A 673 -22.20 -49.35 -14.77
N MET A 674 -23.40 -48.85 -14.53
CA MET A 674 -24.43 -48.83 -15.56
C MET A 674 -24.13 -47.82 -16.67
N LEU A 675 -23.56 -46.68 -16.30
CA LEU A 675 -23.23 -45.65 -17.26
C LEU A 675 -22.09 -46.10 -18.17
N VAL A 676 -21.13 -46.82 -17.60
CA VAL A 676 -20.08 -47.44 -18.39
C VAL A 676 -20.66 -48.39 -19.42
N GLN A 677 -21.51 -49.30 -18.97
CA GLN A 677 -22.07 -50.33 -19.82
C GLN A 677 -22.98 -49.80 -20.92
N ARG A 678 -23.48 -48.58 -20.75
CA ARG A 678 -24.28 -47.95 -21.80
CA ARG A 678 -24.29 -47.96 -21.80
C ARG A 678 -23.41 -47.06 -22.67
N GLY A 679 -22.10 -47.11 -22.42
CA GLY A 679 -21.14 -46.37 -23.23
C GLY A 679 -21.17 -44.86 -23.09
N TYR A 680 -21.43 -44.37 -21.88
CA TYR A 680 -21.27 -42.94 -21.60
C TYR A 680 -19.80 -42.71 -21.35
N GLU A 681 -19.31 -41.55 -21.78
CA GLU A 681 -17.87 -41.24 -21.68
C GLU A 681 -17.50 -40.53 -20.39
N SER A 682 -16.36 -40.91 -19.82
CA SER A 682 -15.81 -40.20 -18.69
C SER A 682 -15.59 -38.73 -19.10
N ASP A 683 -15.74 -37.82 -18.14
CA ASP A 683 -15.67 -36.40 -18.44
C ASP A 683 -14.64 -36.11 -19.54
N PRO A 684 -15.12 -35.78 -20.76
CA PRO A 684 -14.26 -35.57 -21.93
C PRO A 684 -13.39 -34.32 -21.83
N VAL A 685 -13.90 -33.26 -21.21
CA VAL A 685 -13.12 -32.05 -21.05
C VAL A 685 -11.98 -32.24 -20.04
N LYS A 686 -12.29 -32.85 -18.91
CA LYS A 686 -11.26 -33.18 -17.93
C LYS A 686 -10.25 -34.19 -18.50
N ALA A 687 -10.73 -35.17 -19.25
CA ALA A 687 -9.85 -36.14 -19.90
C ALA A 687 -8.91 -35.46 -20.89
N TRP A 688 -9.42 -34.51 -21.66
CA TRP A 688 -8.60 -33.78 -22.62
C TRP A 688 -7.57 -32.86 -21.96
N LYS A 689 -7.95 -32.20 -20.87
CA LYS A 689 -7.00 -31.33 -20.18
C LYS A 689 -5.92 -32.12 -19.46
N GLU A 690 -6.24 -33.35 -19.08
CA GLU A 690 -5.26 -34.24 -18.49
C GLU A 690 -4.26 -34.70 -19.56
N ALA A 691 -4.78 -35.06 -20.74
CA ALA A 691 -3.92 -35.51 -21.83
C ALA A 691 -2.90 -34.44 -22.24
N GLN A 692 -3.20 -33.17 -21.98
CA GLN A 692 -2.25 -32.11 -22.29
C GLN A 692 -1.21 -31.98 -21.17
N GLU A 693 -0.52 -33.09 -20.88
CA GLU A 693 0.56 -33.12 -19.89
C GLU A 693 0.90 -34.56 -19.46
N GLY A 717 -10.78 -43.41 -11.75
CA GLY A 717 -11.95 -44.07 -12.28
C GLY A 717 -12.77 -43.16 -13.17
N PRO A 718 -13.81 -43.72 -13.81
CA PRO A 718 -14.74 -42.98 -14.67
C PRO A 718 -15.36 -41.81 -13.92
N ASP A 719 -15.44 -40.65 -14.57
CA ASP A 719 -15.93 -39.44 -13.93
C ASP A 719 -17.22 -38.96 -14.60
N PHE A 720 -18.36 -39.26 -13.98
CA PHE A 720 -19.66 -38.93 -14.56
C PHE A 720 -20.33 -37.76 -13.83
N ASN A 721 -19.54 -37.04 -13.03
CA ASN A 721 -20.03 -35.85 -12.35
C ASN A 721 -20.63 -34.78 -13.26
N TYR A 722 -20.07 -34.61 -14.47
CA TYR A 722 -20.58 -33.57 -15.37
C TYR A 722 -22.04 -33.84 -15.78
N ILE A 723 -22.46 -35.08 -15.62
CA ILE A 723 -23.83 -35.47 -15.91
C ILE A 723 -24.71 -35.37 -14.65
N LEU A 724 -24.27 -36.06 -13.60
CA LEU A 724 -25.05 -36.20 -12.38
C LEU A 724 -25.07 -34.97 -11.49
N ASN A 725 -24.19 -34.00 -11.76
CA ASN A 725 -24.23 -32.67 -11.12
C ASN A 725 -25.24 -31.74 -11.78
N MET A 726 -25.73 -32.08 -12.96
CA MET A 726 -26.78 -31.28 -13.55
C MET A 726 -27.96 -31.21 -12.57
N SER A 727 -28.66 -30.08 -12.54
CA SER A 727 -29.80 -29.91 -11.63
C SER A 727 -31.01 -30.69 -12.11
N LEU A 728 -32.01 -30.83 -11.24
CA LEU A 728 -33.28 -31.48 -11.60
C LEU A 728 -34.04 -30.66 -12.66
N TRP A 729 -33.85 -29.34 -12.64
CA TRP A 729 -34.36 -28.50 -13.72
C TRP A 729 -34.02 -29.06 -15.10
N SER A 730 -32.86 -29.72 -15.22
CA SER A 730 -32.41 -30.31 -16.48
C SER A 730 -33.45 -31.21 -17.13
N LEU A 731 -34.24 -31.90 -16.33
CA LEU A 731 -35.19 -32.89 -16.85
C LEU A 731 -36.47 -32.25 -17.37
N THR A 732 -36.62 -30.95 -17.16
CA THR A 732 -37.84 -30.26 -17.57
C THR A 732 -37.82 -29.81 -19.05
N LYS A 733 -39.00 -29.50 -19.57
CA LYS A 733 -39.17 -29.26 -21.01
C LYS A 733 -38.25 -28.19 -21.60
N GLU A 734 -38.36 -26.97 -21.08
CA GLU A 734 -37.58 -25.86 -21.62
C GLU A 734 -36.07 -26.06 -21.48
N LYS A 735 -35.65 -26.76 -20.43
CA LYS A 735 -34.23 -27.03 -20.25
C LYS A 735 -33.75 -28.14 -21.18
N VAL A 736 -34.63 -29.11 -21.46
CA VAL A 736 -34.30 -30.13 -22.45
C VAL A 736 -34.04 -29.48 -23.80
N GLU A 737 -34.95 -28.61 -24.23
CA GLU A 737 -34.81 -27.93 -25.51
C GLU A 737 -33.57 -27.05 -25.55
N GLU A 738 -33.32 -26.33 -24.47
CA GLU A 738 -32.14 -25.45 -24.40
C GLU A 738 -30.84 -26.27 -24.50
N LEU A 739 -30.81 -27.43 -23.85
CA LEU A 739 -29.64 -28.29 -23.90
C LEU A 739 -29.38 -28.83 -25.31
N ILE A 740 -30.44 -29.21 -26.02
CA ILE A 740 -30.28 -29.72 -27.37
C ILE A 740 -29.70 -28.63 -28.29
N LYS A 741 -30.17 -27.40 -28.13
CA LYS A 741 -29.63 -26.27 -28.86
C LYS A 741 -28.14 -26.06 -28.57
N GLN A 742 -27.78 -26.07 -27.29
CA GLN A 742 -26.39 -25.86 -26.90
C GLN A 742 -25.54 -26.92 -27.53
N ARG A 743 -26.01 -28.16 -27.48
CA ARG A 743 -25.26 -29.24 -28.05
C ARG A 743 -25.02 -28.99 -29.53
N ASP A 744 -26.11 -28.71 -30.25
CA ASP A 744 -26.03 -28.51 -31.69
C ASP A 744 -25.17 -27.30 -32.04
N ALA A 745 -25.29 -26.23 -31.25
CA ALA A 745 -24.46 -25.05 -31.45
C ALA A 745 -22.95 -25.33 -31.24
N LYS A 746 -22.62 -26.14 -30.24
CA LYS A 746 -21.23 -26.45 -29.98
C LYS A 746 -20.64 -27.19 -31.18
N GLY A 747 -21.42 -28.10 -31.74
CA GLY A 747 -21.02 -28.83 -32.95
C GLY A 747 -20.77 -27.88 -34.11
N ARG A 748 -21.65 -26.90 -34.29
CA ARG A 748 -21.44 -25.92 -35.35
C ARG A 748 -20.19 -25.09 -35.07
N GLU A 749 -19.89 -24.89 -33.79
CA GLU A 749 -18.78 -24.04 -33.39
C GLU A 749 -17.46 -24.76 -33.68
N VAL A 750 -17.41 -26.06 -33.44
CA VAL A 750 -16.22 -26.84 -33.77
C VAL A 750 -15.88 -26.72 -35.27
N ASN A 751 -16.87 -26.93 -36.13
CA ASN A 751 -16.67 -26.84 -37.58
C ASN A 751 -16.38 -25.42 -38.08
N ASP A 752 -17.03 -24.42 -37.48
CA ASP A 752 -16.69 -23.02 -37.77
C ASP A 752 -15.21 -22.75 -37.50
N LEU A 753 -14.70 -23.26 -36.39
CA LEU A 753 -13.30 -23.02 -36.04
C LEU A 753 -12.36 -23.80 -36.96
N LYS A 754 -12.74 -25.03 -37.26
CA LYS A 754 -11.95 -25.88 -38.16
C LYS A 754 -11.75 -25.30 -39.57
N ARG A 755 -12.70 -24.52 -40.08
CA ARG A 755 -12.49 -23.90 -41.39
CA ARG A 755 -12.51 -23.90 -41.39
C ARG A 755 -11.74 -22.57 -41.34
N LYS A 756 -11.32 -22.16 -40.15
CA LYS A 756 -10.47 -20.98 -40.03
C LYS A 756 -9.00 -21.37 -40.02
N SER A 757 -8.21 -20.67 -40.79
CA SER A 757 -6.77 -20.88 -40.75
C SER A 757 -6.19 -20.05 -39.60
N PRO A 758 -4.97 -20.39 -39.18
CA PRO A 758 -4.27 -19.53 -38.21
C PRO A 758 -4.26 -18.06 -38.68
N SER A 759 -4.04 -17.84 -39.98
CA SER A 759 -4.00 -16.49 -40.53
CA SER A 759 -4.00 -16.50 -40.54
C SER A 759 -5.36 -15.80 -40.39
N ASP A 760 -6.44 -16.54 -40.63
CA ASP A 760 -7.80 -16.03 -40.41
C ASP A 760 -8.00 -15.59 -38.94
N LEU A 761 -7.60 -16.44 -38.01
CA LEU A 761 -7.74 -16.14 -36.58
C LEU A 761 -6.98 -14.87 -36.25
N TRP A 762 -5.75 -14.78 -36.72
CA TRP A 762 -4.94 -13.59 -36.53
C TRP A 762 -5.63 -12.33 -37.10
N LYS A 763 -6.17 -12.42 -38.31
CA LYS A 763 -6.83 -11.26 -38.92
C LYS A 763 -8.07 -10.82 -38.12
N GLU A 764 -8.82 -11.79 -37.62
CA GLU A 764 -9.95 -11.48 -36.75
C GLU A 764 -9.50 -10.66 -35.51
N ASP A 765 -8.42 -11.09 -34.88
CA ASP A 765 -7.87 -10.39 -33.71
C ASP A 765 -7.42 -8.99 -34.10
N LEU A 766 -6.82 -8.87 -35.28
CA LEU A 766 -6.29 -7.59 -35.71
C LEU A 766 -7.43 -6.60 -35.94
N ALA A 767 -8.48 -7.06 -36.62
CA ALA A 767 -9.67 -6.24 -36.87
C ALA A 767 -10.36 -5.79 -35.57
N ALA A 768 -10.54 -6.71 -34.64
CA ALA A 768 -11.16 -6.38 -33.36
C ALA A 768 -10.32 -5.33 -32.62
N PHE A 769 -9.01 -5.45 -32.72
CA PHE A 769 -8.10 -4.50 -32.05
C PHE A 769 -8.18 -3.10 -32.63
N VAL A 770 -8.15 -3.01 -33.96
CA VAL A 770 -8.20 -1.72 -34.63
C VAL A 770 -9.52 -1.00 -34.36
N GLU A 771 -10.61 -1.75 -34.36
CA GLU A 771 -11.93 -1.18 -34.09
C GLU A 771 -11.96 -0.51 -32.70
N GLU A 772 -11.42 -1.19 -31.71
CA GLU A 772 -11.42 -0.63 -30.35
C GLU A 772 -10.39 0.48 -30.25
N LEU A 773 -9.25 0.33 -30.94
CA LEU A 773 -8.23 1.38 -30.94
C LEU A 773 -8.80 2.70 -31.48
N ASP A 774 -9.55 2.63 -32.57
CA ASP A 774 -10.23 3.82 -33.14
C ASP A 774 -11.19 4.43 -32.13
N LYS A 775 -11.97 3.58 -31.48
CA LYS A 775 -12.95 4.02 -30.51
C LYS A 775 -12.27 4.69 -29.32
N VAL A 776 -11.29 3.98 -28.76
CA VAL A 776 -10.54 4.48 -27.61
C VAL A 776 -9.86 5.79 -27.92
N GLU A 777 -9.17 5.87 -29.05
CA GLU A 777 -8.43 7.07 -29.36
C GLU A 777 -9.35 8.25 -29.70
N SER A 778 -10.50 7.98 -30.31
CA SER A 778 -11.39 9.10 -30.64
C SER A 778 -12.11 9.61 -29.39
N GLN A 779 -12.35 8.74 -28.44
CA GLN A 779 -12.89 9.13 -27.14
CA GLN A 779 -12.88 9.12 -27.13
C GLN A 779 -11.88 9.99 -26.38
N GLU A 780 -10.59 9.68 -26.54
CA GLU A 780 -9.52 10.45 -25.86
C GLU A 780 -9.44 11.86 -26.39
N ARG A 781 -9.61 12.01 -27.70
CA ARG A 781 -9.62 13.32 -28.33
C ARG A 781 -10.81 14.19 -27.91
N GLU A 782 -11.95 13.54 -27.65
CA GLU A 782 -13.14 14.22 -27.15
C GLU A 782 -12.87 14.81 -25.77
N ASP A 783 -12.60 13.91 -24.83
CA ASP A 783 -12.36 14.28 -23.44
C ASP A 783 -11.27 15.34 -23.26
N SER B 31 11.29 44.17 -0.07
CA SER B 31 11.65 42.97 0.68
C SER B 31 11.26 41.67 -0.04
N LYS B 32 12.14 40.68 0.00
CA LYS B 32 11.85 39.36 -0.54
C LYS B 32 12.00 38.30 0.56
N ILE B 33 11.63 37.07 0.24
CA ILE B 33 11.74 35.98 1.19
C ILE B 33 12.67 34.90 0.65
N LYS B 34 13.79 34.71 1.33
CA LYS B 34 14.89 33.93 0.76
C LYS B 34 14.91 32.43 1.14
N GLY B 35 14.71 32.13 2.42
CA GLY B 35 14.93 30.77 2.88
C GLY B 35 13.70 29.89 3.08
N ILE B 36 12.69 30.05 2.23
CA ILE B 36 11.46 29.27 2.36
C ILE B 36 11.10 28.60 1.04
N PRO B 37 11.69 27.43 0.78
CA PRO B 37 11.56 26.68 -0.47
C PRO B 37 10.12 26.45 -0.93
N LYS B 38 9.22 26.23 0.02
CA LYS B 38 7.85 25.85 -0.34
C LYS B 38 6.92 27.03 -0.62
N LEU B 39 7.40 28.26 -0.45
CA LEU B 39 6.60 29.45 -0.74
C LEU B 39 6.63 29.83 -2.22
N ASP B 40 5.45 30.08 -2.78
CA ASP B 40 5.36 30.78 -4.07
C ASP B 40 4.92 32.22 -3.78
N ASP B 41 5.87 33.14 -3.76
CA ASP B 41 5.59 34.50 -3.32
C ASP B 41 4.88 35.25 -4.44
N ALA B 42 3.90 36.08 -4.11
CA ALA B 42 3.23 36.87 -5.13
C ALA B 42 4.23 37.87 -5.70
N ASN B 43 4.22 38.06 -7.02
CA ASN B 43 5.18 38.97 -7.63
C ASN B 43 5.26 40.34 -6.93
N ASP B 44 4.11 40.86 -6.50
CA ASP B 44 4.05 42.20 -5.91
C ASP B 44 4.13 42.27 -4.38
N ALA B 45 4.35 41.13 -3.73
CA ALA B 45 4.43 41.10 -2.27
C ALA B 45 5.69 41.81 -1.79
N GLY B 46 5.54 42.67 -0.78
CA GLY B 46 6.67 43.38 -0.22
C GLY B 46 6.94 44.70 -0.93
N GLY B 47 6.23 44.93 -2.03
CA GLY B 47 6.32 46.19 -2.76
C GLY B 47 5.23 47.19 -2.43
N LYS B 48 4.90 48.04 -3.40
CA LYS B 48 3.94 49.13 -3.21
C LYS B 48 2.49 48.63 -3.16
N HIS B 49 2.21 47.55 -3.90
CA HIS B 49 0.88 46.94 -3.91
C HIS B 49 0.78 45.76 -2.91
N SER B 50 1.59 45.82 -1.85
CA SER B 50 1.59 44.77 -0.83
C SER B 50 0.19 44.45 -0.31
N LEU B 51 -0.50 45.48 0.16
CA LEU B 51 -1.81 45.34 0.79
C LEU B 51 -2.87 44.78 -0.16
N GLU B 52 -2.62 44.83 -1.46
CA GLU B 52 -3.56 44.25 -2.41
C GLU B 52 -3.19 42.81 -2.71
N CYS B 53 -2.12 42.32 -2.08
CA CYS B 53 -1.68 40.95 -2.27
C CYS B 53 -2.32 40.01 -1.25
N THR B 54 -2.62 38.80 -1.70
CA THR B 54 -3.25 37.79 -0.84
C THR B 54 -2.32 36.60 -0.68
N LEU B 55 -2.06 36.22 0.57
CA LEU B 55 -1.35 34.97 0.81
C LEU B 55 -2.35 33.82 0.99
N ILE B 56 -2.34 32.86 0.08
CA ILE B 56 -3.15 31.65 0.23
C ILE B 56 -2.42 30.56 1.04
N LEU B 57 -2.97 30.21 2.19
CA LEU B 57 -2.44 29.10 2.99
C LEU B 57 -3.24 27.85 2.70
N THR B 58 -2.58 26.80 2.21
CA THR B 58 -3.28 25.57 1.82
C THR B 58 -3.09 24.42 2.81
N GLU B 59 -4.05 23.50 2.82
CA GLU B 59 -3.93 22.25 3.57
C GLU B 59 -3.04 21.24 2.84
N GLY B 60 -1.73 21.34 3.05
CA GLY B 60 -0.81 20.39 2.46
C GLY B 60 -0.27 20.79 1.11
N ASP B 61 0.78 20.11 0.67
CA ASP B 61 1.53 20.44 -0.54
C ASP B 61 0.74 20.14 -1.80
N SER B 62 -0.07 19.08 -1.76
CA SER B 62 -0.91 18.72 -2.89
C SER B 62 -1.92 19.82 -3.18
N ALA B 63 -2.55 20.34 -2.12
CA ALA B 63 -3.48 21.46 -2.26
C ALA B 63 -2.78 22.73 -2.77
N LYS B 64 -1.52 22.90 -2.42
CA LYS B 64 -0.77 24.01 -2.97
C LYS B 64 -0.70 23.90 -4.50
N SER B 65 -0.32 22.72 -4.99
CA SER B 65 -0.22 22.50 -6.44
C SER B 65 -1.50 22.87 -7.17
N LEU B 66 -2.64 22.49 -6.61
CA LEU B 66 -3.92 22.79 -7.24
CA LEU B 66 -3.94 22.79 -7.22
C LEU B 66 -4.19 24.30 -7.30
N ALA B 67 -3.76 25.02 -6.28
CA ALA B 67 -3.94 26.47 -6.23
C ALA B 67 -2.95 27.18 -7.15
N VAL B 68 -1.71 26.71 -7.15
CA VAL B 68 -0.67 27.26 -8.01
C VAL B 68 -1.03 27.06 -9.49
N SER B 69 -1.73 25.97 -9.77
CA SER B 69 -2.18 25.67 -11.13
C SER B 69 -3.42 26.48 -11.50
N GLY B 70 -4.33 26.62 -10.55
CA GLY B 70 -5.56 27.36 -10.77
C GLY B 70 -5.33 28.85 -10.92
N LEU B 71 -4.24 29.34 -10.34
CA LEU B 71 -3.91 30.75 -10.42
C LEU B 71 -3.37 31.09 -11.81
N GLY B 72 -2.70 30.12 -12.42
CA GLY B 72 -2.08 30.34 -13.72
C GLY B 72 -0.97 31.35 -13.62
N VAL B 73 -0.53 31.87 -14.76
CA VAL B 73 0.52 32.88 -14.81
C VAL B 73 0.02 34.24 -14.31
N ILE B 74 -1.24 34.53 -14.61
CA ILE B 74 -1.83 35.83 -14.29
C ILE B 74 -2.09 36.01 -12.79
N GLY B 75 -2.34 34.90 -12.11
CA GLY B 75 -2.56 34.93 -10.67
C GLY B 75 -1.28 35.12 -9.86
N ARG B 76 -0.13 34.83 -10.47
CA ARG B 76 1.15 34.93 -9.78
C ARG B 76 1.45 36.35 -9.28
N ASP B 77 0.77 37.35 -9.85
CA ASP B 77 1.05 38.73 -9.51
C ASP B 77 0.58 39.14 -8.13
N ARG B 78 -0.68 38.84 -7.81
CA ARG B 78 -1.27 39.30 -6.55
C ARG B 78 -1.59 38.19 -5.54
N TYR B 79 -1.26 36.94 -5.89
CA TYR B 79 -1.48 35.83 -5.00
C TYR B 79 -0.22 35.06 -4.70
N GLY B 80 0.06 34.88 -3.40
CA GLY B 80 1.08 33.94 -2.98
C GLY B 80 0.44 32.66 -2.49
N VAL B 81 1.20 31.57 -2.53
CA VAL B 81 0.73 30.30 -2.03
C VAL B 81 1.78 29.64 -1.14
N PHE B 82 1.34 29.16 0.02
CA PHE B 82 2.23 28.47 0.95
C PHE B 82 1.47 27.34 1.65
N PRO B 83 2.05 26.14 1.66
CA PRO B 83 1.36 24.98 2.20
C PRO B 83 1.58 24.81 3.70
N LEU B 84 0.49 24.55 4.41
CA LEU B 84 0.56 24.15 5.82
C LEU B 84 0.66 22.62 5.89
N ARG B 85 1.37 22.10 6.89
CA ARG B 85 1.50 20.65 7.02
CA ARG B 85 1.53 20.65 7.05
C ARG B 85 0.49 20.03 7.99
N GLY B 86 -0.77 20.47 7.90
CA GLY B 86 -1.79 19.94 8.79
C GLY B 86 -2.07 20.83 9.99
N LYS B 87 -2.37 20.23 11.15
CA LYS B 87 -2.71 21.02 12.35
C LYS B 87 -1.61 22.02 12.76
N ILE B 88 -2.01 23.27 12.97
CA ILE B 88 -1.15 24.40 13.38
C ILE B 88 -1.04 24.48 14.91
N LEU B 89 0.12 24.87 15.41
CA LEU B 89 0.31 25.07 16.85
C LEU B 89 -0.83 25.93 17.39
N ASN B 90 -1.43 25.51 18.49
CA ASN B 90 -2.37 26.36 19.21
C ASN B 90 -1.55 27.31 20.09
N VAL B 91 -1.34 28.53 19.61
CA VAL B 91 -0.41 29.44 20.26
C VAL B 91 -0.97 30.04 21.54
N ARG B 92 -2.28 29.95 21.73
CA ARG B 92 -2.90 30.44 22.94
C ARG B 92 -2.46 29.50 24.07
N GLU B 93 -1.77 30.08 25.03
CA GLU B 93 -1.23 29.32 26.17
C GLU B 93 -0.11 28.32 25.84
N ALA B 94 0.35 28.25 24.60
CA ALA B 94 1.57 27.49 24.29
C ALA B 94 2.76 28.14 25.01
N SER B 95 3.79 27.36 25.30
CA SER B 95 4.95 27.92 25.96
C SER B 95 5.68 28.85 24.99
N HIS B 96 6.45 29.78 25.53
CA HIS B 96 7.26 30.68 24.73
C HIS B 96 8.26 29.92 23.84
N LYS B 97 8.91 28.91 24.40
CA LYS B 97 9.85 28.09 23.66
C LYS B 97 9.22 27.39 22.44
N GLN B 98 8.11 26.69 22.68
CA GLN B 98 7.43 25.96 21.61
C GLN B 98 6.99 26.92 20.50
N ILE B 99 6.57 28.12 20.87
CA ILE B 99 6.18 29.13 19.88
C ILE B 99 7.36 29.66 19.07
N MET B 100 8.43 30.05 19.75
CA MET B 100 9.59 30.62 19.05
C MET B 100 10.23 29.58 18.13
N GLU B 101 10.10 28.31 18.49
CA GLU B 101 10.75 27.24 17.74
C GLU B 101 9.86 26.65 16.66
N ASN B 102 8.63 27.12 16.54
CA ASN B 102 7.71 26.54 15.59
C ASN B 102 8.00 27.04 14.19
N ALA B 103 8.52 26.17 13.36
CA ALA B 103 8.98 26.55 12.04
C ALA B 103 7.83 27.05 11.17
N GLU B 104 6.65 26.46 11.31
CA GLU B 104 5.55 26.84 10.44
C GLU B 104 5.07 28.25 10.74
N ILE B 105 4.83 28.54 12.01
CA ILE B 105 4.37 29.86 12.40
CA ILE B 105 4.34 29.87 12.33
C ILE B 105 5.40 30.93 12.06
N ASN B 106 6.67 30.58 12.28
CA ASN B 106 7.78 31.49 11.96
C ASN B 106 7.86 31.80 10.48
N ASN B 107 7.54 30.79 9.67
CA ASN B 107 7.45 30.98 8.22
C ASN B 107 6.32 31.93 7.83
N ILE B 108 5.15 31.74 8.42
CA ILE B 108 4.01 32.59 8.10
C ILE B 108 4.32 34.03 8.49
N ILE B 109 4.85 34.20 9.70
CA ILE B 109 5.28 35.50 10.20
C ILE B 109 6.27 36.18 9.23
N LYS B 110 7.24 35.42 8.74
CA LYS B 110 8.25 35.95 7.82
C LYS B 110 7.65 36.32 6.45
N ILE B 111 6.78 35.46 5.94
CA ILE B 111 6.19 35.67 4.65
C ILE B 111 5.30 36.91 4.60
N VAL B 112 4.61 37.17 5.71
CA VAL B 112 3.64 38.25 5.78
C VAL B 112 4.25 39.55 6.31
N GLY B 113 5.33 39.44 7.06
CA GLY B 113 6.01 40.61 7.58
C GLY B 113 5.49 41.02 8.94
N LEU B 114 4.84 40.08 9.63
CA LEU B 114 4.24 40.35 10.92
C LEU B 114 5.30 40.55 12.01
N GLN B 115 4.94 41.30 13.04
CA GLN B 115 5.80 41.48 14.20
C GLN B 115 5.02 41.25 15.48
N TYR B 116 5.52 40.38 16.33
CA TYR B 116 4.89 40.21 17.63
C TYR B 116 4.77 41.56 18.34
N LYS B 117 3.65 41.74 19.05
CA LYS B 117 3.42 42.91 19.87
C LYS B 117 3.06 44.20 19.10
N LYS B 118 3.10 44.16 17.78
CA LYS B 118 2.74 45.34 17.01
C LYS B 118 1.22 45.44 16.85
N SER B 119 0.71 46.66 16.97
CA SER B 119 -0.71 46.91 16.82
C SER B 119 -0.99 47.46 15.42
N TYR B 120 -1.87 46.80 14.70
CA TYR B 120 -2.17 47.17 13.32
C TYR B 120 -3.51 47.92 13.18
N ASP B 121 -3.62 49.03 13.92
CA ASP B 121 -4.82 49.87 13.87
C ASP B 121 -4.73 50.93 12.76
N ASP B 122 -3.65 51.72 12.79
CA ASP B 122 -3.40 52.75 11.79
C ASP B 122 -3.52 52.16 10.38
N ALA B 123 -3.97 52.97 9.43
CA ALA B 123 -3.84 52.59 8.03
C ALA B 123 -2.36 52.71 7.64
N GLU B 124 -1.57 53.24 8.57
CA GLU B 124 -0.15 53.47 8.35
C GLU B 124 0.69 52.36 8.95
N SER B 125 0.19 51.74 10.01
CA SER B 125 0.89 50.61 10.63
C SER B 125 0.86 49.41 9.69
N LEU B 126 -0.04 49.45 8.72
CA LEU B 126 -0.19 48.35 7.76
C LEU B 126 0.92 48.34 6.73
N LYS B 127 1.64 49.44 6.62
CA LYS B 127 2.62 49.62 5.56
C LYS B 127 3.84 48.70 5.71
N THR B 128 3.95 48.09 6.89
CA THR B 128 5.08 47.21 7.17
C THR B 128 4.76 45.73 6.86
N LEU B 129 3.65 45.49 6.15
CA LEU B 129 3.20 44.13 5.80
C LEU B 129 3.45 43.84 4.34
N ARG B 130 3.90 42.62 4.03
CA ARG B 130 4.14 42.21 2.65
C ARG B 130 2.87 41.74 1.93
N TYR B 131 1.84 41.39 2.72
CA TYR B 131 0.56 40.90 2.20
C TYR B 131 -0.56 41.57 2.95
N GLY B 132 -1.67 41.83 2.26
CA GLY B 132 -2.78 42.52 2.87
C GLY B 132 -3.83 41.60 3.47
N LYS B 133 -3.87 40.36 3.00
CA LYS B 133 -4.78 39.38 3.58
C LYS B 133 -4.26 37.96 3.46
N ILE B 134 -4.82 37.06 4.27
CA ILE B 134 -4.54 35.65 4.16
C ILE B 134 -5.81 34.93 3.76
N MET B 135 -5.76 34.15 2.70
CA MET B 135 -6.90 33.34 2.32
C MET B 135 -6.64 31.86 2.66
N ILE B 136 -7.44 31.29 3.56
CA ILE B 136 -7.25 29.90 3.96
CA ILE B 136 -7.28 29.91 3.96
C ILE B 136 -7.94 28.97 2.97
N MET B 137 -7.19 27.99 2.47
CA MET B 137 -7.75 27.01 1.56
C MET B 137 -7.52 25.58 2.03
N THR B 138 -8.53 25.01 2.69
CA THR B 138 -8.49 23.61 3.19
C THR B 138 -9.51 22.70 2.51
N ASP B 139 -9.44 21.40 2.78
CA ASP B 139 -10.54 20.49 2.45
C ASP B 139 -11.82 21.02 3.06
N GLN B 140 -12.94 20.83 2.38
CA GLN B 140 -14.23 21.21 2.93
CA GLN B 140 -14.20 21.25 2.99
C GLN B 140 -14.74 20.11 3.87
N ASP B 141 -13.94 19.71 4.85
CA ASP B 141 -14.35 18.70 5.80
C ASP B 141 -14.05 19.22 7.21
N GLN B 142 -14.32 18.38 8.21
CA GLN B 142 -14.20 18.82 9.59
C GLN B 142 -12.76 19.13 10.01
N ASP B 143 -11.79 18.33 9.56
CA ASP B 143 -10.40 18.61 9.89
C ASP B 143 -9.92 19.91 9.22
N GLY B 144 -10.41 20.18 8.01
CA GLY B 144 -10.25 21.48 7.36
C GLY B 144 -10.74 22.61 8.25
N SER B 145 -11.94 22.47 8.84
CA SER B 145 -12.46 23.50 9.74
C SER B 145 -11.57 23.71 10.96
N HIS B 146 -11.00 22.63 11.47
CA HIS B 146 -10.13 22.74 12.62
C HIS B 146 -8.94 23.63 12.27
N ILE B 147 -8.35 23.38 11.11
CA ILE B 147 -7.21 24.15 10.64
C ILE B 147 -7.55 25.64 10.42
N LYS B 148 -8.71 25.92 9.83
CA LYS B 148 -9.17 27.31 9.71
C LYS B 148 -9.24 27.95 11.09
N GLY B 149 -9.82 27.25 12.06
CA GLY B 149 -9.93 27.78 13.42
C GLY B 149 -8.59 28.05 14.10
N LEU B 150 -7.63 27.14 13.93
CA LEU B 150 -6.30 27.31 14.51
C LEU B 150 -5.56 28.51 13.90
N LEU B 151 -5.73 28.71 12.61
CA LEU B 151 -5.22 29.92 11.96
C LEU B 151 -5.90 31.19 12.52
N ILE B 152 -7.22 31.16 12.60
CA ILE B 152 -7.98 32.26 13.19
C ILE B 152 -7.50 32.52 14.61
N ASN B 153 -7.33 31.44 15.38
CA ASN B 153 -6.82 31.53 16.76
C ASN B 153 -5.45 32.22 16.82
N PHE B 154 -4.59 31.88 15.87
CA PHE B 154 -3.23 32.42 15.81
C PHE B 154 -3.24 33.95 15.57
N ILE B 155 -4.03 34.40 14.62
CA ILE B 155 -4.13 35.83 14.35
C ILE B 155 -4.83 36.56 15.50
N HIS B 156 -5.88 35.95 16.05
CA HIS B 156 -6.67 36.57 17.12
C HIS B 156 -5.85 36.79 18.39
N HIS B 157 -5.05 35.79 18.76
CA HIS B 157 -4.22 35.86 19.96
C HIS B 157 -3.13 36.95 19.92
N ASN B 158 -2.45 37.05 18.78
CA ASN B 158 -1.29 37.93 18.62
C ASN B 158 -1.68 39.31 18.08
N TRP B 159 -2.62 39.34 17.13
CA TRP B 159 -2.98 40.57 16.42
C TRP B 159 -4.49 40.78 16.25
N PRO B 160 -5.21 40.94 17.37
CA PRO B 160 -6.66 41.12 17.27
C PRO B 160 -7.01 42.27 16.33
N SER B 161 -6.19 43.32 16.36
CA SER B 161 -6.42 44.50 15.55
C SER B 161 -6.54 44.13 14.09
N LEU B 162 -5.77 43.14 13.66
CA LEU B 162 -5.78 42.75 12.27
C LEU B 162 -7.16 42.26 11.82
N LEU B 163 -7.87 41.58 12.71
CA LEU B 163 -9.17 41.03 12.36
C LEU B 163 -10.22 42.10 12.08
N LYS B 164 -10.01 43.29 12.65
CA LYS B 164 -10.95 44.39 12.48
C LYS B 164 -10.89 44.94 11.07
N HIS B 165 -9.79 44.67 10.36
CA HIS B 165 -9.62 45.13 8.98
C HIS B 165 -10.03 44.08 7.96
N GLY B 166 -10.52 42.94 8.44
CA GLY B 166 -10.87 41.87 7.53
C GLY B 166 -9.62 41.30 6.93
N PHE B 167 -8.77 40.75 7.78
CA PHE B 167 -7.48 40.23 7.34
C PHE B 167 -7.64 38.82 6.77
N LEU B 168 -8.58 38.05 7.32
CA LEU B 168 -8.78 36.63 7.00
C LEU B 168 -9.95 36.35 6.07
N GLU B 169 -9.73 35.43 5.14
CA GLU B 169 -10.73 34.99 4.18
C GLU B 169 -10.53 33.49 4.00
N GLU B 170 -11.46 32.85 3.30
CA GLU B 170 -11.33 31.44 2.95
C GLU B 170 -11.76 31.16 1.52
N PHE B 171 -11.15 30.15 0.91
CA PHE B 171 -11.56 29.71 -0.42
C PHE B 171 -12.22 28.32 -0.33
N ILE B 172 -13.55 28.27 -0.50
CA ILE B 172 -14.25 27.00 -0.38
C ILE B 172 -14.34 26.23 -1.70
N THR B 173 -14.27 24.90 -1.59
CA THR B 173 -14.38 24.01 -2.74
C THR B 173 -15.49 22.98 -2.50
N PRO B 174 -15.73 22.07 -3.46
CA PRO B 174 -16.79 21.06 -3.30
C PRO B 174 -16.32 19.88 -2.46
N ALA B 219 -7.75 19.84 -11.46
CA ALA B 219 -6.73 20.55 -12.23
C ALA B 219 -7.35 21.47 -13.29
N LYS B 220 -8.26 20.92 -14.09
CA LYS B 220 -9.11 21.75 -14.94
C LYS B 220 -10.14 22.38 -14.04
N GLU B 221 -10.64 21.59 -13.09
CA GLU B 221 -11.56 22.06 -12.06
C GLU B 221 -10.90 23.14 -11.21
N ALA B 222 -9.58 23.06 -11.08
CA ALA B 222 -8.82 24.05 -10.34
C ALA B 222 -8.87 25.41 -11.04
N LYS B 223 -8.51 25.41 -12.32
CA LYS B 223 -8.46 26.64 -13.11
C LYS B 223 -9.86 27.25 -13.21
N GLU B 224 -10.88 26.39 -13.18
CA GLU B 224 -12.27 26.84 -13.17
C GLU B 224 -12.65 27.52 -11.86
N TYR B 225 -12.35 26.84 -10.74
CA TYR B 225 -12.65 27.40 -9.42
C TYR B 225 -12.06 28.80 -9.28
N PHE B 226 -10.82 28.97 -9.73
CA PHE B 226 -10.13 30.23 -9.58
C PHE B 226 -10.61 31.33 -10.52
N ALA B 227 -11.12 30.96 -11.69
CA ALA B 227 -11.71 31.93 -12.60
C ALA B 227 -13.01 32.50 -12.02
N ASP B 228 -13.69 31.67 -11.24
CA ASP B 228 -14.93 32.05 -10.58
C ASP B 228 -14.63 32.34 -9.11
N MET B 229 -13.44 32.87 -8.83
CA MET B 229 -12.96 32.93 -7.46
C MET B 229 -13.90 33.67 -6.51
N GLU B 230 -14.58 34.70 -6.99
CA GLU B 230 -15.41 35.52 -6.12
C GLU B 230 -16.70 34.80 -5.71
N ARG B 231 -16.94 33.61 -6.25
CA ARG B 231 -18.06 32.80 -5.81
C ARG B 231 -17.62 31.76 -4.77
N HIS B 232 -16.32 31.53 -4.70
CA HIS B 232 -15.75 30.57 -3.76
C HIS B 232 -15.08 31.25 -2.58
N ARG B 233 -15.04 32.58 -2.62
CA ARG B 233 -14.36 33.39 -1.63
C ARG B 233 -15.32 33.94 -0.56
N ILE B 234 -15.04 33.60 0.70
CA ILE B 234 -15.84 34.05 1.83
C ILE B 234 -14.95 34.84 2.77
N LEU B 235 -15.46 35.93 3.30
CA LEU B 235 -14.67 36.78 4.18
CA LEU B 235 -14.68 36.80 4.19
C LEU B 235 -15.09 36.64 5.63
N PHE B 236 -14.10 36.44 6.50
CA PHE B 236 -14.40 36.39 7.92
C PHE B 236 -14.62 37.80 8.40
N ARG B 237 -15.57 37.95 9.31
CA ARG B 237 -15.98 39.26 9.77
C ARG B 237 -16.02 39.27 11.29
N TYR B 238 -15.33 40.24 11.87
CA TYR B 238 -15.41 40.48 13.30
C TYR B 238 -16.55 41.47 13.60
N ALA B 239 -17.54 41.01 14.35
CA ALA B 239 -18.72 41.83 14.63
C ALA B 239 -18.74 42.43 16.03
N GLY B 240 -18.22 41.69 17.00
CA GLY B 240 -18.21 42.18 18.38
C GLY B 240 -17.54 41.21 19.35
N PRO B 241 -17.69 41.46 20.65
CA PRO B 241 -17.06 40.65 21.70
C PRO B 241 -17.53 39.20 21.74
N GLU B 242 -18.63 38.88 21.05
CA GLU B 242 -19.07 37.49 20.99
C GLU B 242 -18.14 36.68 20.09
N ASP B 243 -17.52 37.35 19.12
CA ASP B 243 -16.49 36.73 18.28
C ASP B 243 -15.27 36.33 19.10
N ASP B 244 -14.87 37.20 20.02
CA ASP B 244 -13.74 36.92 20.90
C ASP B 244 -14.05 35.75 21.82
N ALA B 245 -15.30 35.71 22.30
CA ALA B 245 -15.72 34.70 23.25
C ALA B 245 -15.82 33.33 22.59
N ALA B 246 -16.25 33.30 21.34
CA ALA B 246 -16.35 32.07 20.59
C ALA B 246 -14.97 31.44 20.31
N ILE B 247 -14.02 32.25 19.85
CA ILE B 247 -12.67 31.80 19.53
C ILE B 247 -11.98 31.29 20.80
N THR B 248 -12.11 32.04 21.89
CA THR B 248 -11.57 31.64 23.18
C THR B 248 -12.21 30.35 23.70
N LEU B 249 -13.52 30.22 23.52
CA LEU B 249 -14.23 29.01 23.89
C LEU B 249 -13.64 27.80 23.18
N ALA B 250 -13.35 27.94 21.90
CA ALA B 250 -12.85 26.82 21.10
C ALA B 250 -11.38 26.47 21.43
N PHE B 251 -10.56 27.45 21.80
CA PHE B 251 -9.11 27.26 21.79
C PHE B 251 -8.36 27.49 23.09
N SER B 252 -9.03 28.06 24.08
CA SER B 252 -8.37 28.29 25.36
C SER B 252 -8.37 27.06 26.28
N LYS B 253 -7.19 26.74 26.81
CA LYS B 253 -7.06 25.61 27.72
C LYS B 253 -7.79 25.87 29.04
N LYS B 254 -8.23 27.11 29.26
CA LYS B 254 -9.00 27.43 30.46
C LYS B 254 -10.50 27.23 30.26
N LYS B 255 -10.90 26.90 29.04
CA LYS B 255 -12.32 26.77 28.73
C LYS B 255 -12.80 25.32 28.50
N ILE B 256 -12.10 24.35 29.06
CA ILE B 256 -12.49 22.95 28.90
C ILE B 256 -13.93 22.70 29.31
N ASP B 257 -14.33 23.19 30.49
CA ASP B 257 -15.70 23.00 30.98
C ASP B 257 -16.72 23.67 30.08
N ASP B 258 -16.39 24.86 29.60
CA ASP B 258 -17.26 25.54 28.65
C ASP B 258 -17.44 24.70 27.39
N ARG B 259 -16.38 24.05 26.92
CA ARG B 259 -16.49 23.16 25.77
C ARG B 259 -17.39 21.94 26.06
N LYS B 260 -17.29 21.38 27.26
CA LYS B 260 -18.20 20.28 27.63
C LYS B 260 -19.66 20.71 27.55
N GLU B 261 -19.96 21.90 28.05
CA GLU B 261 -21.32 22.43 28.02
C GLU B 261 -21.74 22.72 26.58
N TRP B 262 -20.85 23.38 25.85
CA TRP B 262 -21.03 23.70 24.43
C TRP B 262 -21.43 22.47 23.62
N LEU B 263 -20.74 21.36 23.86
CA LEU B 263 -20.97 20.14 23.09
C LEU B 263 -22.15 19.33 23.59
N THR B 264 -22.39 19.38 24.90
CA THR B 264 -23.58 18.79 25.49
C THR B 264 -24.83 19.42 24.87
N ASN B 265 -24.87 20.74 24.81
CA ASN B 265 -25.99 21.39 24.14
C ASN B 265 -26.11 21.00 22.67
N PHE B 266 -24.99 20.89 21.96
CA PHE B 266 -25.02 20.52 20.54
C PHE B 266 -25.57 19.12 20.32
N MET B 267 -25.14 18.17 21.14
CA MET B 267 -25.56 16.79 21.00
C MET B 267 -27.03 16.64 21.35
N GLU B 268 -27.46 17.32 22.40
CA GLU B 268 -28.84 17.29 22.83
C GLU B 268 -29.75 17.88 21.76
N ASP B 269 -29.39 19.06 21.29
CA ASP B 269 -30.17 19.70 20.25
C ASP B 269 -30.28 18.85 19.00
N ARG B 270 -29.19 18.21 18.60
CA ARG B 270 -29.21 17.41 17.39
C ARG B 270 -30.08 16.18 17.59
N ARG B 271 -30.04 15.63 18.80
CA ARG B 271 -30.87 14.49 19.17
C ARG B 271 -32.34 14.84 18.97
N GLN B 272 -32.73 16.00 19.49
CA GLN B 272 -34.10 16.48 19.36
C GLN B 272 -34.52 16.64 17.89
N ARG B 273 -33.67 17.28 17.10
CA ARG B 273 -33.94 17.43 15.68
C ARG B 273 -34.20 16.08 15.02
N ARG B 274 -33.64 15.02 15.59
CA ARG B 274 -33.77 13.69 14.99
C ARG B 274 -35.03 12.94 15.42
N LEU B 275 -35.62 13.36 16.55
CA LEU B 275 -36.92 12.85 16.94
C LEU B 275 -38.00 13.49 16.07
N HIS B 276 -37.58 14.48 15.28
CA HIS B 276 -38.47 15.16 14.34
C HIS B 276 -37.80 15.27 12.97
N GLY B 277 -37.69 16.48 12.46
CA GLY B 277 -37.01 16.75 11.20
C GLY B 277 -36.19 18.02 11.25
N THR B 288 -24.50 34.78 1.84
CA THR B 288 -23.50 35.32 2.78
C THR B 288 -22.08 35.25 2.22
N LYS B 289 -21.57 36.41 1.83
CA LYS B 289 -20.20 36.58 1.39
C LYS B 289 -19.35 36.61 2.64
N HIS B 290 -20.00 36.94 3.74
CA HIS B 290 -19.34 37.23 4.99
C HIS B 290 -19.78 36.23 6.05
N LEU B 291 -18.90 35.95 7.01
CA LEU B 291 -19.19 34.96 8.04
C LEU B 291 -18.46 35.38 9.28
N THR B 292 -19.21 35.58 10.35
CA THR B 292 -18.62 36.03 11.59
C THR B 292 -17.84 34.89 12.23
N TYR B 293 -16.91 35.24 13.11
CA TYR B 293 -16.16 34.21 13.81
C TYR B 293 -17.06 33.43 14.75
N ASN B 294 -18.05 34.14 15.32
CA ASN B 294 -19.02 33.50 16.20
C ASN B 294 -19.77 32.39 15.48
N ASP B 295 -20.24 32.67 14.27
CA ASP B 295 -20.95 31.68 13.46
C ASP B 295 -20.03 30.59 12.92
N PHE B 296 -18.80 30.95 12.54
CA PHE B 296 -17.86 29.93 12.10
C PHE B 296 -17.63 28.93 13.25
N ILE B 297 -17.36 29.45 14.44
CA ILE B 297 -17.08 28.59 15.58
C ILE B 297 -18.28 27.74 15.97
N ASN B 298 -19.45 28.38 16.12
CA ASN B 298 -20.65 27.72 16.61
C ASN B 298 -21.43 26.92 15.59
N LYS B 299 -21.15 27.11 14.31
CA LYS B 299 -21.89 26.39 13.29
C LYS B 299 -21.02 25.49 12.44
N GLU B 300 -19.72 25.76 12.41
CA GLU B 300 -18.83 24.95 11.58
C GLU B 300 -17.78 24.18 12.40
N LEU B 301 -17.04 24.90 13.22
CA LEU B 301 -15.99 24.25 14.00
C LEU B 301 -16.57 23.22 14.96
N ILE B 302 -17.74 23.51 15.51
CA ILE B 302 -18.38 22.62 16.47
C ILE B 302 -18.57 21.25 15.85
N LEU B 303 -18.70 21.22 14.53
CA LEU B 303 -18.92 19.97 13.84
C LEU B 303 -17.64 19.13 13.89
N PHE B 304 -16.48 19.79 13.79
CA PHE B 304 -15.22 19.09 14.00
C PHE B 304 -15.09 18.59 15.44
N SER B 305 -15.36 19.47 16.40
CA SER B 305 -15.22 19.09 17.79
C SER B 305 -16.07 17.83 18.11
N ASN B 306 -17.28 17.78 17.59
CA ASN B 306 -18.15 16.63 17.80
C ASN B 306 -17.63 15.38 17.08
N SER B 307 -17.20 15.53 15.83
CA SER B 307 -16.58 14.42 15.09
C SER B 307 -15.31 13.91 15.76
N ASP B 308 -14.51 14.82 16.30
CA ASP B 308 -13.34 14.46 17.09
C ASP B 308 -13.73 13.47 18.22
N ASN B 309 -14.80 13.78 18.94
CA ASN B 309 -15.26 12.86 20.00
C ASN B 309 -15.77 11.52 19.44
N GLU B 310 -16.55 11.58 18.37
CA GLU B 310 -17.07 10.37 17.76
C GLU B 310 -15.97 9.43 17.26
N ARG B 311 -14.86 9.98 16.79
CA ARG B 311 -13.78 9.13 16.31
C ARG B 311 -12.76 8.76 17.40
N SER B 312 -12.74 9.53 18.49
CA SER B 312 -11.66 9.38 19.48
C SER B 312 -12.10 8.71 20.78
N ILE B 313 -13.40 8.72 21.05
CA ILE B 313 -13.93 8.19 22.30
C ILE B 313 -14.65 6.85 22.06
N PRO B 314 -14.23 5.79 22.75
CA PRO B 314 -14.73 4.44 22.45
C PRO B 314 -16.20 4.19 22.84
N SER B 315 -16.78 3.14 22.26
CA SER B 315 -18.08 2.65 22.64
C SER B 315 -17.94 1.70 23.83
N LEU B 316 -18.83 1.85 24.79
CA LEU B 316 -18.90 0.94 25.93
C LEU B 316 -19.18 -0.47 25.44
N VAL B 317 -19.98 -0.57 24.37
CA VAL B 317 -20.44 -1.87 23.92
C VAL B 317 -19.32 -2.79 23.43
N ASP B 318 -18.51 -2.34 22.46
CA ASP B 318 -17.45 -3.22 21.94
C ASP B 318 -16.04 -2.76 22.30
N GLY B 319 -15.92 -1.64 23.00
CA GLY B 319 -14.62 -1.08 23.30
C GLY B 319 -13.89 -0.44 22.12
N PHE B 320 -14.56 -0.37 20.97
CA PHE B 320 -13.93 0.16 19.75
C PHE B 320 -14.26 1.64 19.50
N LYS B 321 -13.38 2.30 18.75
CA LYS B 321 -13.76 3.52 18.06
C LYS B 321 -14.10 3.13 16.60
N PRO B 322 -14.66 4.06 15.82
CA PRO B 322 -15.10 3.69 14.47
C PRO B 322 -13.99 3.18 13.54
N GLY B 323 -12.78 3.74 13.60
CA GLY B 323 -11.70 3.27 12.76
C GLY B 323 -11.28 1.85 13.08
N GLN B 324 -11.09 1.55 14.36
CA GLN B 324 -10.80 0.19 14.82
C GLN B 324 -11.89 -0.76 14.39
N ARG B 325 -13.14 -0.31 14.53
CA ARG B 325 -14.27 -1.16 14.21
C ARG B 325 -14.29 -1.49 12.72
N LYS B 326 -14.01 -0.50 11.88
CA LYS B 326 -13.89 -0.72 10.42
C LYS B 326 -12.79 -1.73 10.09
N VAL B 327 -11.69 -1.67 10.82
CA VAL B 327 -10.65 -2.66 10.63
C VAL B 327 -11.15 -4.07 10.92
N LEU B 328 -11.87 -4.26 12.04
CA LEU B 328 -12.34 -5.60 12.40
C LEU B 328 -13.43 -6.07 11.43
N PHE B 329 -14.33 -5.17 11.05
CA PHE B 329 -15.38 -5.52 10.10
C PHE B 329 -14.76 -6.03 8.80
N THR B 330 -13.63 -5.42 8.39
CA THR B 330 -12.99 -5.77 7.14
C THR B 330 -12.25 -7.09 7.24
N CYS B 331 -11.55 -7.30 8.35
CA CYS B 331 -10.91 -8.59 8.60
C CYS B 331 -11.93 -9.73 8.63
N PHE B 332 -13.09 -9.49 9.26
CA PHE B 332 -14.13 -10.52 9.34
C PHE B 332 -14.65 -10.84 7.92
N LYS B 333 -14.91 -9.82 7.13
CA LYS B 333 -15.29 -9.96 5.72
C LYS B 333 -14.24 -10.73 4.90
N ARG B 334 -13.01 -10.26 4.91
CA ARG B 334 -11.93 -10.93 4.16
C ARG B 334 -11.71 -12.37 4.61
N ASN B 335 -11.74 -12.58 5.93
CA ASN B 335 -11.49 -13.89 6.51
C ASN B 335 -10.19 -14.52 6.03
N ASP B 336 -9.10 -13.82 6.21
CA ASP B 336 -7.79 -14.26 5.74
C ASP B 336 -7.29 -15.50 6.46
N LYS B 337 -6.90 -16.50 5.68
CA LYS B 337 -6.39 -17.74 6.24
C LYS B 337 -4.89 -17.66 6.39
N ARG B 338 -4.30 -16.61 5.81
CA ARG B 338 -2.87 -16.36 5.92
C ARG B 338 -2.59 -14.86 6.05
N GLU B 339 -1.38 -14.54 6.48
CA GLU B 339 -0.98 -13.17 6.78
C GLU B 339 -1.07 -12.19 5.61
N VAL B 340 -1.46 -10.97 5.94
CA VAL B 340 -1.62 -9.88 4.98
C VAL B 340 -0.75 -8.72 5.42
N LYS B 341 -0.14 -8.03 4.48
CA LYS B 341 0.69 -6.88 4.79
C LYS B 341 -0.18 -5.81 5.40
N VAL B 342 0.32 -5.13 6.43
CA VAL B 342 -0.48 -4.10 7.11
C VAL B 342 -0.93 -3.01 6.14
N ALA B 343 -0.01 -2.52 5.31
CA ALA B 343 -0.34 -1.49 4.32
C ALA B 343 -1.42 -1.99 3.37
N GLN B 344 -1.35 -3.27 3.02
CA GLN B 344 -2.35 -3.84 2.12
CA GLN B 344 -2.33 -3.89 2.13
C GLN B 344 -3.71 -3.94 2.80
N LEU B 345 -3.74 -4.35 4.07
CA LEU B 345 -5.01 -4.46 4.80
C LEU B 345 -5.64 -3.08 4.93
N ALA B 346 -4.81 -2.08 5.24
CA ALA B 346 -5.29 -0.71 5.37
C ALA B 346 -5.99 -0.23 4.07
N GLY B 347 -5.35 -0.47 2.93
CA GLY B 347 -5.97 -0.14 1.65
C GLY B 347 -7.29 -0.86 1.47
N SER B 348 -7.31 -2.12 1.86
CA SER B 348 -8.51 -2.93 1.80
C SER B 348 -9.62 -2.40 2.77
N VAL B 349 -9.24 -1.99 3.98
CA VAL B 349 -10.20 -1.41 4.92
C VAL B 349 -10.85 -0.15 4.34
N ALA B 350 -10.03 0.76 3.83
CA ALA B 350 -10.51 2.02 3.29
C ALA B 350 -11.57 1.80 2.21
N GLU B 351 -11.36 0.78 1.40
CA GLU B 351 -12.26 0.42 0.32
C GLU B 351 -13.51 -0.27 0.85
N MET B 352 -13.33 -1.29 1.67
CA MET B 352 -14.47 -2.08 2.13
C MET B 352 -15.38 -1.35 3.11
N SER B 353 -14.85 -0.36 3.82
CA SER B 353 -15.63 0.24 4.90
C SER B 353 -15.83 1.76 4.79
N ALA B 354 -15.48 2.32 3.64
CA ALA B 354 -15.66 3.76 3.42
C ALA B 354 -14.97 4.60 4.50
N TYR B 355 -13.74 4.22 4.83
CA TYR B 355 -12.92 5.03 5.72
C TYR B 355 -12.44 6.26 4.97
N HIS B 356 -12.74 7.44 5.50
CA HIS B 356 -12.56 8.69 4.78
C HIS B 356 -11.34 9.54 5.20
N HIS B 357 -10.29 8.88 5.67
CA HIS B 357 -9.14 9.59 6.20
C HIS B 357 -7.90 9.01 5.60
N GLY B 358 -6.75 9.55 5.99
CA GLY B 358 -5.50 9.07 5.47
C GLY B 358 -5.21 7.65 5.90
N GLU B 359 -4.77 6.82 4.96
CA GLU B 359 -4.47 5.43 5.28
C GLU B 359 -3.30 5.21 6.25
N GLN B 360 -2.43 6.20 6.40
CA GLN B 360 -1.34 6.10 7.37
CA GLN B 360 -1.34 6.14 7.38
C GLN B 360 -1.86 6.03 8.81
N ALA B 361 -2.96 6.73 9.11
CA ALA B 361 -3.57 6.68 10.44
C ALA B 361 -4.16 5.28 10.68
N LEU B 362 -4.78 4.74 9.63
CA LEU B 362 -5.33 3.41 9.64
C LEU B 362 -4.27 2.35 9.91
N MET B 363 -3.11 2.49 9.27
CA MET B 363 -2.00 1.57 9.49
C MET B 363 -1.48 1.61 10.92
N MET B 364 -1.39 2.81 11.49
CA MET B 364 -1.05 2.92 12.91
C MET B 364 -2.12 2.26 13.81
N THR B 365 -3.39 2.42 13.44
CA THR B 365 -4.46 1.81 14.22
C THR B 365 -4.31 0.31 14.19
N ILE B 366 -3.96 -0.22 13.01
CA ILE B 366 -3.79 -1.66 12.83
C ILE B 366 -2.61 -2.18 13.66
N VAL B 367 -1.49 -1.47 13.61
CA VAL B 367 -0.36 -1.81 14.46
C VAL B 367 -0.76 -1.83 15.95
N ASN B 368 -1.54 -0.85 16.36
CA ASN B 368 -1.93 -0.71 17.77
C ASN B 368 -2.83 -1.88 18.21
N LEU B 369 -3.68 -2.37 17.30
CA LEU B 369 -4.57 -3.49 17.56
C LEU B 369 -3.82 -4.83 17.65
N ALA B 370 -2.61 -4.89 17.11
CA ALA B 370 -1.84 -6.14 17.06
C ALA B 370 -0.81 -6.25 18.17
N GLN B 371 -0.49 -5.13 18.81
CA GLN B 371 0.60 -5.13 19.77
C GLN B 371 0.31 -6.05 20.96
N ASN B 372 1.33 -6.72 21.47
CA ASN B 372 1.14 -7.66 22.56
C ASN B 372 2.25 -7.66 23.61
N PHE B 373 3.04 -6.60 23.62
CA PHE B 373 4.06 -6.47 24.64
C PHE B 373 3.43 -6.00 25.95
N VAL B 374 4.21 -6.06 27.03
CA VAL B 374 3.66 -5.80 28.35
C VAL B 374 3.19 -4.36 28.41
N GLY B 375 1.92 -4.17 28.78
CA GLY B 375 1.36 -2.84 28.90
C GLY B 375 0.58 -2.39 27.67
N SER B 376 0.49 -3.24 26.65
CA SER B 376 -0.36 -2.93 25.49
C SER B 376 -1.72 -3.66 25.56
N ASN B 377 -1.95 -4.61 24.67
CA ASN B 377 -3.21 -5.37 24.70
C ASN B 377 -3.17 -6.64 25.58
N ASN B 378 -4.21 -6.84 26.39
CA ASN B 378 -4.36 -8.10 27.13
C ASN B 378 -4.78 -9.21 26.18
N ILE B 379 -5.69 -8.88 25.26
CA ILE B 379 -6.02 -9.75 24.13
C ILE B 379 -5.90 -8.98 22.80
N ASN B 380 -4.82 -9.22 22.07
CA ASN B 380 -4.69 -8.59 20.74
C ASN B 380 -5.57 -9.30 19.75
N LEU B 381 -6.49 -8.58 19.13
CA LEU B 381 -7.41 -9.18 18.16
C LEU B 381 -6.76 -9.48 16.82
N LEU B 382 -5.66 -8.81 16.53
CA LEU B 382 -4.87 -9.06 15.33
C LEU B 382 -3.51 -9.57 15.77
N GLN B 383 -2.90 -10.45 14.98
CA GLN B 383 -1.61 -11.03 15.32
C GLN B 383 -0.46 -10.19 14.78
N PRO B 384 0.52 -9.88 15.63
CA PRO B 384 1.69 -9.12 15.20
C PRO B 384 2.72 -10.03 14.52
N ILE B 385 2.63 -10.17 13.20
CA ILE B 385 3.56 -10.98 12.42
CA ILE B 385 3.57 -10.98 12.45
C ILE B 385 4.67 -10.10 11.85
N GLY B 386 5.75 -9.96 12.59
CA GLY B 386 6.82 -9.06 12.22
C GLY B 386 7.12 -8.20 13.42
N GLN B 387 7.84 -7.11 13.20
CA GLN B 387 8.22 -6.20 14.28
C GLN B 387 7.15 -5.13 14.51
N PHE B 388 6.29 -5.34 15.50
CA PHE B 388 5.22 -4.40 15.81
C PHE B 388 5.57 -3.52 17.00
N GLY B 389 6.80 -3.64 17.47
CA GLY B 389 7.26 -2.82 18.57
C GLY B 389 7.41 -3.63 19.85
N THR B 390 8.16 -3.10 20.80
CA THR B 390 8.50 -3.84 22.01
C THR B 390 8.41 -2.89 23.21
N ARG B 391 8.54 -3.46 24.41
CA ARG B 391 8.48 -2.67 25.62
C ARG B 391 9.75 -1.83 25.80
N LEU B 392 10.78 -2.12 25.02
CA LEU B 392 12.02 -1.33 25.06
CA LEU B 392 12.01 -1.32 25.07
C LEU B 392 11.73 0.15 24.73
N HIS B 393 10.85 0.36 23.75
CA HIS B 393 10.56 1.70 23.26
C HIS B 393 9.07 2.00 23.26
N GLY B 394 8.30 1.16 23.94
CA GLY B 394 6.87 1.39 24.03
C GLY B 394 6.21 1.28 22.66
N GLY B 395 6.76 0.44 21.79
CA GLY B 395 6.16 0.23 20.49
C GLY B 395 6.57 1.24 19.43
N LYS B 396 7.39 2.23 19.80
CA LYS B 396 7.84 3.24 18.85
C LYS B 396 8.83 2.61 17.86
N ASP B 397 9.31 1.42 18.19
CA ASP B 397 10.23 0.70 17.33
C ASP B 397 9.54 -0.25 16.36
N ALA B 398 8.23 -0.07 16.14
CA ALA B 398 7.55 -0.85 15.11
C ALA B 398 8.20 -0.60 13.75
N ALA B 399 8.29 -1.64 12.93
CA ALA B 399 8.80 -1.50 11.58
C ALA B 399 7.74 -0.84 10.72
N SER B 400 8.12 -0.48 9.50
CA SER B 400 7.19 0.16 8.58
C SER B 400 6.07 -0.81 8.27
N PRO B 401 4.84 -0.29 8.09
CA PRO B 401 3.66 -1.11 7.78
C PRO B 401 3.72 -1.78 6.42
N ARG B 402 4.71 -1.44 5.62
CA ARG B 402 4.94 -2.10 4.34
CA ARG B 402 4.93 -2.11 4.34
C ARG B 402 5.73 -3.39 4.55
N TYR B 403 6.32 -3.54 5.72
CA TYR B 403 7.17 -4.71 5.99
C TYR B 403 6.63 -5.68 7.03
N ILE B 404 5.43 -5.42 7.55
CA ILE B 404 4.87 -6.26 8.60
C ILE B 404 3.52 -6.79 8.19
N PHE B 405 3.16 -7.93 8.78
CA PHE B 405 2.00 -8.68 8.37
C PHE B 405 1.05 -8.93 9.55
N THR B 406 -0.21 -9.13 9.27
CA THR B 406 -1.13 -9.45 10.34
C THR B 406 -2.24 -10.35 9.83
N MET B 407 -3.06 -10.83 10.76
CA MET B 407 -4.30 -11.54 10.47
C MET B 407 -5.07 -11.62 11.79
N LEU B 408 -6.31 -12.09 11.76
CA LEU B 408 -7.10 -12.22 12.97
C LEU B 408 -6.49 -13.21 13.96
N SER B 409 -6.60 -12.91 15.25
CA SER B 409 -6.37 -13.89 16.29
C SER B 409 -7.45 -14.97 16.17
N THR B 410 -7.11 -16.23 16.47
CA THR B 410 -8.14 -17.26 16.64
C THR B 410 -9.17 -16.88 17.71
N LEU B 411 -8.81 -15.95 18.60
CA LEU B 411 -9.73 -15.51 19.63
C LEU B 411 -10.81 -14.54 19.14
N ALA B 412 -10.55 -13.87 18.01
CA ALA B 412 -11.44 -12.79 17.57
C ALA B 412 -12.89 -13.21 17.32
N ARG B 413 -13.09 -14.28 16.56
CA ARG B 413 -14.46 -14.74 16.30
C ARG B 413 -15.09 -15.48 17.49
N LEU B 414 -14.28 -15.89 18.47
CA LEU B 414 -14.83 -16.46 19.71
C LEU B 414 -15.38 -15.32 20.57
N LEU B 415 -14.72 -14.17 20.51
CA LEU B 415 -15.15 -13.01 21.26
C LEU B 415 -16.32 -12.30 20.57
N PHE B 416 -16.32 -12.31 19.24
CA PHE B 416 -17.30 -11.61 18.41
C PHE B 416 -17.95 -12.65 17.49
N PRO B 417 -18.88 -13.47 18.02
CA PRO B 417 -19.41 -14.59 17.24
C PRO B 417 -20.14 -14.17 15.95
N ALA B 418 -19.82 -14.85 14.86
CA ALA B 418 -20.38 -14.53 13.56
C ALA B 418 -21.91 -14.53 13.56
N VAL B 419 -22.51 -15.47 14.29
CA VAL B 419 -23.98 -15.53 14.35
C VAL B 419 -24.58 -14.20 14.84
N ASP B 420 -23.89 -13.49 15.72
CA ASP B 420 -24.42 -12.24 16.25
C ASP B 420 -24.44 -11.11 15.23
N ASP B 421 -23.66 -11.27 14.15
CA ASP B 421 -23.68 -10.30 13.06
C ASP B 421 -25.09 -10.07 12.60
N ASN B 422 -25.91 -11.12 12.59
CA ASN B 422 -27.30 -11.01 12.18
C ASN B 422 -28.13 -10.07 13.04
N LEU B 423 -27.62 -9.71 14.20
CA LEU B 423 -28.42 -8.89 15.14
C LEU B 423 -28.00 -7.43 15.10
N LEU B 424 -26.92 -7.14 14.40
CA LEU B 424 -26.31 -5.80 14.42
C LEU B 424 -26.97 -4.82 13.46
N LYS B 425 -26.77 -3.53 13.70
CA LYS B 425 -27.25 -2.52 12.77
C LYS B 425 -26.09 -2.02 11.92
N PHE B 426 -25.96 -2.57 10.72
CA PHE B 426 -24.92 -2.13 9.80
C PHE B 426 -25.21 -0.76 9.23
N LEU B 427 -24.18 0.07 9.18
CA LEU B 427 -24.30 1.45 8.72
C LEU B 427 -24.10 1.49 7.20
N TYR B 428 -24.57 2.58 6.60
CA TYR B 428 -24.42 2.79 5.15
C TYR B 428 -23.66 4.08 4.84
N ASP B 429 -22.71 3.99 3.93
CA ASP B 429 -22.03 5.18 3.43
C ASP B 429 -22.23 5.28 1.93
N ASP B 430 -23.09 6.19 1.50
CA ASP B 430 -23.40 6.40 0.08
C ASP B 430 -23.79 5.10 -0.63
N ASN B 431 -24.87 4.48 -0.16
CA ASN B 431 -25.41 3.24 -0.73
C ASN B 431 -24.67 1.97 -0.32
N GLN B 432 -23.44 2.11 0.15
CA GLN B 432 -22.62 0.96 0.50
C GLN B 432 -22.80 0.60 1.98
N ARG B 433 -23.07 -0.68 2.24
CA ARG B 433 -23.17 -1.15 3.61
C ARG B 433 -21.77 -1.37 4.17
N VAL B 434 -21.49 -0.72 5.29
CA VAL B 434 -20.18 -0.82 5.89
C VAL B 434 -20.27 -1.39 7.32
N GLU B 435 -19.44 -0.92 8.25
CA GLU B 435 -19.38 -1.55 9.56
C GLU B 435 -20.63 -1.27 10.41
N PRO B 436 -20.85 -2.10 11.45
CA PRO B 436 -21.99 -1.91 12.36
C PRO B 436 -21.79 -0.71 13.30
N GLU B 437 -22.88 -0.19 13.87
CA GLU B 437 -22.74 0.89 14.83
C GLU B 437 -21.91 0.42 16.04
N TRP B 438 -22.09 -0.85 16.40
CA TRP B 438 -21.19 -1.55 17.32
C TRP B 438 -21.27 -3.07 17.17
N TYR B 439 -20.17 -3.76 17.43
CA TYR B 439 -20.24 -5.21 17.66
C TYR B 439 -20.73 -5.47 19.09
N ILE B 440 -21.09 -6.72 19.40
CA ILE B 440 -21.58 -7.06 20.73
C ILE B 440 -20.82 -8.31 21.20
N PRO B 441 -19.63 -8.11 21.77
CA PRO B 441 -18.77 -9.24 22.15
C PRO B 441 -19.32 -10.00 23.36
N ILE B 442 -18.80 -11.19 23.63
CA ILE B 442 -19.30 -12.00 24.73
C ILE B 442 -18.82 -11.50 26.09
N ILE B 443 -17.79 -10.66 26.11
CA ILE B 443 -17.38 -9.97 27.33
C ILE B 443 -17.08 -8.50 27.02
N PRO B 444 -17.12 -7.63 28.04
CA PRO B 444 -16.85 -6.21 27.78
C PRO B 444 -15.40 -5.94 27.39
N MET B 445 -15.12 -5.97 26.09
CA MET B 445 -13.78 -5.73 25.57
C MET B 445 -13.24 -4.33 25.93
N VAL B 446 -14.13 -3.39 26.20
CA VAL B 446 -13.71 -2.05 26.65
C VAL B 446 -12.89 -2.10 27.95
N LEU B 447 -13.09 -3.15 28.76
CA LEU B 447 -12.28 -3.34 29.97
C LEU B 447 -10.99 -4.13 29.72
N ILE B 448 -10.95 -4.93 28.66
CA ILE B 448 -9.85 -5.89 28.48
C ILE B 448 -8.57 -5.22 27.98
N ASN B 449 -8.69 -4.34 27.01
CA ASN B 449 -7.52 -3.77 26.34
C ASN B 449 -7.30 -2.31 26.67
N GLY B 450 -8.07 -1.75 27.59
CA GLY B 450 -7.75 -0.41 28.06
C GLY B 450 -8.20 0.71 27.12
N ALA B 451 -9.51 0.85 26.96
CA ALA B 451 -10.06 1.92 26.14
C ALA B 451 -9.42 3.26 26.49
N GLU B 452 -8.90 3.95 25.49
CA GLU B 452 -8.19 5.21 25.69
C GLU B 452 -8.48 6.14 24.53
N GLY B 453 -8.65 7.44 24.80
CA GLY B 453 -8.94 8.39 23.74
C GLY B 453 -8.95 9.84 24.20
N ILE B 454 -8.54 10.75 23.32
CA ILE B 454 -8.61 12.18 23.55
C ILE B 454 -9.49 12.88 22.51
N GLY B 455 -10.58 13.51 22.97
CA GLY B 455 -11.47 14.25 22.08
C GLY B 455 -11.40 15.75 22.31
N THR B 456 -12.54 16.42 22.14
CA THR B 456 -12.71 17.81 22.53
C THR B 456 -13.76 17.92 23.64
N GLY B 457 -13.42 18.65 24.70
CA GLY B 457 -14.25 18.64 25.90
C GLY B 457 -13.97 17.44 26.79
N TRP B 458 -13.94 16.24 26.23
CA TRP B 458 -13.72 15.02 27.02
C TRP B 458 -12.55 14.19 26.52
N ALA B 459 -12.01 13.37 27.42
CA ALA B 459 -11.07 12.32 27.05
C ALA B 459 -11.50 11.06 27.81
N CYS B 460 -10.95 9.91 27.42
CA CYS B 460 -11.29 8.65 28.04
C CYS B 460 -10.02 7.90 28.40
N LYS B 461 -10.01 7.27 29.57
CA LYS B 461 -8.92 6.37 29.88
C LYS B 461 -9.41 5.27 30.81
N LEU B 462 -9.17 4.02 30.40
CA LEU B 462 -9.44 2.89 31.26
C LEU B 462 -8.21 2.02 31.27
N PRO B 463 -7.89 1.42 32.41
CA PRO B 463 -6.79 0.47 32.38
C PRO B 463 -7.25 -0.89 31.85
N ASN B 464 -6.31 -1.82 31.66
CA ASN B 464 -6.59 -3.20 31.28
C ASN B 464 -7.12 -3.98 32.49
N TYR B 465 -8.03 -4.92 32.23
CA TYR B 465 -8.51 -5.89 33.23
C TYR B 465 -8.35 -7.32 32.72
N ASP B 466 -8.28 -8.26 33.66
CA ASP B 466 -8.03 -9.67 33.36
C ASP B 466 -9.24 -10.35 32.71
N ALA B 467 -9.04 -11.02 31.58
CA ALA B 467 -10.13 -11.65 30.86
C ALA B 467 -10.84 -12.75 31.66
N ARG B 468 -10.05 -13.62 32.28
CA ARG B 468 -10.61 -14.72 33.09
C ARG B 468 -11.43 -14.22 34.27
N GLU B 469 -10.97 -13.16 34.92
CA GLU B 469 -11.73 -12.59 36.03
C GLU B 469 -13.03 -12.01 35.54
N ILE B 470 -12.99 -11.38 34.36
CA ILE B 470 -14.21 -10.82 33.79
C ILE B 470 -15.19 -11.93 33.39
N VAL B 471 -14.69 -12.99 32.75
CA VAL B 471 -15.51 -14.16 32.45
C VAL B 471 -16.14 -14.69 33.75
N ASN B 472 -15.34 -14.77 34.81
CA ASN B 472 -15.88 -15.26 36.08
C ASN B 472 -16.97 -14.34 36.64
N ASN B 473 -16.77 -13.04 36.53
CA ASN B 473 -17.83 -12.11 36.93
C ASN B 473 -19.12 -12.20 36.14
N VAL B 474 -19.02 -12.37 34.81
CA VAL B 474 -20.22 -12.59 34.01
C VAL B 474 -20.95 -13.86 34.46
N ARG B 475 -20.23 -14.94 34.72
CA ARG B 475 -20.84 -16.18 35.19
C ARG B 475 -21.57 -15.98 36.53
N ARG B 476 -20.93 -15.24 37.44
CA ARG B 476 -21.54 -14.95 38.74
C ARG B 476 -22.83 -14.18 38.53
N MET B 477 -22.79 -13.17 37.65
CA MET B 477 -23.98 -12.39 37.39
C MET B 477 -25.07 -13.23 36.72
N LEU B 478 -24.67 -14.20 35.90
CA LEU B 478 -25.65 -15.07 35.27
C LEU B 478 -26.34 -15.96 36.33
N ASP B 479 -25.61 -16.28 37.39
CA ASP B 479 -26.15 -17.11 38.47
C ASP B 479 -26.81 -16.28 39.55
N GLY B 480 -27.14 -15.04 39.21
CA GLY B 480 -27.79 -14.15 40.16
C GLY B 480 -26.91 -13.72 41.32
N LEU B 481 -25.63 -14.06 41.27
CA LEU B 481 -24.69 -13.67 42.32
C LEU B 481 -24.18 -12.26 42.09
N ASP B 482 -23.47 -11.71 43.06
CA ASP B 482 -22.87 -10.40 42.91
C ASP B 482 -21.45 -10.51 42.37
N PRO B 483 -21.07 -9.60 41.48
CA PRO B 483 -19.72 -9.67 40.92
C PRO B 483 -18.68 -9.18 41.93
N HIS B 484 -17.52 -9.85 41.96
CA HIS B 484 -16.39 -9.37 42.73
C HIS B 484 -15.84 -8.05 42.18
N PRO B 485 -15.41 -7.16 43.07
CA PRO B 485 -14.67 -5.99 42.57
C PRO B 485 -13.45 -6.43 41.77
N MET B 486 -13.05 -5.65 40.79
CA MET B 486 -11.93 -6.05 39.97
C MET B 486 -10.81 -5.03 40.04
N LEU B 487 -9.59 -5.51 40.18
CA LEU B 487 -8.41 -4.67 40.09
C LEU B 487 -7.85 -4.71 38.66
N PRO B 488 -7.33 -3.56 38.19
CA PRO B 488 -6.62 -3.55 36.90
C PRO B 488 -5.57 -4.66 36.85
N ASN B 489 -5.44 -5.30 35.69
CA ASN B 489 -4.54 -6.43 35.51
C ASN B 489 -3.97 -6.41 34.09
N TYR B 490 -2.65 -6.39 33.98
CA TYR B 490 -1.97 -6.38 32.69
C TYR B 490 -1.27 -7.72 32.46
N LYS B 491 -1.54 -8.30 31.30
CA LYS B 491 -0.95 -9.58 30.94
C LYS B 491 0.58 -9.54 31.01
N ASN B 492 1.16 -10.57 31.61
CA ASN B 492 2.61 -10.71 31.74
C ASN B 492 3.33 -9.67 32.61
N PHE B 493 2.59 -8.82 33.29
CA PHE B 493 3.21 -7.90 34.23
C PHE B 493 3.54 -8.65 35.53
N LYS B 494 4.79 -8.56 35.97
CA LYS B 494 5.25 -9.31 37.13
C LYS B 494 5.17 -8.47 38.38
N GLY B 495 4.74 -7.22 38.23
CA GLY B 495 4.73 -6.28 39.34
C GLY B 495 3.48 -6.32 40.19
N THR B 496 3.18 -5.21 40.85
CA THR B 496 2.06 -5.18 41.76
C THR B 496 1.19 -3.98 41.41
N ILE B 497 -0.12 -4.19 41.49
CA ILE B 497 -1.08 -3.11 41.37
C ILE B 497 -1.96 -3.10 42.61
N GLN B 498 -1.95 -2.00 43.35
CA GLN B 498 -2.72 -1.94 44.59
C GLN B 498 -3.78 -0.87 44.53
N GLU B 499 -4.98 -1.20 44.98
CA GLU B 499 -6.02 -0.19 45.07
C GLU B 499 -5.79 0.75 46.27
N LEU B 500 -5.70 2.06 46.00
CA LEU B 500 -5.54 3.06 47.04
C LEU B 500 -6.90 3.53 47.50
N GLY B 501 -7.78 3.67 46.53
CA GLY B 501 -9.17 4.04 46.75
C GLY B 501 -9.88 3.90 45.41
N GLN B 502 -11.11 4.39 45.33
CA GLN B 502 -11.87 4.24 44.11
C GLN B 502 -11.13 4.87 42.92
N ASN B 503 -10.88 4.06 41.90
CA ASN B 503 -10.21 4.49 40.68
C ASN B 503 -8.81 5.06 40.88
N GLN B 504 -8.11 4.60 41.93
CA GLN B 504 -6.76 5.09 42.22
C GLN B 504 -5.91 3.89 42.60
N TYR B 505 -4.79 3.73 41.91
CA TYR B 505 -3.94 2.57 42.09
C TYR B 505 -2.48 2.96 42.23
N ALA B 506 -1.73 2.14 42.94
CA ALA B 506 -0.28 2.28 42.95
C ALA B 506 0.25 1.12 42.15
N VAL B 507 1.12 1.40 41.18
CA VAL B 507 1.59 0.36 40.29
C VAL B 507 3.09 0.25 40.53
N SER B 508 3.56 -0.93 40.90
CA SER B 508 4.96 -1.04 41.31
C SER B 508 5.71 -2.05 40.48
N GLY B 509 6.94 -1.70 40.10
CA GLY B 509 7.86 -2.64 39.49
C GLY B 509 8.45 -3.55 40.56
N GLU B 510 9.62 -4.12 40.27
CA GLU B 510 10.25 -5.06 41.21
C GLU B 510 11.72 -4.79 41.34
N ILE B 511 12.17 -4.67 42.57
CA ILE B 511 13.59 -4.48 42.83
C ILE B 511 13.92 -5.26 44.08
N PHE B 512 15.06 -5.94 44.08
CA PHE B 512 15.48 -6.71 45.25
CA PHE B 512 15.48 -6.78 45.21
C PHE B 512 16.97 -6.64 45.51
N VAL B 513 17.33 -6.61 46.79
CA VAL B 513 18.73 -6.59 47.19
C VAL B 513 19.33 -7.98 46.97
N VAL B 514 20.47 -8.04 46.29
CA VAL B 514 21.16 -9.31 46.13
C VAL B 514 22.17 -9.51 47.24
N ASP B 515 23.19 -8.66 47.24
CA ASP B 515 24.15 -8.59 48.34
C ASP B 515 24.28 -7.13 48.70
N ARG B 516 25.22 -6.84 49.60
CA ARG B 516 25.59 -5.46 49.82
C ARG B 516 26.39 -5.05 48.58
N ASN B 517 26.15 -3.85 48.06
CA ASN B 517 26.68 -3.40 46.78
C ASN B 517 25.78 -3.69 45.57
N THR B 518 24.74 -4.50 45.75
CA THR B 518 23.99 -4.96 44.58
C THR B 518 22.47 -4.99 44.76
N VAL B 519 21.77 -4.33 43.85
CA VAL B 519 20.33 -4.51 43.71
C VAL B 519 20.02 -4.94 42.28
N GLU B 520 18.91 -5.64 42.11
CA GLU B 520 18.51 -6.10 40.80
C GLU B 520 17.08 -5.66 40.53
N ILE B 521 16.83 -5.22 39.31
CA ILE B 521 15.51 -4.70 38.94
C ILE B 521 14.97 -5.58 37.85
N THR B 522 13.85 -6.25 38.15
CA THR B 522 13.36 -7.29 37.23
C THR B 522 11.97 -6.98 36.65
N GLU B 523 11.39 -5.87 37.07
CA GLU B 523 10.16 -5.39 36.46
C GLU B 523 10.05 -3.88 36.62
N LEU B 524 9.50 -3.22 35.61
CA LEU B 524 9.19 -1.79 35.65
C LEU B 524 7.68 -1.59 35.70
N PRO B 525 7.22 -0.55 36.40
CA PRO B 525 5.77 -0.33 36.47
C PRO B 525 5.18 -0.29 35.06
N VAL B 526 3.94 -0.73 34.92
CA VAL B 526 3.28 -0.78 33.61
C VAL B 526 3.43 0.55 32.84
N ARG B 527 3.77 0.45 31.56
CA ARG B 527 3.84 1.61 30.66
C ARG B 527 5.10 2.42 30.89
N THR B 528 5.98 1.94 31.76
CA THR B 528 7.34 2.48 31.83
C THR B 528 8.22 1.65 30.88
N TRP B 529 8.76 2.32 29.84
CA TRP B 529 9.54 1.63 28.82
C TRP B 529 11.01 1.52 29.22
N THR B 530 11.65 0.43 28.80
CA THR B 530 12.97 0.09 29.34
C THR B 530 14.02 1.13 28.99
N GLN B 531 14.03 1.58 27.74
CA GLN B 531 14.99 2.58 27.31
C GLN B 531 14.77 3.92 28.00
N VAL B 532 13.51 4.26 28.26
CA VAL B 532 13.20 5.51 28.92
C VAL B 532 13.69 5.48 30.38
N TYR B 533 13.52 4.34 31.03
CA TYR B 533 13.93 4.20 32.43
C TYR B 533 15.45 4.33 32.53
N LYS B 534 16.14 3.61 31.67
CA LYS B 534 17.59 3.68 31.64
C LYS B 534 18.05 5.13 31.54
N GLU B 535 17.50 5.85 30.55
CA GLU B 535 17.94 7.21 30.26
C GLU B 535 17.54 8.23 31.31
N GLN B 536 16.32 8.10 31.83
CA GLN B 536 15.78 9.10 32.75
C GLN B 536 16.03 8.79 34.22
N VAL B 537 16.30 7.53 34.53
CA VAL B 537 16.52 7.17 35.93
C VAL B 537 17.93 6.67 36.20
N LEU B 538 18.35 5.60 35.52
CA LEU B 538 19.66 5.03 35.81
C LEU B 538 20.83 5.95 35.41
N GLU B 539 20.80 6.50 34.20
CA GLU B 539 21.89 7.38 33.77
C GLU B 539 22.13 8.55 34.73
N PRO B 540 21.08 9.32 35.03
CA PRO B 540 21.24 10.40 36.02
C PRO B 540 21.76 9.91 37.37
N MET B 541 21.42 8.69 37.78
CA MET B 541 21.91 8.14 39.04
C MET B 541 23.39 7.84 38.95
N LEU B 542 23.83 7.42 37.77
CA LEU B 542 25.22 7.08 37.56
C LEU B 542 26.07 8.33 37.41
N ASN B 543 25.57 9.30 36.63
CA ASN B 543 26.30 10.54 36.37
C ASN B 543 25.81 11.72 37.23
N GLY B 544 25.31 12.75 36.57
CA GLY B 544 24.86 13.96 37.23
C GLY B 544 23.85 13.72 38.35
N PRO B 549 24.00 14.70 42.61
CA PRO B 549 25.13 13.82 42.95
C PRO B 549 24.86 12.36 42.59
N ALA B 550 25.86 11.68 42.03
CA ALA B 550 25.72 10.27 41.62
C ALA B 550 25.44 9.35 42.80
N LEU B 551 24.49 8.45 42.62
CA LEU B 551 24.04 7.54 43.67
C LEU B 551 24.53 6.10 43.49
N ILE B 552 24.79 5.72 42.24
CA ILE B 552 25.20 4.36 41.96
C ILE B 552 26.54 4.37 41.26
N SER B 553 27.24 3.25 41.34
CA SER B 553 28.59 3.13 40.79
C SER B 553 28.55 2.58 39.38
N ASP B 554 27.53 1.77 39.10
CA ASP B 554 27.43 1.13 37.80
C ASP B 554 26.12 0.37 37.67
N TYR B 555 25.75 0.04 36.44
CA TYR B 555 24.63 -0.84 36.22
C TYR B 555 24.88 -1.63 34.96
N LYS B 556 24.27 -2.80 34.87
CA LYS B 556 24.36 -3.63 33.67
C LYS B 556 22.98 -4.14 33.26
N GLU B 557 22.82 -4.42 31.97
CA GLU B 557 21.52 -4.79 31.41
C GLU B 557 21.51 -6.22 30.90
N TYR B 558 20.45 -6.95 31.21
CA TYR B 558 20.30 -8.33 30.76
C TYR B 558 18.87 -8.55 30.29
N HIS B 559 18.35 -7.57 29.56
CA HIS B 559 16.98 -7.61 29.10
C HIS B 559 16.85 -8.66 28.01
N THR B 560 15.64 -9.16 27.83
CA THR B 560 15.28 -9.81 26.58
C THR B 560 14.28 -8.88 25.91
N ASP B 561 13.67 -9.32 24.82
CA ASP B 561 12.70 -8.49 24.12
C ASP B 561 11.46 -8.22 24.98
N THR B 562 11.15 -9.15 25.88
CA THR B 562 9.90 -9.08 26.64
C THR B 562 10.10 -8.96 28.14
N THR B 563 11.35 -8.90 28.58
CA THR B 563 11.63 -8.84 30.00
C THR B 563 12.67 -7.79 30.30
N VAL B 564 12.70 -7.37 31.56
CA VAL B 564 13.61 -6.35 32.02
C VAL B 564 14.50 -6.93 33.10
N LYS B 565 15.79 -6.66 33.03
CA LYS B 565 16.68 -7.04 34.11
C LYS B 565 17.87 -6.10 34.18
N PHE B 566 17.90 -5.26 35.20
CA PHE B 566 19.02 -4.37 35.49
C PHE B 566 19.74 -4.85 36.75
N VAL B 567 21.06 -4.93 36.69
CA VAL B 567 21.84 -5.18 37.90
C VAL B 567 22.63 -3.91 38.23
N VAL B 568 22.40 -3.38 39.42
CA VAL B 568 22.96 -2.09 39.82
C VAL B 568 23.94 -2.24 40.98
N LYS B 569 25.10 -1.59 40.84
CA LYS B 569 26.13 -1.60 41.88
C LYS B 569 26.17 -0.28 42.63
N MET B 570 26.30 -0.35 43.95
CA MET B 570 26.50 0.83 44.77
C MET B 570 27.27 0.51 46.03
N THR B 571 27.74 1.53 46.73
CA THR B 571 28.48 1.32 47.97
C THR B 571 27.49 0.88 49.03
N GLU B 572 27.96 0.15 50.03
CA GLU B 572 27.11 -0.25 51.14
C GLU B 572 26.46 0.96 51.75
N GLU B 573 27.25 2.03 51.91
CA GLU B 573 26.76 3.27 52.49
C GLU B 573 25.52 3.73 51.73
N LYS B 574 25.68 3.93 50.43
CA LYS B 574 24.58 4.42 49.59
C LYS B 574 23.41 3.45 49.50
N LEU B 575 23.70 2.17 49.32
CA LEU B 575 22.65 1.15 49.31
C LEU B 575 21.88 1.18 50.63
N ALA B 576 22.60 1.29 51.74
CA ALA B 576 21.98 1.30 53.06
C ALA B 576 21.00 2.46 53.18
N GLN B 577 21.41 3.64 52.70
CA GLN B 577 20.52 4.81 52.67
C GLN B 577 19.34 4.59 51.73
N ALA B 578 19.65 4.26 50.48
CA ALA B 578 18.61 3.91 49.52
C ALA B 578 17.62 2.97 50.18
N GLU B 579 18.14 1.94 50.83
CA GLU B 579 17.31 0.92 51.46
C GLU B 579 16.56 1.50 52.65
N ALA B 580 17.18 2.46 53.34
CA ALA B 580 16.56 3.15 54.46
C ALA B 580 15.30 3.84 53.96
N ALA B 581 15.46 4.65 52.93
CA ALA B 581 14.32 5.14 52.19
C ALA B 581 13.80 3.92 51.43
N GLY B 582 12.63 4.02 50.82
CA GLY B 582 12.12 2.90 50.04
C GLY B 582 12.89 2.69 48.74
N LEU B 583 13.35 1.48 48.50
CA LEU B 583 14.01 1.13 47.26
C LEU B 583 13.12 1.42 46.05
N HIS B 584 11.86 1.03 46.11
CA HIS B 584 10.94 1.29 45.01
C HIS B 584 10.83 2.79 44.78
N LYS B 585 10.98 3.55 45.85
CA LYS B 585 10.87 5.00 45.80
C LYS B 585 12.10 5.66 45.19
N VAL B 586 13.27 5.25 45.66
CA VAL B 586 14.54 5.81 45.17
C VAL B 586 14.79 5.45 43.72
N PHE B 587 14.37 4.27 43.31
CA PHE B 587 14.62 3.82 41.94
C PHE B 587 13.42 4.07 41.03
N LYS B 588 12.47 4.87 41.53
CA LYS B 588 11.35 5.32 40.72
C LYS B 588 10.62 4.15 40.07
N LEU B 589 10.25 3.16 40.89
CA LEU B 589 9.60 1.95 40.40
C LEU B 589 8.14 1.88 40.85
N GLN B 590 7.58 3.04 41.15
CA GLN B 590 6.18 3.14 41.53
C GLN B 590 5.54 4.30 40.78
N THR B 591 4.39 4.06 40.17
CA THR B 591 3.66 5.13 39.51
C THR B 591 2.21 5.05 39.95
N THR B 592 1.49 6.16 39.91
CA THR B 592 0.07 6.11 40.24
C THR B 592 -0.75 6.06 38.97
N LEU B 593 -1.86 5.35 39.04
CA LEU B 593 -2.77 5.24 37.94
C LEU B 593 -4.10 5.71 38.48
N THR B 594 -4.60 6.80 37.92
CA THR B 594 -5.85 7.36 38.35
C THR B 594 -6.82 7.40 37.17
N CYS B 595 -8.06 6.96 37.42
CA CYS B 595 -9.04 6.80 36.35
C CYS B 595 -10.37 7.50 36.63
N ASN B 596 -10.34 8.83 36.61
CA ASN B 596 -11.52 9.63 36.87
C ASN B 596 -12.18 10.20 35.62
N SER B 597 -11.85 9.62 34.47
CA SER B 597 -12.40 10.07 33.21
C SER B 597 -12.74 8.88 32.31
N MET B 598 -13.55 7.96 32.84
CA MET B 598 -14.07 6.84 32.07
C MET B 598 -15.29 7.30 31.30
N VAL B 599 -15.05 7.92 30.16
CA VAL B 599 -16.10 8.50 29.36
C VAL B 599 -16.22 7.65 28.11
N LEU B 600 -17.43 7.19 27.82
CA LEU B 600 -17.70 6.25 26.73
C LEU B 600 -19.01 6.62 26.08
N PHE B 601 -19.19 6.24 24.81
CA PHE B 601 -20.54 6.28 24.21
C PHE B 601 -21.32 5.06 24.67
N ASP B 602 -22.53 5.27 25.21
CA ASP B 602 -23.38 4.13 25.56
C ASP B 602 -24.01 3.53 24.32
N HIS B 603 -24.83 2.48 24.50
CA HIS B 603 -25.40 1.73 23.39
C HIS B 603 -26.34 2.56 22.49
N MET B 604 -26.90 3.63 23.05
CA MET B 604 -27.76 4.54 22.27
C MET B 604 -26.94 5.61 21.54
N GLY B 605 -25.62 5.59 21.70
CA GLY B 605 -24.79 6.61 21.09
C GLY B 605 -24.74 7.89 21.90
N CYS B 606 -25.09 7.83 23.18
CA CYS B 606 -24.94 9.00 24.04
C CYS B 606 -23.66 8.94 24.86
N LEU B 607 -22.93 10.04 24.87
CA LEU B 607 -21.70 10.11 25.62
C LEU B 607 -22.07 10.09 27.09
N LYS B 608 -21.36 9.29 27.89
CA LYS B 608 -21.69 9.13 29.28
C LYS B 608 -20.42 8.97 30.13
N LYS B 609 -20.48 9.41 31.38
CA LYS B 609 -19.36 9.27 32.31
C LYS B 609 -19.64 8.13 33.28
N TYR B 610 -18.74 7.15 33.34
CA TYR B 610 -18.95 6.02 34.24
C TYR B 610 -18.03 6.14 35.46
N GLU B 611 -18.62 6.03 36.65
CA GLU B 611 -17.86 6.19 37.90
C GLU B 611 -16.99 4.99 38.26
N THR B 612 -17.46 3.78 37.98
CA THR B 612 -16.69 2.57 38.31
C THR B 612 -16.82 1.57 37.16
N VAL B 613 -15.89 0.63 37.07
CA VAL B 613 -15.94 -0.36 36.01
C VAL B 613 -17.11 -1.30 36.27
N GLN B 614 -17.55 -1.39 37.53
CA GLN B 614 -18.71 -2.21 37.86
CA GLN B 614 -18.70 -2.21 37.86
C GLN B 614 -19.96 -1.65 37.19
N ASP B 615 -20.05 -0.33 37.10
CA ASP B 615 -21.15 0.29 36.37
C ASP B 615 -21.07 -0.07 34.87
N ILE B 616 -19.86 -0.01 34.31
CA ILE B 616 -19.66 -0.39 32.91
C ILE B 616 -20.05 -1.84 32.68
N LEU B 617 -19.52 -2.73 33.51
CA LEU B 617 -19.83 -4.16 33.43
C LEU B 617 -21.33 -4.47 33.49
N LYS B 618 -22.04 -3.83 34.42
CA LYS B 618 -23.48 -4.05 34.57
C LYS B 618 -24.27 -3.58 33.34
N GLU B 619 -23.90 -2.42 32.81
CA GLU B 619 -24.58 -1.91 31.62
C GLU B 619 -24.28 -2.81 30.42
N PHE B 620 -23.05 -3.28 30.32
CA PHE B 620 -22.73 -4.18 29.24
C PHE B 620 -23.53 -5.47 29.43
N PHE B 621 -23.61 -5.93 30.68
CA PHE B 621 -24.21 -7.22 30.96
C PHE B 621 -25.68 -7.26 30.54
N ASP B 622 -26.42 -6.23 30.90
CA ASP B 622 -27.85 -6.21 30.60
C ASP B 622 -28.08 -6.19 29.10
N LEU B 623 -27.21 -5.52 28.37
CA LEU B 623 -27.35 -5.41 26.92
C LEU B 623 -27.00 -6.74 26.27
N ARG B 624 -25.87 -7.32 26.66
CA ARG B 624 -25.44 -8.60 26.09
C ARG B 624 -26.45 -9.70 26.38
N LEU B 625 -27.05 -9.70 27.57
CA LEU B 625 -28.01 -10.74 27.92
C LEU B 625 -29.24 -10.59 27.02
N SER B 626 -29.70 -9.36 26.86
CA SER B 626 -30.79 -9.09 25.93
C SER B 626 -30.46 -9.58 24.51
N TYR B 627 -29.21 -9.46 24.10
CA TYR B 627 -28.82 -9.89 22.76
C TYR B 627 -28.70 -11.41 22.60
N TYR B 628 -28.37 -12.14 23.68
CA TYR B 628 -28.48 -13.59 23.60
C TYR B 628 -29.95 -13.99 23.46
N GLY B 629 -30.84 -13.20 24.04
CA GLY B 629 -32.26 -13.44 23.85
C GLY B 629 -32.61 -13.25 22.39
N LEU B 630 -32.14 -12.16 21.79
CA LEU B 630 -32.38 -11.93 20.35
C LEU B 630 -31.72 -13.01 19.52
N ARG B 631 -30.50 -13.38 19.85
CA ARG B 631 -29.85 -14.42 19.09
C ARG B 631 -30.70 -15.70 19.08
N LYS B 632 -31.24 -16.07 20.22
CA LYS B 632 -32.06 -17.28 20.29
C LYS B 632 -33.33 -17.15 19.45
N GLU B 633 -34.02 -16.02 19.53
CA GLU B 633 -35.16 -15.80 18.65
C GLU B 633 -34.77 -15.92 17.18
N TRP B 634 -33.65 -15.31 16.79
CA TRP B 634 -33.18 -15.39 15.42
C TRP B 634 -32.91 -16.83 14.99
N LEU B 635 -32.14 -17.54 15.79
CA LEU B 635 -31.79 -18.91 15.46
C LEU B 635 -33.02 -19.82 15.37
N VAL B 636 -33.94 -19.69 16.32
CA VAL B 636 -35.11 -20.56 16.30
C VAL B 636 -35.85 -20.36 14.99
N GLY B 637 -35.96 -19.11 14.55
CA GLY B 637 -36.67 -18.82 13.31
C GLY B 637 -35.93 -19.32 12.08
N MET B 638 -34.63 -19.02 11.99
CA MET B 638 -33.82 -19.41 10.85
C MET B 638 -33.63 -20.93 10.77
N LEU B 639 -33.37 -21.56 11.91
CA LEU B 639 -33.20 -23.01 11.95
C LEU B 639 -34.54 -23.70 11.68
N GLY B 640 -35.63 -23.08 12.12
CA GLY B 640 -36.98 -23.54 11.79
C GLY B 640 -37.23 -23.49 10.28
N ALA B 641 -36.82 -22.40 9.64
CA ALA B 641 -36.99 -22.26 8.20
C ALA B 641 -36.13 -23.29 7.49
N GLU B 642 -34.86 -23.41 7.88
CA GLU B 642 -34.01 -24.47 7.35
C GLU B 642 -34.59 -25.88 7.50
N SER B 643 -35.24 -26.14 8.64
CA SER B 643 -35.84 -27.45 8.87
C SER B 643 -37.00 -27.69 7.89
N THR B 644 -37.84 -26.66 7.71
CA THR B 644 -38.96 -26.72 6.77
C THR B 644 -38.46 -26.92 5.34
N LYS B 645 -37.38 -26.22 5.01
CA LYS B 645 -36.74 -26.36 3.71
C LYS B 645 -36.27 -27.78 3.47
N LEU B 646 -35.54 -28.37 4.42
CA LEU B 646 -35.12 -29.75 4.26
C LEU B 646 -36.30 -30.73 4.24
N ASN B 647 -37.37 -30.43 4.99
CA ASN B 647 -38.53 -31.31 4.97
C ASN B 647 -39.11 -31.37 3.57
N ASN B 648 -39.16 -30.22 2.90
CA ASN B 648 -39.70 -30.14 1.57
C ASN B 648 -38.78 -30.80 0.53
N GLN B 649 -37.49 -30.55 0.62
CA GLN B 649 -36.53 -31.22 -0.25
C GLN B 649 -36.62 -32.74 -0.10
N ALA B 650 -36.65 -33.21 1.14
CA ALA B 650 -36.72 -34.66 1.42
C ALA B 650 -38.02 -35.28 0.94
N ARG B 651 -39.12 -34.57 1.15
CA ARG B 651 -40.41 -35.05 0.68
C ARG B 651 -40.36 -35.22 -0.84
N PHE B 652 -39.86 -34.20 -1.54
CA PHE B 652 -39.75 -34.26 -3.00
C PHE B 652 -38.88 -35.42 -3.48
N ILE B 653 -37.74 -35.62 -2.84
CA ILE B 653 -36.85 -36.71 -3.21
C ILE B 653 -37.50 -38.08 -2.97
N LEU B 654 -38.12 -38.28 -1.81
CA LEU B 654 -38.83 -39.53 -1.52
C LEU B 654 -39.97 -39.79 -2.51
N GLU B 655 -40.72 -38.75 -2.86
CA GLU B 655 -41.80 -38.92 -3.82
C GLU B 655 -41.31 -39.17 -5.24
N LYS B 656 -40.15 -38.62 -5.58
CA LYS B 656 -39.58 -38.84 -6.90
C LYS B 656 -39.12 -40.28 -7.04
N ILE B 657 -38.37 -40.78 -6.07
CA ILE B 657 -37.82 -42.13 -6.18
C ILE B 657 -38.89 -43.23 -6.07
N GLN B 658 -40.08 -42.85 -5.61
CA GLN B 658 -41.17 -43.81 -5.44
C GLN B 658 -42.13 -43.77 -6.62
N GLY B 659 -41.98 -42.74 -7.45
CA GLY B 659 -42.82 -42.58 -8.62
C GLY B 659 -44.08 -41.80 -8.32
N LYS B 660 -44.19 -41.28 -7.10
CA LYS B 660 -45.33 -40.48 -6.69
C LYS B 660 -45.40 -39.13 -7.39
N ILE B 661 -44.26 -38.67 -7.89
CA ILE B 661 -44.23 -37.45 -8.69
C ILE B 661 -43.19 -37.63 -9.80
N THR B 662 -43.41 -36.99 -10.93
CA THR B 662 -42.43 -36.99 -11.99
C THR B 662 -42.34 -35.57 -12.53
N ILE B 663 -41.18 -35.21 -13.07
CA ILE B 663 -40.97 -33.88 -13.61
C ILE B 663 -40.49 -33.93 -15.05
N GLU B 664 -40.10 -35.13 -15.49
CA GLU B 664 -39.58 -35.33 -16.84
C GLU B 664 -40.45 -34.73 -17.95
N ASN B 665 -39.85 -33.85 -18.75
CA ASN B 665 -40.51 -33.21 -19.88
C ASN B 665 -41.70 -32.33 -19.52
N ARG B 666 -41.91 -32.09 -18.24
CA ARG B 666 -42.96 -31.16 -17.84
C ARG B 666 -42.47 -29.72 -18.03
N SER B 667 -43.38 -28.86 -18.46
CA SER B 667 -43.07 -27.45 -18.62
CA SER B 667 -43.05 -27.45 -18.62
C SER B 667 -42.80 -26.81 -17.26
N LYS B 668 -42.15 -25.65 -17.27
CA LYS B 668 -41.86 -24.96 -16.03
C LYS B 668 -43.15 -24.51 -15.33
N LYS B 669 -44.07 -23.98 -16.12
CA LYS B 669 -45.32 -23.45 -15.61
C LYS B 669 -46.12 -24.56 -14.94
N ASP B 670 -46.20 -25.70 -15.61
CA ASP B 670 -46.96 -26.84 -15.12
C ASP B 670 -46.33 -27.47 -13.88
N LEU B 671 -45.01 -27.38 -13.80
CA LEU B 671 -44.29 -27.98 -12.69
C LEU B 671 -44.47 -27.12 -11.45
N ILE B 672 -44.47 -25.81 -11.63
CA ILE B 672 -44.75 -24.89 -10.54
C ILE B 672 -46.17 -25.15 -10.03
N GLN B 673 -47.14 -25.00 -10.93
CA GLN B 673 -48.54 -25.21 -10.59
C GLN B 673 -48.74 -26.52 -9.85
N MET B 674 -48.12 -27.59 -10.36
CA MET B 674 -48.24 -28.89 -9.72
C MET B 674 -47.68 -28.92 -8.30
N LEU B 675 -46.50 -28.33 -8.10
CA LEU B 675 -45.89 -28.31 -6.79
C LEU B 675 -46.76 -27.52 -5.82
N VAL B 676 -47.29 -26.40 -6.26
CA VAL B 676 -48.22 -25.64 -5.45
C VAL B 676 -49.41 -26.49 -5.02
N GLN B 677 -50.07 -27.11 -5.99
CA GLN B 677 -51.24 -27.96 -5.73
C GLN B 677 -50.95 -29.06 -4.72
N ARG B 678 -49.76 -29.61 -4.77
CA ARG B 678 -49.41 -30.71 -3.88
C ARG B 678 -48.90 -30.21 -2.53
N GLY B 679 -48.95 -28.90 -2.34
CA GLY B 679 -48.61 -28.33 -1.05
C GLY B 679 -47.15 -28.14 -0.70
N TYR B 680 -46.25 -28.16 -1.69
CA TYR B 680 -44.85 -27.83 -1.41
C TYR B 680 -44.73 -26.35 -1.10
N GLU B 681 -43.75 -25.98 -0.28
CA GLU B 681 -43.61 -24.60 0.14
C GLU B 681 -42.58 -23.81 -0.66
N SER B 682 -42.96 -22.60 -1.05
CA SER B 682 -42.02 -21.62 -1.58
C SER B 682 -40.85 -21.48 -0.61
N ASP B 683 -39.64 -21.39 -1.15
CA ASP B 683 -38.42 -21.35 -0.36
C ASP B 683 -38.62 -20.81 1.08
N PRO B 684 -38.63 -21.71 2.07
CA PRO B 684 -38.96 -21.28 3.43
C PRO B 684 -37.94 -20.31 4.02
N VAL B 685 -36.67 -20.51 3.68
CA VAL B 685 -35.61 -19.70 4.24
C VAL B 685 -35.67 -18.30 3.66
N LYS B 686 -35.93 -18.23 2.35
CA LYS B 686 -36.10 -16.96 1.67
C LYS B 686 -37.31 -16.20 2.21
N ALA B 687 -38.43 -16.91 2.38
CA ALA B 687 -39.64 -16.30 2.94
C ALA B 687 -39.38 -15.75 4.34
N TRP B 688 -38.60 -16.48 5.13
CA TRP B 688 -38.30 -16.04 6.49
C TRP B 688 -37.45 -14.78 6.50
N LYS B 689 -36.33 -14.81 5.79
CA LYS B 689 -35.46 -13.64 5.65
C LYS B 689 -36.27 -12.41 5.24
N GLU B 690 -37.08 -12.56 4.20
CA GLU B 690 -37.88 -11.44 3.69
C GLU B 690 -38.86 -10.91 4.74
N ALA B 691 -39.40 -11.82 5.56
CA ALA B 691 -40.37 -11.45 6.59
C ALA B 691 -39.71 -10.70 7.75
N GLN B 692 -38.39 -10.78 7.83
CA GLN B 692 -37.62 -10.02 8.80
C GLN B 692 -37.44 -8.57 8.33
N GLY B 717 -44.13 -15.02 -7.62
CA GLY B 717 -44.74 -16.33 -7.47
C GLY B 717 -43.96 -17.17 -6.47
N PRO B 718 -44.40 -18.42 -6.27
CA PRO B 718 -43.66 -19.33 -5.38
C PRO B 718 -42.28 -19.70 -5.93
N ASP B 719 -41.33 -19.96 -5.05
CA ASP B 719 -39.95 -20.24 -5.43
C ASP B 719 -39.56 -21.67 -5.07
N PHE B 720 -39.44 -22.53 -6.08
CA PHE B 720 -39.10 -23.92 -5.85
C PHE B 720 -37.70 -24.25 -6.34
N ASN B 721 -36.90 -23.21 -6.55
CA ASN B 721 -35.50 -23.39 -6.95
C ASN B 721 -34.71 -24.24 -5.98
N TYR B 722 -34.98 -24.09 -4.70
CA TYR B 722 -34.22 -24.82 -3.69
C TYR B 722 -34.43 -26.32 -3.84
N ILE B 723 -35.53 -26.69 -4.46
CA ILE B 723 -35.81 -28.10 -4.70
C ILE B 723 -35.21 -28.52 -6.05
N LEU B 724 -35.56 -27.78 -7.09
CA LEU B 724 -35.17 -28.15 -8.46
C LEU B 724 -33.70 -27.86 -8.87
N ASN B 725 -33.01 -27.03 -8.10
CA ASN B 725 -31.56 -26.84 -8.25
C ASN B 725 -30.73 -27.97 -7.65
N MET B 726 -31.38 -28.90 -6.94
CA MET B 726 -30.64 -30.05 -6.42
C MET B 726 -30.15 -30.86 -7.62
N SER B 727 -29.00 -31.52 -7.44
CA SER B 727 -28.39 -32.29 -8.52
C SER B 727 -29.07 -33.64 -8.66
N LEU B 728 -28.91 -34.25 -9.83
CA LEU B 728 -29.41 -35.59 -10.10
C LEU B 728 -28.85 -36.61 -9.12
N TRP B 729 -27.61 -36.40 -8.67
CA TRP B 729 -27.05 -37.21 -7.59
C TRP B 729 -28.01 -37.38 -6.43
N SER B 730 -28.83 -36.37 -6.18
CA SER B 730 -29.77 -36.34 -5.06
C SER B 730 -30.75 -37.50 -5.10
N LEU B 731 -30.95 -38.08 -6.28
CA LEU B 731 -31.93 -39.15 -6.46
C LEU B 731 -31.33 -40.52 -6.14
N THR B 732 -30.04 -40.57 -5.85
CA THR B 732 -29.37 -41.84 -5.66
C THR B 732 -29.35 -42.24 -4.20
N LYS B 733 -29.09 -43.53 -3.96
CA LYS B 733 -29.27 -44.16 -2.65
C LYS B 733 -28.57 -43.46 -1.50
N GLU B 734 -27.26 -43.31 -1.61
CA GLU B 734 -26.48 -42.66 -0.55
C GLU B 734 -26.94 -41.23 -0.27
N LYS B 735 -27.34 -40.50 -1.29
CA LYS B 735 -27.73 -39.10 -1.12
C LYS B 735 -29.12 -38.97 -0.51
N VAL B 736 -29.97 -39.95 -0.77
CA VAL B 736 -31.31 -39.96 -0.18
C VAL B 736 -31.19 -40.16 1.31
N GLU B 737 -30.37 -41.13 1.72
CA GLU B 737 -30.14 -41.41 3.13
C GLU B 737 -29.49 -40.21 3.80
N GLU B 738 -28.52 -39.61 3.11
CA GLU B 738 -27.83 -38.45 3.66
C GLU B 738 -28.82 -37.32 3.90
N LEU B 739 -29.69 -37.06 2.92
CA LEU B 739 -30.68 -36.01 3.04
C LEU B 739 -31.65 -36.26 4.21
N ILE B 740 -32.05 -37.51 4.41
CA ILE B 740 -32.91 -37.87 5.53
C ILE B 740 -32.23 -37.60 6.87
N LYS B 741 -30.94 -37.92 6.97
CA LYS B 741 -30.20 -37.63 8.20
C LYS B 741 -30.05 -36.14 8.44
N GLN B 742 -29.71 -35.38 7.40
CA GLN B 742 -29.57 -33.93 7.53
CA GLN B 742 -29.57 -33.93 7.52
C GLN B 742 -30.89 -33.32 7.98
N ARG B 743 -32.00 -33.82 7.44
CA ARG B 743 -33.30 -33.30 7.78
C ARG B 743 -33.65 -33.58 9.25
N ASP B 744 -33.31 -34.77 9.73
CA ASP B 744 -33.61 -35.12 11.12
C ASP B 744 -32.68 -34.37 12.08
N ALA B 745 -31.43 -34.17 11.67
CA ALA B 745 -30.48 -33.41 12.50
C ALA B 745 -30.91 -31.97 12.66
N LYS B 746 -31.40 -31.37 11.58
CA LYS B 746 -31.88 -29.99 11.65
C LYS B 746 -33.09 -29.85 12.59
N GLY B 747 -34.03 -30.79 12.50
CA GLY B 747 -35.15 -30.85 13.44
C GLY B 747 -34.66 -30.90 14.88
N ARG B 748 -33.78 -31.85 15.18
CA ARG B 748 -33.21 -31.94 16.51
CA ARG B 748 -33.13 -31.97 16.48
C ARG B 748 -32.47 -30.67 16.91
N GLU B 749 -31.84 -29.99 15.96
CA GLU B 749 -31.06 -28.80 16.28
C GLU B 749 -32.00 -27.70 16.76
N VAL B 750 -33.11 -27.52 16.06
CA VAL B 750 -34.05 -26.49 16.43
C VAL B 750 -34.67 -26.81 17.79
N ASN B 751 -35.02 -28.07 18.00
CA ASN B 751 -35.65 -28.51 19.25
C ASN B 751 -34.72 -28.29 20.43
N ASP B 752 -33.45 -28.62 20.26
CA ASP B 752 -32.45 -28.45 21.30
C ASP B 752 -32.29 -26.98 21.67
N LEU B 753 -32.32 -26.13 20.67
CA LEU B 753 -32.11 -24.71 20.90
C LEU B 753 -33.30 -24.11 21.64
N LYS B 754 -34.50 -24.52 21.27
CA LYS B 754 -35.70 -24.00 21.91
C LYS B 754 -35.68 -24.27 23.41
N ARG B 755 -35.09 -25.39 23.81
CA ARG B 755 -35.07 -25.79 25.21
CA ARG B 755 -35.09 -25.78 25.21
C ARG B 755 -34.11 -24.97 26.04
N LYS B 756 -33.06 -24.44 25.39
CA LYS B 756 -32.05 -23.65 26.08
C LYS B 756 -32.48 -22.23 26.43
N SER B 757 -31.87 -21.69 27.48
CA SER B 757 -32.03 -20.30 27.80
C SER B 757 -30.92 -19.48 27.15
N PRO B 758 -31.14 -18.17 27.01
CA PRO B 758 -30.08 -17.24 26.57
C PRO B 758 -28.84 -17.36 27.45
N SER B 759 -29.03 -17.48 28.77
CA SER B 759 -27.92 -17.73 29.68
C SER B 759 -27.09 -18.95 29.30
N ASP B 760 -27.76 -20.04 28.93
CA ASP B 760 -27.04 -21.25 28.49
C ASP B 760 -26.16 -20.96 27.26
N LEU B 761 -26.71 -20.19 26.32
CA LEU B 761 -25.96 -19.87 25.10
C LEU B 761 -24.71 -19.06 25.45
N TRP B 762 -24.88 -18.05 26.30
CA TRP B 762 -23.77 -17.23 26.73
C TRP B 762 -22.69 -18.09 27.38
N LYS B 763 -23.12 -19.03 28.24
CA LYS B 763 -22.18 -19.90 28.94
C LYS B 763 -21.39 -20.81 28.01
N GLU B 764 -22.05 -21.31 26.96
CA GLU B 764 -21.38 -22.07 25.91
C GLU B 764 -20.29 -21.22 25.24
N ASP B 765 -20.63 -19.99 24.89
CA ASP B 765 -19.65 -19.07 24.27
C ASP B 765 -18.45 -18.80 25.20
N LEU B 766 -18.72 -18.54 26.48
CA LEU B 766 -17.64 -18.30 27.43
C LEU B 766 -16.70 -19.50 27.58
N ALA B 767 -17.26 -20.71 27.61
CA ALA B 767 -16.45 -21.93 27.72
C ALA B 767 -15.56 -22.14 26.50
N ALA B 768 -16.11 -21.95 25.32
CA ALA B 768 -15.33 -22.07 24.10
C ALA B 768 -14.17 -21.05 24.07
N PHE B 769 -14.46 -19.82 24.51
CA PHE B 769 -13.45 -18.75 24.54
C PHE B 769 -12.31 -19.09 25.50
N VAL B 770 -12.66 -19.47 26.73
CA VAL B 770 -11.64 -19.74 27.74
C VAL B 770 -10.73 -20.88 27.29
N GLU B 771 -11.33 -21.89 26.65
CA GLU B 771 -10.58 -23.05 26.19
C GLU B 771 -9.49 -22.64 25.20
N GLU B 772 -9.86 -21.79 24.24
CA GLU B 772 -8.90 -21.31 23.24
C GLU B 772 -7.92 -20.30 23.84
N LEU B 773 -8.42 -19.42 24.71
CA LEU B 773 -7.55 -18.51 25.44
C LEU B 773 -6.45 -19.29 26.18
N ASP B 774 -6.83 -20.39 26.83
CA ASP B 774 -5.84 -21.26 27.47
C ASP B 774 -4.79 -21.78 26.46
N LYS B 775 -5.23 -22.33 25.33
CA LYS B 775 -4.30 -22.85 24.32
CA LYS B 775 -4.30 -22.85 24.34
C LYS B 775 -3.39 -21.75 23.81
N VAL B 776 -4.00 -20.65 23.37
CA VAL B 776 -3.26 -19.57 22.76
C VAL B 776 -2.20 -19.06 23.70
N GLU B 777 -2.57 -18.82 24.95
CA GLU B 777 -1.64 -18.24 25.90
C GLU B 777 -0.52 -19.20 26.32
N SER B 778 -0.83 -20.49 26.46
CA SER B 778 0.21 -21.49 26.75
C SER B 778 1.23 -21.49 25.61
N GLN B 779 0.70 -21.52 24.39
CA GLN B 779 1.52 -21.52 23.19
C GLN B 779 2.44 -20.31 23.11
N GLU B 780 1.94 -19.14 23.49
CA GLU B 780 2.76 -17.93 23.51
C GLU B 780 3.93 -18.05 24.49
N ARG B 781 3.71 -18.70 25.63
CA ARG B 781 4.78 -18.86 26.61
C ARG B 781 5.87 -19.84 26.18
N GLU B 782 5.50 -20.83 25.38
CA GLU B 782 6.47 -21.74 24.77
C GLU B 782 7.34 -20.97 23.77
N ASP B 783 6.69 -20.13 22.96
CA ASP B 783 7.37 -19.38 21.91
C ASP B 783 8.12 -18.15 22.42
#